data_6W5V
#
_entry.id   6W5V
#
_cell.length_a   1.00
_cell.length_b   1.00
_cell.length_c   1.00
_cell.angle_alpha   90.00
_cell.angle_beta   90.00
_cell.angle_gamma   90.00
#
_symmetry.space_group_name_H-M   'P 1'
#
loop_
_entity.id
_entity.type
_entity.pdbx_description
1 polymer 'NPC intracellular cholesterol transporter 1'
2 polymer 'NPC intracellular cholesterol transporter 2'
3 branched 2-acetamido-2-deoxy-beta-D-glucopyranose-(1-4)-2-acetamido-2-deoxy-beta-D-glucopyranose
4 branched beta-D-mannopyranose-(1-3)-2-acetamido-2-deoxy-beta-D-glucopyranose-(1-4)-2-acetamido-2-deoxy-beta-D-glucopyranose
5 non-polymer 2-acetamido-2-deoxy-beta-D-glucopyranose
6 non-polymer CHOLESTEROL
#
loop_
_entity_poly.entity_id
_entity_poly.type
_entity_poly.pdbx_seq_one_letter_code
_entity_poly.pdbx_strand_id
1 'polypeptide(L)'
;MTARGLALGLLLLLLCPAQVFSQSCVWYGECGIAYGDKRYNCEYSGPPKPLPKDGYDLVQELCPGFFFGNVSLCCDVRQL
QTLKDNLQLPLQFLSRCPSCFYNLLNLFCELTCSPRQSQFLNVTATEDYVDPVTNQTKTNVKELQYYVGQSFANAMYNAC
RDVEAPSSNDKALGLLCGKDADACNATNWIEYMFNKDNGQAPFTITPVFSDFPVHGMEPMNNATKGCDESVDEVTAPCSC
QDCSIVCGPKPQPPPPPAPWTILGLDAMYVIMWITYMAFLLVFFGAFFAVWCYRKRYFVSEYTPIDSNIAFSVNASDKGE
ASCCDPVSAAFEGCLRRLFTRWGSFCVRNPGCVIFFSLVFITACSSGLVFVRVTTNPVDLWSAPSSQARLEKEYFDQHFG
PFFRTEQLIIRAPLTDKHIYQPYPSGADVPFGPPLDIQILHQVLDLQIAIENITASYDNETVTLQDICLAPLSPYNTNCT
ILSVLNYFQNSHSVLDHKKGDDFFVYADYHTHFLYCVRAPASLNDTSLLHDPCLGTFGGPVFPWLVLGGYDDQNYNNATA
LVITFPVNNYYNDTEKLQRAQAWEKEFINFVKNYKNPNLTISFTAERSIEDELNRESDSDVFTVVISYAIMFLYISLALG
HMKSCRRLLVDSKVSLGIAGILIVLSSVACSLGVFSYIGLPLTLIVIEVIPFLVLAVGVDNIFILVQAYQRDERLQGETL
DQQLGRVLGEVAPSMFLSSFSETVAFFLGALSVMPAVHTFSLFAGLAVFIDFLLQITCFVSLLGLDIKRQEKNRLDIFCC
VRGAEDGTSVQASESCLFRFFKNSYSPLLLKDWMRPIVIAIFVGVLSFSIAVLNKVDIGLDQSLSMPDDSYMVDYFKSIS
QYLHAGPPVYFVLEEGHDYTSSKGQNMVCGGMGCNNDSLVQQIFNAAQLDNYTRIGFAPSSWIDDYFDWVKPQSSCCRVD
NITDQFCNASVVDPACVRCRPLTPEGKQRPQGGDFMRFLPMFLSDNPNPKCGKGGHAAYSSAVNILLGHGTRVGATYFMT
YHTVLQTSADFIDALKKARLIASNVTETMGINGSAYRVFPYSVFYVFYEQYLTIIDDTIFNLGVSLGAIFLVTMVLLGCE
LWSAVIMCATIAMVLVNMFGVMWLWGISLNAVSLVNLVMSCGISVEFCSHITRAFTVSMKGSRVERAEEALAHMGSSVFS
GITLTKFGGIVVLAFAKSQIFQIFYFRMYLAMVLLGATHGLIFLPVLLSYIGPSVNKAKSCATEERYKGTERERLLNFLE
GSDEVDAGSHHHHHHHHHHGSVEDYKDDDDK
;
A
2 'polypeptide(L)'
;MRFLAATFLLLALSTAAQAEPVQFKDCGSVDGVIKEVNVSPCPTQPCQLSKGQSYSVNVTFTSNIQSKSSKAVVHGILMG
VPVPFPIPEPDGCKSGINCPIQKDKTYSYLNKLPVKSEYPSIKLVVEWQLQDDKNQSLFCWEIPVQIVSHLLEHHHHHHH
H
;
D
#
# COMPACT_ATOMS: atom_id res chain seq x y z
N GLN A 23 -26.00 -61.83 -6.79
CA GLN A 23 -26.57 -60.58 -6.29
C GLN A 23 -27.16 -59.76 -7.43
N SER A 24 -27.90 -58.72 -7.08
CA SER A 24 -28.52 -57.87 -8.09
C SER A 24 -29.17 -56.68 -7.40
N CYS A 25 -29.65 -55.72 -8.18
CA CYS A 25 -30.28 -54.57 -7.57
C CYS A 25 -31.79 -54.70 -7.64
N VAL A 26 -32.48 -53.88 -6.86
CA VAL A 26 -33.94 -53.77 -6.90
C VAL A 26 -34.35 -52.33 -7.21
N TRP A 27 -35.65 -52.13 -7.34
CA TRP A 27 -36.26 -50.83 -7.59
C TRP A 27 -35.51 -50.05 -8.67
N TYR A 28 -35.61 -50.57 -9.89
CA TYR A 28 -35.04 -49.95 -11.08
C TYR A 28 -36.03 -49.09 -11.84
N GLY A 29 -35.55 -47.93 -12.28
CA GLY A 29 -36.29 -46.92 -12.99
C GLY A 29 -37.14 -46.05 -12.10
N GLU A 30 -37.74 -45.01 -12.68
CA GLU A 30 -38.62 -44.10 -11.96
C GLU A 30 -39.80 -43.78 -12.85
N CYS A 31 -40.90 -44.47 -12.62
CA CYS A 31 -42.12 -44.27 -13.40
C CYS A 31 -43.24 -43.58 -12.65
N GLY A 32 -43.50 -43.94 -11.39
CA GLY A 32 -44.55 -43.21 -10.71
C GLY A 32 -44.24 -41.74 -10.51
N ILE A 33 -45.18 -41.02 -9.92
CA ILE A 33 -45.04 -39.60 -9.65
C ILE A 33 -45.95 -39.25 -8.48
N ALA A 34 -45.43 -38.50 -7.50
CA ALA A 34 -46.25 -38.06 -6.37
C ALA A 34 -46.91 -36.72 -6.67
N TYR A 35 -46.10 -35.68 -6.91
CA TYR A 35 -46.61 -34.36 -7.24
C TYR A 35 -45.41 -33.50 -7.65
N GLY A 36 -45.67 -32.56 -8.54
CA GLY A 36 -44.64 -31.76 -9.15
C GLY A 36 -43.70 -32.57 -10.02
N ASP A 37 -42.46 -32.78 -9.58
CA ASP A 37 -41.55 -33.62 -10.34
C ASP A 37 -41.16 -34.91 -9.63
N LYS A 38 -41.49 -35.04 -8.36
CA LYS A 38 -41.17 -36.23 -7.58
C LYS A 38 -41.70 -37.49 -8.29
N ARG A 39 -40.81 -38.46 -8.51
CA ARG A 39 -41.19 -39.70 -9.18
C ARG A 39 -40.79 -40.85 -8.26
N TYR A 40 -41.72 -41.74 -7.96
CA TYR A 40 -41.41 -42.92 -7.16
C TYR A 40 -40.64 -43.92 -8.01
N ASN A 41 -39.55 -44.46 -7.47
CA ASN A 41 -38.77 -45.45 -8.21
C ASN A 41 -39.62 -46.70 -8.43
N CYS A 42 -39.54 -47.29 -9.62
CA CYS A 42 -40.32 -48.48 -9.92
C CYS A 42 -39.68 -49.69 -9.24
N GLU A 43 -40.48 -50.65 -8.80
CA GLU A 43 -39.89 -51.81 -8.16
C GLU A 43 -39.43 -52.81 -9.20
N TYR A 44 -38.23 -53.34 -9.01
CA TYR A 44 -37.69 -54.39 -9.88
C TYR A 44 -36.60 -55.14 -9.13
N SER A 45 -36.86 -56.40 -8.80
CA SER A 45 -35.90 -57.17 -8.02
C SER A 45 -35.10 -58.14 -8.87
N GLY A 46 -34.83 -57.81 -10.13
CA GLY A 46 -34.07 -58.68 -10.98
C GLY A 46 -32.61 -58.34 -10.86
N PRO A 47 -31.79 -58.77 -11.83
CA PRO A 47 -30.36 -58.44 -11.76
C PRO A 47 -30.15 -57.00 -12.20
N PRO A 48 -28.98 -56.44 -11.93
CA PRO A 48 -28.74 -55.04 -12.34
C PRO A 48 -28.50 -54.96 -13.84
N LYS A 49 -29.22 -54.06 -14.50
CA LYS A 49 -29.10 -53.95 -15.95
C LYS A 49 -27.92 -53.06 -16.37
N PRO A 50 -26.84 -53.61 -16.91
CA PRO A 50 -25.72 -52.75 -17.33
C PRO A 50 -26.06 -51.42 -17.97
N LEU A 51 -25.10 -50.49 -17.91
CA LEU A 51 -25.34 -49.12 -18.32
C LEU A 51 -25.65 -49.01 -19.81
N PRO A 52 -26.53 -48.08 -20.19
CA PRO A 52 -26.97 -48.00 -21.57
C PRO A 52 -25.91 -47.43 -22.48
N LYS A 53 -24.71 -47.21 -21.98
CA LYS A 53 -23.60 -46.69 -22.75
C LYS A 53 -23.79 -45.21 -23.12
N ASP A 54 -24.90 -44.62 -22.69
CA ASP A 54 -25.26 -43.25 -23.05
C ASP A 54 -24.67 -42.22 -22.10
N GLY A 55 -24.81 -42.45 -20.81
CA GLY A 55 -24.43 -41.49 -19.80
C GLY A 55 -23.14 -41.87 -19.13
N TYR A 56 -22.16 -42.28 -19.93
CA TYR A 56 -20.88 -42.69 -19.39
C TYR A 56 -20.32 -41.49 -18.64
N ASP A 57 -20.59 -40.32 -19.20
CA ASP A 57 -20.15 -39.06 -18.61
C ASP A 57 -20.80 -38.88 -17.24
N LEU A 58 -22.08 -39.22 -17.13
CA LEU A 58 -22.76 -39.07 -15.85
C LEU A 58 -22.17 -40.04 -14.84
N VAL A 59 -21.86 -41.26 -15.30
CA VAL A 59 -21.29 -42.29 -14.44
C VAL A 59 -19.94 -41.86 -13.92
N GLN A 60 -19.20 -41.15 -14.80
CA GLN A 60 -17.89 -40.55 -14.48
C GLN A 60 -17.89 -39.32 -13.54
N GLU A 61 -18.81 -38.39 -13.78
CA GLU A 61 -18.98 -37.18 -13.00
C GLU A 61 -19.72 -37.44 -11.70
N LEU A 62 -20.73 -38.31 -11.73
CA LEU A 62 -21.47 -38.60 -10.51
C LEU A 62 -20.69 -39.48 -9.56
N CYS A 63 -20.32 -40.70 -9.93
CA CYS A 63 -19.46 -41.44 -9.02
C CYS A 63 -18.62 -42.41 -9.85
N PRO A 64 -17.40 -42.00 -10.18
CA PRO A 64 -16.53 -42.84 -11.01
C PRO A 64 -16.08 -44.13 -10.35
N GLY A 65 -16.44 -44.37 -9.10
CA GLY A 65 -15.99 -45.60 -8.50
C GLY A 65 -16.53 -46.84 -9.17
N PHE A 66 -17.49 -46.66 -10.07
CA PHE A 66 -18.14 -47.78 -10.74
C PHE A 66 -17.57 -48.05 -12.14
N PHE A 67 -16.83 -47.11 -12.71
CA PHE A 67 -16.41 -47.18 -14.11
C PHE A 67 -15.14 -48.02 -14.31
N PHE A 68 -15.31 -49.33 -14.44
CA PHE A 68 -14.24 -50.21 -14.91
C PHE A 68 -14.91 -51.19 -15.84
N GLY A 69 -14.96 -50.87 -17.13
CA GLY A 69 -16.04 -51.32 -17.98
C GLY A 69 -16.30 -52.79 -18.22
N ASN A 70 -17.25 -53.28 -17.43
CA ASN A 70 -18.26 -54.27 -17.77
C ASN A 70 -19.55 -53.89 -17.07
N VAL A 71 -19.81 -52.58 -17.06
CA VAL A 71 -20.35 -51.90 -15.88
C VAL A 71 -21.38 -52.77 -15.16
N SER A 72 -22.35 -53.29 -15.92
CA SER A 72 -23.46 -54.05 -15.35
C SER A 72 -24.04 -53.34 -14.13
N LEU A 73 -24.21 -52.03 -14.26
CA LEU A 73 -24.70 -51.20 -13.16
C LEU A 73 -26.22 -51.16 -13.22
N CYS A 74 -26.87 -51.32 -12.08
CA CYS A 74 -28.32 -51.21 -11.96
C CYS A 74 -28.87 -49.81 -12.23
N CYS A 75 -28.05 -48.88 -12.68
CA CYS A 75 -28.35 -47.46 -12.63
C CYS A 75 -29.04 -47.03 -13.91
N ASP A 76 -29.64 -45.85 -13.89
CA ASP A 76 -30.33 -45.31 -15.05
C ASP A 76 -29.88 -43.87 -15.29
N VAL A 77 -29.75 -43.48 -16.55
CA VAL A 77 -29.31 -42.13 -16.87
C VAL A 77 -30.33 -41.09 -16.43
N ARG A 78 -31.62 -41.42 -16.49
CA ARG A 78 -32.58 -40.47 -15.96
C ARG A 78 -32.57 -40.41 -14.44
N GLN A 79 -32.02 -41.45 -13.82
CA GLN A 79 -31.90 -41.46 -12.36
C GLN A 79 -30.69 -40.63 -11.98
N LEU A 80 -29.65 -40.74 -12.80
CA LEU A 80 -28.44 -39.98 -12.57
C LEU A 80 -28.74 -38.50 -12.75
N GLN A 81 -29.51 -38.17 -13.78
CA GLN A 81 -29.79 -36.77 -14.04
C GLN A 81 -30.80 -36.21 -13.05
N THR A 82 -31.62 -37.06 -12.42
CA THR A 82 -32.49 -36.50 -11.40
C THR A 82 -31.76 -36.36 -10.07
N LEU A 83 -30.74 -37.18 -9.86
CA LEU A 83 -29.87 -36.93 -8.72
C LEU A 83 -29.14 -35.61 -8.93
N LYS A 84 -28.54 -35.47 -10.10
CA LYS A 84 -27.78 -34.27 -10.44
C LYS A 84 -28.65 -33.03 -10.31
N ASP A 85 -29.92 -33.16 -10.65
CA ASP A 85 -30.85 -32.04 -10.56
C ASP A 85 -31.13 -31.70 -9.10
N ASN A 86 -31.24 -32.73 -8.25
CA ASN A 86 -31.53 -32.48 -6.84
C ASN A 86 -30.32 -31.95 -6.08
N LEU A 87 -29.14 -32.31 -6.50
CA LEU A 87 -27.92 -31.88 -5.82
C LEU A 87 -27.53 -30.45 -6.09
N GLN A 88 -28.38 -29.66 -6.72
CA GLN A 88 -28.04 -28.27 -7.06
C GLN A 88 -27.54 -27.38 -5.92
N LEU A 89 -28.38 -27.18 -4.91
CA LEU A 89 -28.09 -26.32 -3.78
C LEU A 89 -27.14 -26.97 -2.77
N PRO A 90 -27.31 -28.26 -2.45
CA PRO A 90 -26.34 -28.91 -1.58
C PRO A 90 -24.96 -28.83 -2.20
N LEU A 91 -24.90 -28.88 -3.53
CA LEU A 91 -23.62 -28.73 -4.20
C LEU A 91 -23.07 -27.34 -3.98
N GLN A 92 -23.94 -26.33 -4.06
CA GLN A 92 -23.51 -24.95 -3.89
C GLN A 92 -22.93 -24.69 -2.52
N PHE A 93 -23.55 -25.24 -1.48
CA PHE A 93 -23.06 -25.03 -0.12
C PHE A 93 -21.91 -25.95 0.27
N LEU A 94 -22.06 -27.26 0.12
CA LEU A 94 -21.06 -28.20 0.62
C LEU A 94 -19.95 -28.48 -0.37
N SER A 95 -20.04 -28.00 -1.60
CA SER A 95 -18.99 -28.19 -2.58
C SER A 95 -17.76 -27.37 -2.29
N ARG A 96 -17.81 -26.51 -1.27
CA ARG A 96 -16.62 -25.76 -0.93
C ARG A 96 -15.50 -26.68 -0.48
N CYS A 97 -15.78 -27.74 0.28
CA CYS A 97 -14.67 -28.56 0.74
C CYS A 97 -14.92 -29.93 0.10
N PRO A 98 -14.22 -30.20 -0.99
CA PRO A 98 -14.48 -31.42 -1.76
C PRO A 98 -14.40 -32.66 -0.95
N SER A 99 -13.51 -32.70 0.04
CA SER A 99 -13.35 -33.87 0.89
C SER A 99 -14.66 -34.30 1.53
N CYS A 100 -15.53 -33.35 1.83
CA CYS A 100 -16.82 -33.65 2.46
C CYS A 100 -17.83 -34.00 1.38
N PHE A 101 -18.03 -33.07 0.45
CA PHE A 101 -19.04 -33.34 -0.57
C PHE A 101 -18.74 -34.62 -1.34
N TYR A 102 -17.49 -35.09 -1.28
CA TYR A 102 -17.12 -36.35 -1.92
C TYR A 102 -17.80 -37.52 -1.26
N ASN A 103 -17.71 -37.61 0.06
CA ASN A 103 -18.37 -38.71 0.72
C ASN A 103 -19.88 -38.58 0.62
N LEU A 104 -20.42 -37.37 0.72
CA LEU A 104 -21.86 -37.27 0.57
C LEU A 104 -22.32 -37.82 -0.77
N LEU A 105 -21.56 -37.55 -1.82
CA LEU A 105 -21.91 -38.08 -3.14
C LEU A 105 -21.74 -39.59 -3.17
N ASN A 106 -20.68 -40.06 -2.51
CA ASN A 106 -20.34 -41.47 -2.42
C ASN A 106 -21.53 -42.18 -1.81
N LEU A 107 -22.23 -41.45 -0.95
CA LEU A 107 -23.35 -42.03 -0.23
C LEU A 107 -24.58 -42.10 -1.12
N PHE A 108 -24.95 -41.00 -1.78
CA PHE A 108 -26.14 -41.06 -2.60
C PHE A 108 -25.99 -42.00 -3.80
N CYS A 109 -24.91 -41.86 -4.57
CA CYS A 109 -24.76 -42.75 -5.72
C CYS A 109 -24.85 -44.21 -5.32
N GLU A 110 -24.10 -44.61 -4.30
CA GLU A 110 -24.13 -46.02 -3.90
C GLU A 110 -25.51 -46.45 -3.41
N LEU A 111 -26.13 -45.61 -2.57
CA LEU A 111 -27.46 -45.85 -2.05
C LEU A 111 -28.49 -46.03 -3.14
N THR A 112 -28.26 -45.42 -4.30
CA THR A 112 -29.24 -45.42 -5.37
C THR A 112 -28.95 -46.54 -6.38
N CYS A 113 -27.77 -46.57 -6.97
CA CYS A 113 -27.52 -47.48 -8.07
C CYS A 113 -26.13 -48.10 -7.95
N SER A 114 -25.80 -48.49 -6.73
CA SER A 114 -24.56 -49.22 -6.49
C SER A 114 -24.76 -50.62 -7.07
N PRO A 115 -23.67 -51.33 -7.36
CA PRO A 115 -23.84 -52.67 -7.96
C PRO A 115 -24.22 -53.77 -6.98
N ARG A 116 -24.10 -53.50 -5.69
CA ARG A 116 -24.46 -54.49 -4.67
C ARG A 116 -25.62 -53.93 -3.86
N GLN A 117 -26.52 -53.26 -4.56
CA GLN A 117 -27.68 -52.61 -3.96
C GLN A 117 -28.59 -53.49 -3.11
N SER A 118 -28.57 -54.80 -3.36
CA SER A 118 -29.42 -55.73 -2.60
C SER A 118 -28.82 -56.06 -1.23
N GLN A 119 -27.52 -55.87 -1.11
CA GLN A 119 -26.79 -56.18 0.12
C GLN A 119 -27.02 -55.20 1.27
N PHE A 120 -27.39 -53.95 0.96
CA PHE A 120 -27.59 -52.98 2.03
C PHE A 120 -28.93 -52.28 1.91
N LEU A 121 -29.95 -52.94 1.38
CA LEU A 121 -31.23 -52.26 1.21
C LEU A 121 -32.34 -53.28 1.27
N ASN A 122 -33.50 -52.83 1.72
CA ASN A 122 -34.69 -53.66 1.79
C ASN A 122 -35.92 -52.77 1.71
N VAL A 123 -36.64 -52.91 0.61
CA VAL A 123 -37.85 -52.11 0.41
C VAL A 123 -38.93 -52.55 1.39
N THR A 124 -39.74 -51.58 1.81
CA THR A 124 -40.80 -51.83 2.77
C THR A 124 -42.16 -51.58 2.13
N ALA A 125 -42.37 -50.39 1.57
CA ALA A 125 -43.68 -50.00 1.07
C ALA A 125 -43.60 -49.87 -0.44
N THR A 126 -44.51 -50.56 -1.13
CA THR A 126 -44.61 -50.50 -2.58
C THR A 126 -46.05 -50.77 -2.97
N GLU A 127 -46.47 -50.21 -4.09
CA GLU A 127 -47.84 -50.36 -4.57
C GLU A 127 -47.83 -50.36 -6.09
N ASP A 128 -48.88 -50.93 -6.67
CA ASP A 128 -48.97 -51.02 -8.12
C ASP A 128 -48.97 -49.61 -8.69
N TYR A 129 -48.39 -49.45 -9.87
CA TYR A 129 -48.38 -48.16 -10.56
C TYR A 129 -49.05 -48.35 -11.92
N VAL A 130 -50.30 -47.92 -11.98
CA VAL A 130 -51.11 -48.00 -13.18
C VAL A 130 -50.42 -47.12 -14.21
N ASP A 131 -50.32 -47.62 -15.43
CA ASP A 131 -49.73 -46.83 -16.51
C ASP A 131 -50.81 -46.10 -17.26
N PRO A 132 -50.76 -44.77 -17.32
CA PRO A 132 -51.68 -44.06 -18.21
C PRO A 132 -51.35 -44.27 -19.67
N VAL A 133 -50.41 -45.16 -19.97
CA VAL A 133 -49.97 -45.39 -21.34
C VAL A 133 -50.43 -46.78 -21.74
N THR A 134 -50.41 -47.72 -20.78
CA THR A 134 -50.75 -49.10 -21.08
C THR A 134 -51.65 -49.74 -20.04
N ASN A 135 -52.03 -49.02 -18.98
CA ASN A 135 -52.79 -49.62 -17.88
C ASN A 135 -52.06 -50.76 -17.18
N GLN A 136 -50.73 -50.83 -17.30
CA GLN A 136 -49.99 -51.93 -16.69
C GLN A 136 -49.41 -51.49 -15.35
N THR A 137 -49.73 -52.27 -14.31
CA THR A 137 -49.31 -51.97 -12.94
C THR A 137 -47.85 -52.29 -12.67
N LYS A 138 -47.13 -51.22 -12.30
CA LYS A 138 -45.72 -51.29 -11.92
C LYS A 138 -45.73 -50.95 -10.44
N THR A 139 -44.98 -51.70 -9.64
CA THR A 139 -44.99 -51.47 -8.20
C THR A 139 -43.94 -50.50 -7.67
N ASN A 140 -44.35 -49.26 -7.44
CA ASN A 140 -43.43 -48.20 -7.08
C ASN A 140 -42.83 -48.49 -5.72
N VAL A 141 -41.64 -47.98 -5.44
CA VAL A 141 -41.01 -48.18 -4.14
C VAL A 141 -41.30 -46.93 -3.33
N LYS A 142 -42.37 -46.96 -2.55
CA LYS A 142 -42.69 -45.84 -1.67
C LYS A 142 -41.75 -45.73 -0.50
N GLU A 143 -41.49 -46.84 0.17
CA GLU A 143 -40.60 -46.86 1.33
C GLU A 143 -39.74 -48.10 1.43
N LEU A 144 -38.62 -47.96 2.12
CA LEU A 144 -37.66 -49.03 2.35
C LEU A 144 -36.70 -48.55 3.42
N GLN A 145 -35.88 -49.46 3.90
CA GLN A 145 -34.88 -49.17 4.92
C GLN A 145 -33.48 -49.21 4.33
N TYR A 146 -32.62 -48.31 4.81
CA TYR A 146 -31.25 -48.19 4.34
C TYR A 146 -30.29 -48.37 5.51
N TYR A 147 -29.46 -49.40 5.40
CA TYR A 147 -28.54 -49.77 6.45
C TYR A 147 -27.27 -48.96 6.28
N VAL A 148 -27.04 -48.05 7.23
CA VAL A 148 -25.88 -47.16 7.22
C VAL A 148 -25.03 -47.49 8.43
N GLY A 149 -23.72 -47.58 8.24
CA GLY A 149 -22.84 -47.85 9.36
C GLY A 149 -22.89 -46.69 10.33
N GLN A 150 -22.58 -46.96 11.59
CA GLN A 150 -22.57 -45.92 12.62
C GLN A 150 -21.32 -45.07 12.41
N SER A 151 -20.21 -45.75 12.16
CA SER A 151 -18.94 -45.08 11.91
C SER A 151 -18.95 -44.31 10.61
N PHE A 152 -19.94 -44.56 9.75
CA PHE A 152 -19.98 -43.82 8.50
C PHE A 152 -20.73 -42.52 8.68
N ALA A 153 -21.88 -42.54 9.34
CA ALA A 153 -22.57 -41.28 9.54
C ALA A 153 -21.76 -40.42 10.48
N ASN A 154 -21.09 -41.03 11.44
CA ASN A 154 -20.24 -40.28 12.35
C ASN A 154 -19.04 -39.67 11.64
N ALA A 155 -18.36 -40.43 10.78
CA ALA A 155 -17.22 -39.86 10.08
C ALA A 155 -17.62 -38.85 9.02
N MET A 156 -18.83 -39.00 8.48
CA MET A 156 -19.27 -38.07 7.45
C MET A 156 -19.69 -36.76 8.08
N TYR A 157 -20.68 -36.81 8.96
CA TYR A 157 -21.08 -35.57 9.59
C TYR A 157 -19.92 -34.91 10.32
N ASN A 158 -19.11 -35.67 11.05
CA ASN A 158 -18.07 -35.00 11.81
C ASN A 158 -16.96 -34.45 10.93
N ALA A 159 -16.73 -35.03 9.75
CA ALA A 159 -15.65 -34.48 8.92
C ALA A 159 -16.13 -33.37 7.99
N CYS A 160 -17.43 -33.27 7.71
CA CYS A 160 -17.86 -32.21 6.81
C CYS A 160 -18.63 -31.11 7.55
N ARG A 161 -18.95 -31.36 8.82
CA ARG A 161 -19.74 -30.44 9.64
C ARG A 161 -19.13 -29.09 9.98
N ASP A 162 -17.87 -28.88 9.58
CA ASP A 162 -17.17 -27.64 9.87
C ASP A 162 -17.22 -26.62 8.73
N VAL A 163 -17.79 -27.00 7.59
CA VAL A 163 -17.87 -26.09 6.46
C VAL A 163 -18.79 -24.94 6.85
N GLU A 164 -18.26 -23.73 6.78
CA GLU A 164 -18.99 -22.51 7.08
C GLU A 164 -19.88 -22.08 5.91
N ALA A 165 -20.89 -21.27 6.21
CA ALA A 165 -21.81 -20.77 5.20
C ALA A 165 -21.31 -19.45 4.61
N PRO A 166 -21.80 -19.06 3.44
CA PRO A 166 -21.45 -17.75 2.87
C PRO A 166 -22.29 -16.63 3.43
N SER A 167 -21.63 -15.49 3.65
CA SER A 167 -22.23 -14.30 4.25
C SER A 167 -22.43 -14.43 5.77
N SER A 168 -21.62 -15.27 6.41
CA SER A 168 -21.75 -15.51 7.85
C SER A 168 -20.63 -16.44 8.29
N ASN A 169 -20.40 -16.51 9.59
CA ASN A 169 -19.35 -17.37 10.09
C ASN A 169 -19.94 -18.62 10.72
N ASP A 170 -21.22 -18.87 10.47
CA ASP A 170 -21.93 -20.04 10.97
C ASP A 170 -21.47 -21.27 10.21
N LYS A 171 -22.16 -22.38 10.47
CA LYS A 171 -21.88 -23.65 9.82
C LYS A 171 -22.93 -23.85 8.75
N ALA A 172 -22.54 -24.40 7.61
CA ALA A 172 -23.47 -24.61 6.51
C ALA A 172 -24.57 -25.58 6.92
N LEU A 173 -24.32 -26.37 7.96
CA LEU A 173 -25.37 -27.24 8.45
C LEU A 173 -26.45 -26.39 9.08
N GLY A 174 -26.12 -25.20 9.55
CA GLY A 174 -27.18 -24.33 10.03
C GLY A 174 -28.18 -24.07 8.93
N LEU A 175 -27.71 -24.09 7.68
CA LEU A 175 -28.57 -23.91 6.52
C LEU A 175 -29.03 -25.22 5.89
N LEU A 176 -28.58 -26.37 6.39
CA LEU A 176 -29.05 -27.60 5.75
C LEU A 176 -29.73 -28.57 6.71
N CYS A 177 -29.59 -28.36 8.02
CA CYS A 177 -30.32 -29.13 9.01
C CYS A 177 -31.79 -28.74 8.96
N GLY A 178 -32.06 -27.47 8.68
CA GLY A 178 -33.37 -26.90 8.90
C GLY A 178 -33.46 -26.29 10.27
N LYS A 179 -32.32 -26.23 10.94
CA LYS A 179 -32.21 -25.71 12.30
C LYS A 179 -30.78 -25.37 12.62
N ASP A 180 -30.53 -24.74 13.77
CA ASP A 180 -29.19 -24.28 14.11
C ASP A 180 -28.20 -25.42 14.02
N ALA A 181 -27.04 -25.15 13.43
CA ALA A 181 -26.06 -26.21 13.25
C ALA A 181 -25.48 -26.51 14.62
N ASP A 182 -26.13 -25.99 15.66
CA ASP A 182 -25.69 -26.18 17.02
C ASP A 182 -26.39 -27.37 17.67
N ALA A 183 -27.60 -27.72 17.22
CA ALA A 183 -28.20 -28.89 17.84
C ALA A 183 -28.73 -29.85 16.79
N CYS A 184 -28.19 -29.81 15.57
CA CYS A 184 -28.56 -30.80 14.58
C CYS A 184 -27.63 -31.95 14.91
N ASN A 185 -28.16 -32.98 15.56
CA ASN A 185 -27.37 -34.17 15.87
C ASN A 185 -26.93 -34.77 14.53
N ALA A 186 -25.91 -35.62 14.56
CA ALA A 186 -25.43 -36.19 13.31
C ALA A 186 -26.46 -37.16 12.77
N THR A 187 -27.34 -37.63 13.64
CA THR A 187 -28.35 -38.58 13.23
C THR A 187 -29.57 -37.81 12.75
N ASN A 188 -29.86 -36.68 13.39
CA ASN A 188 -31.00 -35.86 13.01
C ASN A 188 -30.92 -35.21 11.63
N TRP A 189 -29.74 -34.72 11.21
CA TRP A 189 -29.69 -34.03 9.92
C TRP A 189 -30.00 -34.98 8.78
N ILE A 190 -29.46 -36.21 8.85
CA ILE A 190 -29.74 -37.20 7.82
C ILE A 190 -31.21 -37.59 7.86
N GLU A 191 -31.77 -37.62 9.06
CA GLU A 191 -33.18 -37.94 9.24
C GLU A 191 -34.01 -36.89 8.52
N TYR A 192 -33.57 -35.63 8.62
CA TYR A 192 -34.28 -34.52 7.99
C TYR A 192 -34.11 -34.60 6.48
N MET A 193 -32.94 -35.05 6.05
CA MET A 193 -32.67 -35.17 4.62
C MET A 193 -33.54 -36.24 4.00
N PHE A 194 -33.69 -37.37 4.69
CA PHE A 194 -34.51 -38.47 4.19
C PHE A 194 -36.01 -38.23 4.34
N ASN A 195 -36.41 -37.23 5.13
CA ASN A 195 -37.83 -37.01 5.33
C ASN A 195 -38.41 -36.24 4.15
N LYS A 196 -39.51 -36.74 3.59
CA LYS A 196 -40.17 -36.01 2.51
C LYS A 196 -40.86 -34.78 3.05
N ASP A 197 -40.84 -34.59 4.37
CA ASP A 197 -41.46 -33.45 5.04
C ASP A 197 -40.81 -32.12 4.69
N ASN A 198 -39.58 -32.15 4.18
CA ASN A 198 -38.90 -30.94 3.72
C ASN A 198 -39.54 -30.31 2.47
N GLY A 199 -39.96 -31.18 1.55
CA GLY A 199 -40.51 -30.81 0.28
C GLY A 199 -39.63 -31.20 -0.89
N GLN A 200 -38.43 -31.70 -0.62
CA GLN A 200 -37.48 -32.11 -1.64
C GLN A 200 -37.44 -33.61 -1.84
N ALA A 201 -37.39 -34.40 -0.78
CA ALA A 201 -37.33 -35.84 -0.97
C ALA A 201 -38.64 -36.29 -1.64
N PRO A 202 -38.55 -36.93 -2.81
CA PRO A 202 -39.77 -37.41 -3.46
C PRO A 202 -40.52 -38.47 -2.67
N PHE A 203 -39.84 -39.24 -1.83
CA PHE A 203 -40.45 -40.21 -0.95
C PHE A 203 -39.54 -40.39 0.26
N THR A 204 -40.14 -40.71 1.40
CA THR A 204 -39.37 -40.75 2.63
C THR A 204 -38.64 -42.09 2.74
N ILE A 205 -37.39 -42.02 3.15
CA ILE A 205 -36.53 -43.19 3.35
C ILE A 205 -36.19 -43.32 4.82
N THR A 206 -36.36 -44.52 5.36
CA THR A 206 -36.10 -44.77 6.77
C THR A 206 -34.65 -45.22 6.91
N PRO A 207 -33.75 -44.38 7.41
CA PRO A 207 -32.34 -44.78 7.54
C PRO A 207 -32.18 -45.76 8.68
N VAL A 208 -31.29 -46.72 8.50
CA VAL A 208 -30.99 -47.69 9.55
C VAL A 208 -29.50 -47.60 9.84
N PHE A 209 -29.16 -47.19 11.06
CA PHE A 209 -27.77 -46.94 11.45
C PHE A 209 -27.23 -48.17 12.17
N SER A 210 -27.09 -49.26 11.44
CA SER A 210 -26.55 -50.49 12.00
C SER A 210 -25.13 -50.73 11.47
N ASP A 211 -24.20 -51.03 12.39
CA ASP A 211 -22.83 -51.28 11.97
C ASP A 211 -22.54 -52.75 11.69
N PHE A 212 -23.48 -53.64 11.95
CA PHE A 212 -23.29 -55.07 11.73
C PHE A 212 -24.39 -55.67 10.87
N PRO A 213 -24.09 -56.70 10.08
CA PRO A 213 -25.12 -57.26 9.20
C PRO A 213 -26.24 -57.78 10.06
N VAL A 214 -27.45 -57.30 9.82
CA VAL A 214 -28.63 -57.74 10.56
C VAL A 214 -29.67 -58.20 9.55
N HIS A 215 -30.39 -59.27 9.87
CA HIS A 215 -31.34 -59.84 8.94
C HIS A 215 -30.59 -60.33 7.70
N GLY A 216 -29.37 -60.78 7.91
CA GLY A 216 -28.45 -61.08 6.83
C GLY A 216 -28.10 -59.89 5.98
N MET A 217 -28.35 -58.68 6.47
CA MET A 217 -28.16 -57.46 5.71
C MET A 217 -27.15 -56.57 6.42
N GLU A 218 -26.00 -56.39 5.80
CA GLU A 218 -24.93 -55.57 6.36
C GLU A 218 -24.84 -54.26 5.59
N PRO A 219 -24.75 -53.13 6.31
CA PRO A 219 -24.69 -51.84 5.63
C PRO A 219 -23.36 -51.68 4.92
N MET A 220 -23.15 -50.54 4.27
CA MET A 220 -21.94 -50.30 3.52
C MET A 220 -21.43 -48.89 3.79
N ASN A 221 -20.11 -48.78 3.97
CA ASN A 221 -19.47 -47.48 4.07
C ASN A 221 -18.11 -47.53 3.39
N ASN A 222 -18.09 -47.18 2.11
CA ASN A 222 -16.85 -47.09 1.35
C ASN A 222 -15.88 -46.15 2.04
N ALA A 223 -14.66 -46.10 1.51
CA ALA A 223 -13.63 -45.26 2.09
C ALA A 223 -14.10 -43.81 2.20
N THR A 224 -13.59 -43.16 3.24
CA THR A 224 -13.88 -41.80 3.64
C THR A 224 -12.57 -41.03 3.83
N LYS A 225 -12.60 -39.72 3.60
CA LYS A 225 -11.39 -38.92 3.75
C LYS A 225 -11.70 -37.76 4.70
N GLY A 226 -10.77 -37.49 5.61
CA GLY A 226 -10.88 -36.41 6.57
C GLY A 226 -10.24 -35.12 6.08
N CYS A 227 -10.37 -34.07 6.91
CA CYS A 227 -9.80 -32.80 6.48
C CYS A 227 -8.30 -32.94 6.44
N ASP A 228 -7.79 -34.03 7.04
CA ASP A 228 -6.36 -34.26 7.03
C ASP A 228 -5.94 -35.08 5.82
N GLU A 229 -6.72 -35.02 4.74
CA GLU A 229 -6.39 -35.74 3.52
C GLU A 229 -7.21 -35.19 2.37
N SER A 230 -6.60 -35.22 1.20
CA SER A 230 -7.16 -34.80 -0.06
C SER A 230 -7.82 -35.99 -0.74
N VAL A 231 -8.89 -35.72 -1.47
CA VAL A 231 -9.68 -36.76 -2.09
C VAL A 231 -8.99 -37.30 -3.33
N ASP A 232 -8.37 -36.41 -4.09
CA ASP A 232 -7.67 -36.79 -5.32
C ASP A 232 -6.27 -36.18 -5.34
N GLU A 233 -5.36 -36.80 -6.08
CA GLU A 233 -4.00 -36.29 -6.13
C GLU A 233 -3.91 -34.95 -6.83
N VAL A 234 -5.05 -34.35 -7.14
CA VAL A 234 -5.03 -33.03 -7.74
C VAL A 234 -5.98 -32.11 -7.00
N THR A 235 -6.84 -32.69 -6.18
CA THR A 235 -7.78 -31.89 -5.41
C THR A 235 -7.22 -31.71 -4.02
N ALA A 236 -7.00 -30.46 -3.65
CA ALA A 236 -6.45 -30.13 -2.35
C ALA A 236 -7.42 -30.49 -1.23
N PRO A 237 -6.91 -30.76 -0.04
CA PRO A 237 -7.75 -31.06 1.12
C PRO A 237 -8.61 -29.85 1.44
N CYS A 238 -9.52 -30.00 2.41
CA CYS A 238 -10.38 -28.88 2.75
C CYS A 238 -9.50 -27.86 3.45
N SER A 239 -9.86 -26.58 3.33
CA SER A 239 -9.13 -25.46 3.93
C SER A 239 -9.41 -25.30 5.43
N CYS A 240 -8.52 -24.62 6.15
CA CYS A 240 -8.73 -24.43 7.57
C CYS A 240 -9.74 -23.31 7.74
N GLN A 241 -10.13 -22.68 6.64
CA GLN A 241 -11.24 -21.76 6.75
C GLN A 241 -12.52 -22.52 7.06
N ASP A 242 -12.68 -23.69 6.44
CA ASP A 242 -13.86 -24.54 6.63
C ASP A 242 -13.67 -25.75 7.56
N CYS A 243 -12.45 -26.00 8.04
CA CYS A 243 -12.19 -27.12 8.92
C CYS A 243 -11.16 -26.69 9.95
N SER A 244 -11.47 -27.01 11.22
CA SER A 244 -10.67 -26.62 12.38
C SER A 244 -9.48 -27.54 12.67
N ILE A 245 -9.47 -28.76 12.16
CA ILE A 245 -8.46 -29.72 12.57
C ILE A 245 -7.19 -29.67 11.74
N VAL A 246 -7.25 -29.05 10.56
CA VAL A 246 -6.10 -29.14 9.68
C VAL A 246 -5.03 -28.14 10.09
N CYS A 247 -5.40 -27.15 10.88
CA CYS A 247 -4.65 -25.91 11.07
C CYS A 247 -4.13 -25.76 12.49
N GLY A 248 -2.82 -25.69 12.63
CA GLY A 248 -2.20 -25.76 13.93
C GLY A 248 -1.64 -24.39 14.26
N PRO A 249 -0.48 -24.33 14.89
CA PRO A 249 0.07 -23.05 15.34
C PRO A 249 0.51 -22.18 14.17
N LYS A 250 0.18 -20.89 14.27
CA LYS A 250 0.51 -19.91 13.23
C LYS A 250 2.02 -19.69 13.29
N PRO A 251 2.64 -19.17 12.24
CA PRO A 251 4.07 -18.87 12.31
C PRO A 251 4.38 -17.53 12.96
N GLN A 252 5.62 -17.37 13.39
CA GLN A 252 6.12 -16.19 14.10
C GLN A 252 7.62 -16.10 13.90
N PRO A 253 8.13 -14.92 13.56
CA PRO A 253 9.58 -14.72 13.46
C PRO A 253 10.14 -14.22 14.78
N PRO A 254 11.43 -14.41 15.00
CA PRO A 254 12.08 -13.87 16.19
C PRO A 254 12.57 -12.45 15.97
N PRO A 255 12.08 -11.50 16.76
CA PRO A 255 12.52 -10.12 16.62
C PRO A 255 13.81 -9.88 17.37
N PRO A 256 14.92 -9.71 16.66
CA PRO A 256 16.15 -9.34 17.32
C PRO A 256 16.32 -7.84 17.34
N PRO A 257 16.50 -7.23 18.52
CA PRO A 257 16.85 -5.81 18.57
C PRO A 257 18.33 -5.62 18.35
N ALA A 258 19.14 -6.56 18.84
CA ALA A 258 20.58 -6.43 18.72
C ALA A 258 21.09 -5.10 19.28
N PRO A 259 20.64 -4.67 20.46
CA PRO A 259 21.33 -3.55 21.11
C PRO A 259 22.37 -4.05 22.09
N TRP A 260 23.52 -3.38 22.13
CA TRP A 260 24.58 -3.79 23.03
C TRP A 260 24.14 -3.47 24.45
N THR A 261 23.78 -2.21 24.70
CA THR A 261 23.27 -1.85 26.01
C THR A 261 24.14 -2.40 27.12
N ILE A 262 25.38 -1.92 27.21
CA ILE A 262 26.36 -2.46 28.14
C ILE A 262 25.77 -2.62 29.53
N LEU A 263 25.29 -1.53 30.13
CA LEU A 263 24.80 -1.68 31.48
C LEU A 263 23.34 -1.23 31.65
N GLY A 264 22.62 -1.06 30.55
CA GLY A 264 21.23 -0.70 30.66
C GLY A 264 20.80 0.33 29.64
N LEU A 265 21.76 1.15 29.23
CA LEU A 265 21.55 2.22 28.28
C LEU A 265 22.29 1.87 26.99
N ASP A 266 22.28 2.81 26.06
CA ASP A 266 22.63 2.57 24.66
C ASP A 266 23.99 1.91 24.46
N ALA A 267 24.81 1.84 25.50
CA ALA A 267 26.11 1.18 25.36
C ALA A 267 27.04 2.08 24.57
N MET A 268 26.50 3.17 24.05
CA MET A 268 27.25 4.30 23.55
C MET A 268 27.16 5.51 24.47
N TYR A 269 26.03 5.74 25.11
CA TYR A 269 26.05 6.71 26.18
C TYR A 269 27.13 6.37 27.20
N VAL A 270 27.51 5.10 27.31
CA VAL A 270 28.45 4.76 28.34
C VAL A 270 29.90 4.70 27.86
N ILE A 271 30.13 4.13 26.69
CA ILE A 271 31.50 4.06 26.21
C ILE A 271 32.06 5.46 26.10
N MET A 272 31.19 6.41 25.79
CA MET A 272 31.64 7.77 25.64
C MET A 272 31.78 8.45 26.99
N TRP A 273 30.78 8.37 27.84
CA TRP A 273 30.91 9.05 29.11
C TRP A 273 32.17 8.54 29.80
N ILE A 274 32.49 7.25 29.63
CA ILE A 274 33.69 6.66 30.22
C ILE A 274 34.94 7.25 29.59
N THR A 275 34.95 7.38 28.26
CA THR A 275 36.12 7.94 27.59
C THR A 275 36.33 9.39 27.97
N TYR A 276 35.24 10.13 28.07
CA TYR A 276 35.32 11.53 28.42
C TYR A 276 35.88 11.69 29.81
N MET A 277 35.40 10.89 30.75
CA MET A 277 35.93 10.98 32.10
C MET A 277 37.42 10.66 32.11
N ALA A 278 37.84 9.67 31.32
CA ALA A 278 39.26 9.38 31.29
C ALA A 278 40.05 10.56 30.75
N PHE A 279 39.55 11.20 29.70
CA PHE A 279 40.23 12.36 29.14
C PHE A 279 40.29 13.51 30.14
N LEU A 280 39.17 13.77 30.81
CA LEU A 280 39.10 14.86 31.76
C LEU A 280 40.01 14.60 32.94
N LEU A 281 40.20 13.33 33.28
CA LEU A 281 41.06 13.02 34.41
C LEU A 281 42.52 13.15 34.00
N VAL A 282 42.91 12.70 32.81
CA VAL A 282 44.29 12.85 32.37
C VAL A 282 44.60 14.31 32.08
N PHE A 283 43.54 15.12 31.95
CA PHE A 283 43.75 16.53 31.66
C PHE A 283 43.87 17.35 32.94
N PHE A 284 42.89 17.29 33.83
CA PHE A 284 43.14 18.00 35.07
C PHE A 284 44.20 17.27 35.89
N GLY A 285 44.61 16.07 35.44
CA GLY A 285 45.67 15.37 36.10
C GLY A 285 47.04 15.66 35.55
N ALA A 286 47.08 16.43 34.48
CA ALA A 286 48.34 16.94 33.99
C ALA A 286 48.51 18.39 34.40
N PHE A 287 47.41 19.14 34.32
CA PHE A 287 47.41 20.56 34.68
C PHE A 287 47.64 20.75 36.18
N PHE A 288 46.86 20.04 36.99
CA PHE A 288 46.98 20.14 38.44
C PHE A 288 48.36 19.68 38.89
N ALA A 289 48.85 18.60 38.28
CA ALA A 289 50.16 18.06 38.60
C ALA A 289 51.23 19.09 38.23
N VAL A 290 51.06 19.75 37.09
CA VAL A 290 51.99 20.77 36.64
C VAL A 290 52.02 21.92 37.63
N TRP A 291 50.84 22.31 38.12
CA TRP A 291 50.74 23.40 39.08
C TRP A 291 51.47 23.02 40.36
N CYS A 292 51.31 21.76 40.78
CA CYS A 292 51.99 21.28 41.99
C CYS A 292 53.50 21.32 41.79
N TYR A 293 53.95 20.94 40.60
CA TYR A 293 55.37 20.95 40.26
C TYR A 293 55.91 22.37 40.32
N ARG A 294 55.13 23.32 39.81
CA ARG A 294 55.52 24.72 39.82
C ARG A 294 55.63 25.23 41.25
N LYS A 295 54.70 24.81 42.09
CA LYS A 295 54.70 25.23 43.49
C LYS A 295 55.87 24.61 44.24
N PRO A 326 64.86 25.37 1.33
CA PRO A 326 64.90 25.06 -0.09
C PRO A 326 63.89 23.96 -0.43
N VAL A 327 63.61 23.12 0.57
CA VAL A 327 62.65 22.04 0.40
C VAL A 327 61.20 22.48 0.55
N SER A 328 60.95 23.57 1.28
CA SER A 328 59.60 24.10 1.48
C SER A 328 59.43 25.52 0.95
N ALA A 329 60.33 26.42 1.31
CA ALA A 329 60.38 27.84 0.95
C ALA A 329 60.51 28.10 -0.55
N ALA A 330 60.95 27.14 -1.34
CA ALA A 330 61.09 27.39 -2.77
C ALA A 330 59.77 27.48 -3.53
N PHE A 331 58.68 26.85 -3.11
CA PHE A 331 57.47 26.99 -3.91
C PHE A 331 56.50 28.09 -3.48
N GLU A 332 56.53 28.53 -2.22
CA GLU A 332 55.57 29.57 -1.83
C GLU A 332 56.08 30.98 -2.08
N GLY A 333 57.32 31.27 -1.72
CA GLY A 333 57.85 32.61 -1.89
C GLY A 333 57.67 33.22 -3.27
N CYS A 334 57.70 32.38 -4.29
CA CYS A 334 57.47 32.85 -5.65
C CYS A 334 56.01 33.22 -5.87
N LEU A 335 55.10 32.58 -5.13
CA LEU A 335 53.69 32.88 -5.24
C LEU A 335 53.32 34.29 -4.76
N ARG A 336 53.80 34.69 -3.59
CA ARG A 336 53.52 36.03 -3.11
C ARG A 336 53.97 37.11 -4.10
N ARG A 337 55.19 36.96 -4.62
CA ARG A 337 55.75 37.96 -5.53
C ARG A 337 55.01 38.00 -6.85
N LEU A 338 54.74 36.82 -7.40
CA LEU A 338 54.00 36.72 -8.65
C LEU A 338 52.63 37.37 -8.52
N PHE A 339 51.94 37.09 -7.44
CA PHE A 339 50.60 37.63 -7.30
C PHE A 339 50.67 39.14 -7.13
N THR A 340 51.67 39.64 -6.42
CA THR A 340 51.82 41.08 -6.31
C THR A 340 52.03 41.71 -7.67
N ARG A 341 52.94 41.14 -8.47
CA ARG A 341 53.20 41.71 -9.78
C ARG A 341 51.94 41.71 -10.64
N TRP A 342 51.19 40.60 -10.63
CA TRP A 342 50.01 40.54 -11.49
C TRP A 342 48.92 41.48 -11.00
N GLY A 343 48.82 41.68 -9.69
CA GLY A 343 47.87 42.64 -9.19
C GLY A 343 48.23 44.06 -9.58
N SER A 344 49.52 44.37 -9.53
CA SER A 344 50.02 45.68 -9.94
C SER A 344 49.75 45.92 -11.43
N PHE A 345 49.98 44.89 -12.24
CA PHE A 345 49.73 44.95 -13.68
C PHE A 345 48.24 45.23 -13.93
N CYS A 346 47.39 44.50 -13.22
CA CYS A 346 45.95 44.65 -13.40
C CYS A 346 45.47 46.00 -12.88
N VAL A 347 46.22 46.60 -11.95
CA VAL A 347 45.83 47.90 -11.44
C VAL A 347 46.22 48.99 -12.42
N ARG A 348 47.21 48.70 -13.27
CA ARG A 348 47.64 49.69 -14.25
C ARG A 348 47.10 49.36 -15.64
N ASN A 349 46.28 48.31 -15.73
CA ASN A 349 45.65 48.01 -17.01
C ASN A 349 44.17 47.72 -16.81
N PRO A 350 43.44 48.62 -16.19
CA PRO A 350 42.04 48.33 -15.84
C PRO A 350 41.15 48.08 -17.05
N GLY A 351 41.33 48.84 -18.11
CA GLY A 351 40.48 48.67 -19.28
C GLY A 351 40.55 47.26 -19.83
N CYS A 352 41.77 46.79 -20.12
CA CYS A 352 41.95 45.45 -20.65
C CYS A 352 41.37 44.39 -19.72
N VAL A 353 41.68 44.48 -18.43
CA VAL A 353 41.21 43.47 -17.48
C VAL A 353 39.69 43.40 -17.48
N ILE A 354 39.05 44.55 -17.31
CA ILE A 354 37.59 44.58 -17.21
C ILE A 354 36.98 44.09 -18.51
N PHE A 355 37.60 44.45 -19.63
CA PHE A 355 37.08 44.03 -20.92
C PHE A 355 37.13 42.53 -21.07
N PHE A 356 38.29 41.93 -20.78
CA PHE A 356 38.39 40.49 -20.90
C PHE A 356 37.46 39.79 -19.94
N SER A 357 37.25 40.35 -18.75
CA SER A 357 36.36 39.70 -17.79
C SER A 357 34.91 39.76 -18.24
N LEU A 358 34.49 40.89 -18.80
CA LEU A 358 33.13 40.96 -19.33
C LEU A 358 32.97 40.01 -20.52
N VAL A 359 34.00 39.91 -21.36
CA VAL A 359 33.95 38.98 -22.48
C VAL A 359 33.78 37.57 -21.97
N PHE A 360 34.50 37.24 -20.92
CA PHE A 360 34.36 35.94 -20.30
C PHE A 360 32.96 35.69 -19.75
N ILE A 361 32.44 36.66 -19.01
CA ILE A 361 31.11 36.51 -18.45
C ILE A 361 30.10 36.24 -19.53
N THR A 362 30.12 37.04 -20.58
CA THR A 362 29.14 36.87 -21.65
C THR A 362 29.35 35.57 -22.44
N ALA A 363 30.58 35.27 -22.84
CA ALA A 363 30.82 34.06 -23.60
C ALA A 363 30.34 32.84 -22.83
N CYS A 364 30.45 32.87 -21.50
CA CYS A 364 30.03 31.69 -20.75
C CYS A 364 28.55 31.70 -20.43
N SER A 365 27.95 32.87 -20.17
CA SER A 365 26.56 32.93 -19.77
C SER A 365 25.60 33.04 -20.94
N SER A 366 26.11 33.13 -22.17
CA SER A 366 25.22 33.13 -23.32
C SER A 366 24.69 31.72 -23.61
N GLY A 367 25.25 30.72 -22.95
CA GLY A 367 24.76 29.36 -23.08
C GLY A 367 23.43 29.12 -22.40
N LEU A 368 22.89 30.12 -21.73
CA LEU A 368 21.58 30.03 -21.10
C LEU A 368 20.44 29.86 -22.11
N VAL A 369 20.74 29.96 -23.39
CA VAL A 369 19.70 29.71 -24.39
C VAL A 369 19.33 28.23 -24.41
N PHE A 370 20.27 27.36 -24.07
CA PHE A 370 20.02 25.93 -24.04
C PHE A 370 19.61 25.41 -22.67
N VAL A 371 19.00 26.24 -21.83
CA VAL A 371 18.75 25.81 -20.47
C VAL A 371 17.62 24.79 -20.51
N ARG A 372 17.84 23.62 -19.91
CA ARG A 372 16.82 22.58 -19.79
C ARG A 372 16.22 22.94 -18.45
N VAL A 373 15.27 22.14 -17.98
CA VAL A 373 14.90 21.90 -16.60
C VAL A 373 14.33 20.49 -16.45
N THR A 374 14.84 19.75 -15.47
CA THR A 374 14.40 18.39 -15.16
C THR A 374 13.35 18.43 -14.06
N THR A 375 12.17 17.87 -14.36
CA THR A 375 11.15 17.81 -13.32
C THR A 375 10.63 16.40 -13.05
N ASN A 376 10.87 15.43 -13.92
CA ASN A 376 10.42 14.07 -13.68
C ASN A 376 11.13 13.49 -12.46
N PRO A 377 10.39 13.10 -11.42
CA PRO A 377 11.04 12.66 -10.18
C PRO A 377 11.98 11.47 -10.33
N VAL A 378 11.69 10.57 -11.28
CA VAL A 378 12.55 9.40 -11.43
C VAL A 378 13.95 9.83 -11.85
N ASP A 379 14.03 10.73 -12.80
CA ASP A 379 15.30 11.22 -13.28
C ASP A 379 16.04 11.89 -12.14
N LEU A 380 15.29 12.58 -11.28
CA LEU A 380 15.90 13.31 -10.19
C LEU A 380 16.52 12.36 -9.18
N TRP A 381 15.77 11.37 -8.71
CA TRP A 381 16.12 10.54 -7.57
C TRP A 381 16.73 9.18 -7.93
N SER A 382 16.86 8.86 -9.21
CA SER A 382 17.41 7.55 -9.54
C SER A 382 18.63 7.57 -10.44
N ALA A 383 19.70 6.86 -10.03
CA ALA A 383 20.86 6.78 -10.88
C ALA A 383 20.49 6.02 -12.15
N PRO A 384 21.00 6.45 -13.30
CA PRO A 384 20.58 5.83 -14.57
C PRO A 384 20.94 4.37 -14.69
N SER A 385 21.84 3.85 -13.86
CA SER A 385 22.29 2.47 -14.00
C SER A 385 22.26 1.71 -12.68
N SER A 386 21.37 2.08 -11.78
CA SER A 386 21.21 1.40 -10.49
C SER A 386 20.51 0.06 -10.68
N GLN A 387 20.72 -0.89 -9.77
CA GLN A 387 20.07 -2.19 -9.90
C GLN A 387 18.56 -2.04 -10.04
N ALA A 388 17.98 -1.21 -9.18
CA ALA A 388 16.53 -1.01 -9.22
C ALA A 388 16.11 -0.33 -10.52
N ARG A 389 16.96 0.55 -11.05
CA ARG A 389 16.61 1.19 -12.31
C ARG A 389 16.63 0.18 -13.45
N LEU A 390 17.60 -0.73 -13.44
CA LEU A 390 17.62 -1.77 -14.47
C LEU A 390 16.41 -2.70 -14.35
N GLU A 391 16.00 -2.99 -13.12
CA GLU A 391 14.82 -3.84 -12.95
C GLU A 391 13.58 -3.13 -13.49
N LYS A 392 13.49 -1.82 -13.27
CA LYS A 392 12.38 -1.07 -13.82
C LYS A 392 12.44 -1.03 -15.33
N GLU A 393 13.64 -0.96 -15.88
CA GLU A 393 13.76 -0.98 -17.33
C GLU A 393 13.30 -2.31 -17.91
N TYR A 394 13.59 -3.41 -17.23
CA TYR A 394 13.16 -4.69 -17.76
C TYR A 394 11.67 -4.88 -17.62
N PHE A 395 11.10 -4.41 -16.52
CA PHE A 395 9.68 -4.57 -16.29
C PHE A 395 8.82 -3.68 -17.18
N ASP A 396 9.26 -2.45 -17.38
CA ASP A 396 8.49 -1.53 -18.21
C ASP A 396 8.45 -2.03 -19.65
N GLN A 397 9.40 -2.90 -20.00
CA GLN A 397 9.52 -3.34 -21.38
C GLN A 397 8.64 -4.53 -21.73
N HIS A 398 8.46 -5.49 -20.84
CA HIS A 398 7.69 -6.68 -21.17
C HIS A 398 6.24 -6.61 -20.75
N PHE A 399 5.89 -5.82 -19.75
CA PHE A 399 4.53 -5.77 -19.26
C PHE A 399 3.91 -4.39 -19.31
N GLY A 400 4.64 -3.39 -19.77
CA GLY A 400 4.14 -2.03 -19.75
C GLY A 400 4.21 -1.42 -18.37
N PRO A 401 4.33 -0.11 -18.32
CA PRO A 401 4.53 0.57 -17.04
C PRO A 401 3.35 0.41 -16.10
N PHE A 402 3.63 0.59 -14.82
CA PHE A 402 2.60 0.58 -13.81
C PHE A 402 1.65 1.76 -14.02
N PHE A 403 0.38 1.55 -13.68
CA PHE A 403 -0.67 2.51 -14.00
C PHE A 403 -0.66 3.65 -13.01
N ARG A 404 -1.48 4.66 -13.31
CA ARG A 404 -1.69 5.86 -12.48
C ARG A 404 -2.85 5.68 -11.50
N THR A 405 -3.01 6.57 -10.53
CA THR A 405 -4.09 6.40 -9.56
C THR A 405 -4.59 7.75 -9.09
N GLU A 406 -5.90 7.88 -9.07
CA GLU A 406 -6.53 9.07 -8.54
C GLU A 406 -7.38 8.53 -7.40
N GLN A 407 -6.92 8.68 -6.17
CA GLN A 407 -7.68 8.21 -5.02
C GLN A 407 -8.70 9.24 -4.54
N LEU A 408 -9.57 8.78 -3.65
CA LEU A 408 -10.59 9.60 -3.03
C LEU A 408 -11.04 8.96 -1.73
N ILE A 409 -10.73 9.59 -0.61
CA ILE A 409 -11.02 9.07 0.72
C ILE A 409 -12.23 9.80 1.28
N ILE A 410 -13.41 9.25 1.07
CA ILE A 410 -14.65 9.86 1.52
C ILE A 410 -14.92 9.53 2.98
N ARG A 411 -15.59 10.44 3.67
CA ARG A 411 -15.93 10.23 5.07
C ARG A 411 -17.23 10.96 5.41
N ALA A 412 -18.03 10.33 6.26
CA ALA A 412 -19.30 10.90 6.73
C ALA A 412 -19.20 11.28 8.20
N PRO A 413 -18.95 12.54 8.54
CA PRO A 413 -18.79 12.90 9.95
C PRO A 413 -20.07 13.05 10.73
N LEU A 414 -21.14 13.50 10.08
CA LEU A 414 -22.43 13.80 10.71
C LEU A 414 -23.30 12.58 10.99
N THR A 415 -22.74 11.37 11.03
CA THR A 415 -23.58 10.20 11.21
C THR A 415 -22.98 9.21 12.19
N ASP A 416 -23.86 8.44 12.81
CA ASP A 416 -23.55 7.40 13.77
C ASP A 416 -23.86 6.03 13.20
N LYS A 417 -23.25 5.01 13.78
CA LYS A 417 -23.47 3.64 13.34
C LYS A 417 -24.87 3.19 13.70
N HIS A 418 -25.42 2.32 12.86
CA HIS A 418 -26.76 1.78 13.04
C HIS A 418 -26.65 0.26 12.92
N ILE A 419 -27.69 -0.44 13.35
CA ILE A 419 -27.65 -1.89 13.43
C ILE A 419 -28.50 -2.51 12.32
N TYR A 420 -28.03 -3.64 11.82
CA TYR A 420 -28.71 -4.43 10.81
C TYR A 420 -29.07 -5.74 11.50
N GLN A 421 -30.33 -6.12 11.43
CA GLN A 421 -30.74 -7.36 12.06
C GLN A 421 -31.16 -8.35 10.98
N PRO A 422 -30.41 -9.45 10.83
CA PRO A 422 -30.83 -10.39 9.79
C PRO A 422 -32.19 -10.96 10.17
N TYR A 423 -33.12 -11.00 9.23
CA TYR A 423 -34.46 -11.50 9.55
C TYR A 423 -34.58 -12.97 9.96
N PRO A 424 -33.93 -13.88 9.21
CA PRO A 424 -34.12 -15.28 9.61
C PRO A 424 -33.48 -15.70 10.92
N SER A 425 -32.21 -15.36 11.12
CA SER A 425 -31.45 -15.72 12.31
C SER A 425 -30.14 -14.96 12.35
N GLY A 426 -29.43 -15.02 13.47
CA GLY A 426 -28.13 -14.40 13.58
C GLY A 426 -27.93 -13.26 14.55
N ALA A 427 -26.66 -12.90 14.71
CA ALA A 427 -26.24 -11.84 15.60
C ALA A 427 -26.32 -10.49 14.89
N ASP A 428 -26.42 -9.43 15.70
CA ASP A 428 -26.50 -8.07 15.19
C ASP A 428 -25.23 -7.71 14.46
N VAL A 429 -25.38 -6.94 13.38
CA VAL A 429 -24.24 -6.55 12.56
C VAL A 429 -24.23 -5.03 12.45
N PRO A 430 -23.25 -4.37 13.06
CA PRO A 430 -23.19 -2.90 12.98
C PRO A 430 -22.51 -2.41 11.72
N PHE A 431 -23.02 -1.30 11.19
CA PHE A 431 -22.48 -0.69 9.99
C PHE A 431 -21.93 0.68 10.32
N GLY A 432 -20.77 1.01 9.77
CA GLY A 432 -20.14 2.29 9.97
C GLY A 432 -21.01 3.45 9.53
N PRO A 433 -20.55 4.66 9.81
CA PRO A 433 -21.29 5.86 9.42
C PRO A 433 -21.39 5.96 7.91
N PRO A 434 -20.29 5.80 7.19
CA PRO A 434 -20.33 6.01 5.74
C PRO A 434 -21.20 5.02 5.02
N LEU A 435 -21.58 3.93 5.66
CA LEU A 435 -22.42 2.94 5.01
C LEU A 435 -23.88 3.28 5.14
N ASP A 436 -24.19 4.55 5.37
CA ASP A 436 -25.58 5.00 5.44
C ASP A 436 -26.14 4.99 4.01
N ILE A 437 -27.44 4.72 3.85
CA ILE A 437 -28.01 4.69 2.51
C ILE A 437 -27.96 6.08 1.89
N GLN A 438 -28.28 7.10 2.68
CA GLN A 438 -28.27 8.48 2.22
C GLN A 438 -26.87 8.93 1.80
N ILE A 439 -25.87 8.56 2.59
CA ILE A 439 -24.48 8.88 2.30
C ILE A 439 -24.00 8.07 1.11
N LEU A 440 -24.50 6.84 0.98
CA LEU A 440 -24.12 6.05 -0.16
C LEU A 440 -24.67 6.63 -1.45
N HIS A 441 -25.90 7.13 -1.41
CA HIS A 441 -26.46 7.78 -2.59
C HIS A 441 -25.67 9.02 -2.97
N GLN A 442 -25.29 9.82 -1.98
CA GLN A 442 -24.56 11.04 -2.30
C GLN A 442 -23.17 10.73 -2.83
N VAL A 443 -22.52 9.70 -2.30
CA VAL A 443 -21.21 9.33 -2.82
C VAL A 443 -21.34 8.76 -4.21
N LEU A 444 -22.41 8.02 -4.47
CA LEU A 444 -22.64 7.54 -5.82
C LEU A 444 -22.85 8.68 -6.80
N ASP A 445 -23.55 9.71 -6.32
CA ASP A 445 -23.79 10.91 -7.13
C ASP A 445 -22.48 11.60 -7.46
N LEU A 446 -21.59 11.68 -6.47
CA LEU A 446 -20.28 12.28 -6.68
C LEU A 446 -19.45 11.46 -7.66
N GLN A 447 -19.54 10.15 -7.57
CA GLN A 447 -18.75 9.31 -8.45
C GLN A 447 -19.25 9.40 -9.88
N ILE A 448 -20.56 9.30 -10.08
CA ILE A 448 -21.12 9.41 -11.42
C ILE A 448 -20.78 10.76 -12.03
N ALA A 449 -20.70 11.81 -11.20
CA ALA A 449 -20.32 13.11 -11.73
C ALA A 449 -18.83 13.18 -12.06
N ILE A 450 -17.99 12.57 -11.23
CA ILE A 450 -16.56 12.49 -11.48
C ILE A 450 -16.32 11.76 -12.77
N GLU A 451 -17.26 10.93 -13.16
CA GLU A 451 -17.11 10.20 -14.40
C GLU A 451 -17.36 11.02 -15.65
N ASN A 452 -18.17 12.07 -15.56
CA ASN A 452 -18.45 12.91 -16.70
C ASN A 452 -17.28 13.74 -17.26
N ILE A 453 -16.26 14.02 -16.44
CA ILE A 453 -15.20 14.93 -16.88
C ILE A 453 -14.45 14.48 -18.12
N THR A 454 -14.46 15.37 -19.11
CA THR A 454 -13.77 15.17 -20.38
C THR A 454 -13.00 16.43 -20.73
N ALA A 455 -11.90 16.66 -20.05
CA ALA A 455 -11.08 17.86 -20.29
C ALA A 455 -10.54 17.83 -21.72
N SER A 456 -10.46 19.00 -22.34
CA SER A 456 -9.97 19.10 -23.71
C SER A 456 -8.54 19.61 -23.80
N TYR A 457 -7.68 18.83 -24.44
CA TYR A 457 -6.28 19.17 -24.61
C TYR A 457 -5.90 19.16 -26.09
N ASP A 458 -5.22 20.22 -26.53
CA ASP A 458 -4.79 20.38 -27.93
C ASP A 458 -5.93 20.25 -28.92
N ASN A 459 -7.06 20.86 -28.59
CA ASN A 459 -8.29 20.85 -29.40
C ASN A 459 -8.84 19.45 -29.64
N GLU A 460 -8.70 18.59 -28.66
CA GLU A 460 -9.20 17.22 -28.71
C GLU A 460 -9.76 16.94 -27.34
N THR A 461 -10.80 16.12 -27.27
CA THR A 461 -11.41 15.82 -25.98
C THR A 461 -11.15 14.38 -25.55
N VAL A 462 -10.65 14.23 -24.33
CA VAL A 462 -10.36 12.92 -23.77
C VAL A 462 -11.29 12.65 -22.60
N THR A 463 -12.07 11.59 -22.73
CA THR A 463 -13.00 11.17 -21.70
C THR A 463 -12.29 10.35 -20.65
N LEU A 464 -12.90 10.23 -19.47
CA LEU A 464 -12.32 9.44 -18.39
C LEU A 464 -12.18 7.98 -18.80
N GLN A 465 -13.20 7.47 -19.49
CA GLN A 465 -13.20 6.08 -19.96
C GLN A 465 -12.06 5.84 -20.95
N ASP A 466 -11.81 6.82 -21.81
CA ASP A 466 -10.75 6.69 -22.80
C ASP A 466 -9.37 6.56 -22.16
N ILE A 467 -9.12 7.31 -21.10
CA ILE A 467 -7.84 7.25 -20.41
C ILE A 467 -7.75 6.07 -19.44
N CYS A 468 -8.86 5.64 -18.82
CA CYS A 468 -8.77 4.54 -17.86
C CYS A 468 -8.33 3.29 -18.58
N LEU A 469 -8.08 2.24 -17.81
CA LEU A 469 -7.60 0.99 -18.37
C LEU A 469 -8.73 0.00 -18.22
N ALA A 470 -9.05 -0.70 -19.29
CA ALA A 470 -10.04 -1.76 -19.25
C ALA A 470 -9.36 -3.08 -19.57
N PRO A 471 -9.29 -4.02 -18.64
CA PRO A 471 -8.52 -5.23 -18.89
C PRO A 471 -9.05 -6.00 -20.07
N LEU A 472 -10.34 -6.31 -20.07
CA LEU A 472 -10.99 -7.09 -21.12
C LEU A 472 -11.69 -6.18 -22.12
N SER A 473 -10.93 -5.73 -23.08
CA SER A 473 -11.46 -4.87 -24.12
C SER A 473 -11.07 -5.43 -25.47
N PRO A 474 -11.79 -5.13 -26.54
CA PRO A 474 -12.93 -4.21 -26.53
C PRO A 474 -14.23 -4.90 -26.19
N TYR A 475 -14.15 -6.12 -25.66
CA TYR A 475 -15.37 -6.78 -25.23
C TYR A 475 -16.11 -5.94 -24.19
N ASN A 476 -15.43 -5.63 -23.10
CA ASN A 476 -15.97 -4.78 -22.04
C ASN A 476 -15.07 -3.54 -22.06
N THR A 477 -15.64 -2.35 -22.07
CA THR A 477 -14.79 -1.17 -22.17
C THR A 477 -15.11 -0.12 -21.11
N ASN A 478 -15.84 -0.45 -20.05
CA ASN A 478 -16.33 0.63 -19.20
C ASN A 478 -15.22 1.47 -18.55
N CYS A 479 -14.68 1.03 -17.41
CA CYS A 479 -13.26 1.12 -17.04
C CYS A 479 -13.15 0.86 -15.54
N THR A 480 -11.93 0.74 -15.04
CA THR A 480 -11.71 0.38 -13.65
C THR A 480 -12.03 1.48 -12.66
N ILE A 481 -13.09 1.29 -11.87
CA ILE A 481 -13.31 2.14 -10.72
C ILE A 481 -13.44 1.25 -9.50
N LEU A 482 -12.57 1.40 -8.52
CA LEU A 482 -12.62 0.46 -7.41
C LEU A 482 -13.34 1.11 -6.24
N SER A 483 -14.66 1.04 -6.22
CA SER A 483 -15.44 1.61 -5.13
C SER A 483 -16.45 0.57 -4.68
N VAL A 484 -16.85 0.67 -3.42
CA VAL A 484 -17.80 -0.28 -2.86
C VAL A 484 -19.14 -0.12 -3.53
N LEU A 485 -19.30 0.92 -4.35
CA LEU A 485 -20.54 1.04 -5.10
C LEU A 485 -20.54 0.10 -6.29
N ASN A 486 -19.38 -0.48 -6.61
CA ASN A 486 -19.35 -1.44 -7.69
C ASN A 486 -20.02 -2.76 -7.31
N TYR A 487 -20.08 -3.06 -6.02
CA TYR A 487 -20.86 -4.20 -5.57
C TYR A 487 -22.29 -4.08 -6.04
N PHE A 488 -22.77 -2.85 -6.16
CA PHE A 488 -24.10 -2.61 -6.68
C PHE A 488 -24.06 -2.12 -8.11
N GLN A 489 -22.87 -2.07 -8.69
CA GLN A 489 -22.70 -1.67 -10.10
C GLN A 489 -22.98 -0.21 -10.43
N ASN A 490 -22.83 0.67 -9.44
CA ASN A 490 -23.07 2.10 -9.63
C ASN A 490 -24.47 2.40 -10.14
N SER A 491 -25.46 1.70 -9.60
CA SER A 491 -26.84 1.89 -10.06
C SER A 491 -27.79 2.17 -8.90
N HIS A 492 -28.41 3.34 -8.91
CA HIS A 492 -29.35 3.70 -7.85
C HIS A 492 -30.45 2.67 -7.71
N SER A 493 -30.89 2.09 -8.83
CA SER A 493 -31.90 1.05 -8.80
C SER A 493 -31.40 -0.20 -8.12
N VAL A 494 -30.19 -0.62 -8.47
CA VAL A 494 -29.56 -1.76 -7.82
C VAL A 494 -29.24 -1.45 -6.37
N LEU A 495 -28.98 -0.19 -6.06
CA LEU A 495 -28.67 0.14 -4.68
C LEU A 495 -29.90 0.19 -3.78
N ASP A 496 -30.97 0.78 -4.32
CA ASP A 496 -32.29 0.89 -3.68
C ASP A 496 -33.25 -0.32 -3.54
N HIS A 497 -33.33 -1.14 -4.58
CA HIS A 497 -34.31 -2.23 -4.68
C HIS A 497 -34.19 -3.20 -3.51
N LYS A 498 -35.32 -3.44 -2.84
CA LYS A 498 -35.37 -4.32 -1.67
C LYS A 498 -36.21 -5.54 -1.98
N LYS A 499 -35.85 -6.64 -1.31
CA LYS A 499 -36.41 -7.97 -1.49
C LYS A 499 -37.11 -8.41 -0.21
N GLY A 500 -37.94 -7.53 0.33
CA GLY A 500 -38.67 -7.83 1.54
C GLY A 500 -40.16 -7.59 1.49
N ASP A 501 -40.81 -7.88 2.63
CA ASP A 501 -42.24 -7.69 2.78
C ASP A 501 -42.49 -6.71 3.91
N ASP A 502 -43.71 -6.19 3.99
CA ASP A 502 -44.09 -5.24 5.03
C ASP A 502 -43.47 -5.41 6.42
N PHE A 503 -43.19 -4.26 7.05
CA PHE A 503 -42.64 -4.18 8.39
C PHE A 503 -41.44 -5.10 8.62
N PHE A 504 -40.70 -5.38 7.53
CA PHE A 504 -39.47 -6.17 7.49
C PHE A 504 -38.87 -6.18 6.08
N VAL A 505 -37.55 -6.28 5.96
CA VAL A 505 -36.96 -6.51 4.65
C VAL A 505 -36.38 -7.91 4.64
N TYR A 506 -36.75 -8.70 3.65
CA TYR A 506 -36.16 -10.03 3.57
C TYR A 506 -34.66 -9.92 3.29
N ALA A 507 -34.30 -9.36 2.13
CA ALA A 507 -32.92 -9.14 1.74
C ALA A 507 -32.70 -7.65 1.55
N ASP A 508 -31.47 -7.18 1.67
CA ASP A 508 -31.22 -5.75 1.54
C ASP A 508 -29.84 -5.43 1.02
N TYR A 509 -29.59 -4.16 0.76
CA TYR A 509 -28.28 -3.76 0.24
C TYR A 509 -27.15 -4.14 1.21
N HIS A 510 -27.37 -3.98 2.51
CA HIS A 510 -26.35 -4.38 3.48
C HIS A 510 -26.10 -5.88 3.38
N THR A 511 -27.16 -6.65 3.21
CA THR A 511 -27.04 -8.10 3.10
C THR A 511 -26.25 -8.47 1.85
N HIS A 512 -26.50 -7.75 0.75
CA HIS A 512 -25.82 -7.99 -0.51
C HIS A 512 -24.33 -7.68 -0.36
N PHE A 513 -24.04 -6.59 0.35
CA PHE A 513 -22.67 -6.18 0.62
C PHE A 513 -21.96 -7.23 1.46
N LEU A 514 -22.68 -7.78 2.43
CA LEU A 514 -22.15 -8.79 3.32
C LEU A 514 -21.76 -10.05 2.57
N TYR A 515 -22.55 -10.46 1.58
CA TYR A 515 -22.21 -11.69 0.88
C TYR A 515 -20.96 -11.55 0.03
N CYS A 516 -20.78 -10.41 -0.65
CA CYS A 516 -19.65 -10.36 -1.58
C CYS A 516 -18.39 -9.77 -0.98
N VAL A 517 -18.44 -9.16 0.19
CA VAL A 517 -17.14 -8.84 0.75
C VAL A 517 -16.46 -10.13 1.19
N ARG A 518 -17.28 -11.13 1.48
CA ARG A 518 -16.83 -12.49 1.76
C ARG A 518 -16.32 -13.25 0.51
N ALA A 519 -17.00 -13.08 -0.63
CA ALA A 519 -16.70 -13.79 -1.87
C ALA A 519 -16.84 -12.83 -3.04
N PRO A 520 -15.84 -11.98 -3.25
CA PRO A 520 -15.95 -10.90 -4.24
C PRO A 520 -15.93 -11.36 -5.69
N ALA A 521 -15.92 -12.67 -5.95
CA ALA A 521 -15.84 -13.14 -7.32
C ALA A 521 -17.10 -13.86 -7.77
N SER A 522 -18.20 -13.69 -7.05
CA SER A 522 -19.47 -14.31 -7.44
C SER A 522 -20.07 -13.57 -8.62
N LEU A 523 -20.96 -14.26 -9.33
CA LEU A 523 -21.68 -13.65 -10.45
C LEU A 523 -23.16 -13.47 -10.15
N ASN A 524 -23.58 -13.84 -8.94
CA ASN A 524 -24.90 -13.52 -8.40
C ASN A 524 -24.82 -13.67 -6.89
N ASP A 525 -25.62 -12.87 -6.19
CA ASP A 525 -25.67 -12.94 -4.75
C ASP A 525 -26.14 -14.32 -4.31
N THR A 526 -26.92 -15.00 -5.15
CA THR A 526 -27.28 -16.39 -4.93
C THR A 526 -27.87 -16.62 -3.55
N SER A 527 -28.28 -15.52 -2.91
CA SER A 527 -28.85 -15.66 -1.57
C SER A 527 -30.07 -14.79 -1.36
N LEU A 528 -31.21 -15.20 -1.92
CA LEU A 528 -32.51 -14.54 -1.83
C LEU A 528 -32.59 -13.25 -2.65
N LEU A 529 -31.50 -12.84 -3.30
CA LEU A 529 -31.54 -11.69 -4.18
C LEU A 529 -31.12 -12.02 -5.60
N HIS A 530 -30.04 -12.76 -5.79
CA HIS A 530 -29.62 -13.20 -7.12
C HIS A 530 -29.30 -12.06 -8.07
N ASP A 531 -28.37 -11.23 -7.60
CA ASP A 531 -27.82 -10.10 -8.35
C ASP A 531 -26.31 -10.17 -8.17
N PRO A 532 -25.54 -10.07 -9.26
CA PRO A 532 -24.08 -10.11 -9.13
C PRO A 532 -23.49 -8.82 -8.60
N CYS A 533 -22.28 -8.95 -8.07
CA CYS A 533 -21.47 -7.85 -7.61
C CYS A 533 -20.01 -8.04 -8.04
N LEU A 534 -19.80 -8.35 -9.32
CA LEU A 534 -18.46 -8.56 -9.86
C LEU A 534 -17.84 -7.26 -10.33
N GLY A 535 -18.65 -6.29 -10.71
CA GLY A 535 -18.21 -4.98 -11.17
C GLY A 535 -18.32 -4.76 -12.67
N THR A 536 -18.67 -3.52 -13.02
CA THR A 536 -18.92 -3.17 -14.41
C THR A 536 -17.73 -3.43 -15.31
N PHE A 537 -16.52 -3.30 -14.77
CA PHE A 537 -15.38 -3.54 -15.62
C PHE A 537 -15.15 -5.03 -15.77
N GLY A 538 -15.61 -5.82 -14.81
CA GLY A 538 -15.40 -7.24 -14.94
C GLY A 538 -14.16 -7.64 -14.18
N GLY A 539 -14.31 -8.25 -13.03
CA GLY A 539 -13.18 -8.60 -12.22
C GLY A 539 -13.41 -8.18 -10.80
N PRO A 540 -12.89 -8.95 -9.85
CA PRO A 540 -13.28 -8.74 -8.46
C PRO A 540 -12.79 -7.38 -7.96
N VAL A 541 -13.43 -6.90 -6.91
CA VAL A 541 -12.99 -5.67 -6.22
C VAL A 541 -12.74 -6.09 -4.79
N PHE A 542 -11.49 -6.06 -4.39
CA PHE A 542 -11.28 -6.65 -3.07
C PHE A 542 -11.61 -5.68 -1.97
N PRO A 543 -12.34 -6.11 -0.98
CA PRO A 543 -12.84 -5.21 0.05
C PRO A 543 -11.77 -4.48 0.81
N TRP A 544 -10.55 -5.02 0.84
CA TRP A 544 -9.51 -4.33 1.57
C TRP A 544 -8.95 -3.20 0.73
N LEU A 545 -9.29 -3.17 -0.56
CA LEU A 545 -8.85 -2.11 -1.43
C LEU A 545 -9.82 -0.94 -1.48
N VAL A 546 -11.03 -1.10 -0.95
CA VAL A 546 -12.05 -0.09 -1.14
C VAL A 546 -12.56 0.45 0.19
N LEU A 547 -11.97 0.00 1.28
CA LEU A 547 -12.45 0.46 2.58
C LEU A 547 -11.27 0.70 3.51
N GLY A 548 -11.57 1.46 4.56
CA GLY A 548 -10.60 1.76 5.59
C GLY A 548 -11.29 2.16 6.87
N GLY A 549 -10.64 1.91 7.99
CA GLY A 549 -11.16 2.28 9.28
C GLY A 549 -11.92 1.20 9.99
N TYR A 550 -11.89 -0.03 9.47
CA TYR A 550 -12.58 -1.15 10.09
C TYR A 550 -11.55 -1.89 10.96
N ASP A 551 -11.94 -2.99 11.59
CA ASP A 551 -11.05 -3.63 12.61
C ASP A 551 -10.18 -4.89 12.40
N ASP A 552 -9.88 -5.28 11.17
CA ASP A 552 -9.13 -6.49 10.90
C ASP A 552 -9.93 -7.60 10.24
N GLN A 553 -11.26 -7.61 10.36
CA GLN A 553 -12.11 -8.34 9.43
C GLN A 553 -13.49 -7.76 9.25
N ASN A 554 -13.85 -6.73 10.01
CA ASN A 554 -15.24 -6.33 10.15
C ASN A 554 -15.51 -5.21 9.16
N TYR A 555 -15.69 -5.60 7.89
CA TYR A 555 -16.06 -4.61 6.89
C TYR A 555 -17.39 -3.96 7.22
N ASN A 556 -18.06 -4.49 8.22
CA ASN A 556 -19.26 -3.86 8.73
C ASN A 556 -18.90 -2.52 9.38
N ASN A 557 -17.73 -2.49 10.04
CA ASN A 557 -17.27 -1.36 10.83
C ASN A 557 -16.55 -0.31 10.00
N ALA A 558 -16.47 -0.48 8.68
CA ALA A 558 -15.71 0.47 7.87
C ALA A 558 -16.13 1.91 8.14
N THR A 559 -15.14 2.78 8.31
CA THR A 559 -15.35 4.20 8.58
C THR A 559 -15.01 5.10 7.41
N ALA A 560 -14.23 4.62 6.43
CA ALA A 560 -13.86 5.43 5.30
C ALA A 560 -14.16 4.67 4.02
N LEU A 561 -14.28 5.40 2.93
CA LEU A 561 -14.51 4.81 1.62
C LEU A 561 -13.38 5.17 0.66
N VAL A 562 -12.82 4.14 0.04
CA VAL A 562 -11.74 4.27 -0.92
C VAL A 562 -12.24 4.13 -2.34
N ILE A 563 -11.74 4.98 -3.22
CA ILE A 563 -12.14 5.02 -4.61
C ILE A 563 -10.98 5.37 -5.53
N THR A 564 -10.92 4.76 -6.70
CA THR A 564 -9.68 4.76 -7.45
C THR A 564 -9.94 4.89 -8.94
N PHE A 565 -9.08 5.59 -9.62
CA PHE A 565 -9.27 5.67 -11.05
C PHE A 565 -7.87 5.18 -11.34
N PRO A 566 -7.71 3.98 -11.82
CA PRO A 566 -6.47 3.57 -12.47
C PRO A 566 -6.46 4.10 -13.89
N VAL A 567 -5.34 4.67 -14.31
CA VAL A 567 -5.22 5.24 -15.64
C VAL A 567 -4.00 4.64 -16.28
N ASN A 568 -4.10 4.38 -17.58
CA ASN A 568 -3.01 3.73 -18.30
C ASN A 568 -1.76 4.59 -18.24
N ASN A 569 -0.63 3.94 -18.05
CA ASN A 569 0.65 4.62 -18.14
C ASN A 569 1.42 4.11 -19.35
N TYR A 570 2.00 5.04 -20.08
CA TYR A 570 2.52 4.79 -21.41
C TYR A 570 4.03 4.82 -21.47
N TYR A 571 4.59 3.94 -22.27
CA TYR A 571 6.02 3.71 -22.37
C TYR A 571 6.51 4.31 -23.67
N ASN A 572 7.27 5.40 -23.58
CA ASN A 572 7.71 6.16 -24.75
C ASN A 572 6.54 6.77 -25.53
N ASP A 573 5.85 7.70 -24.85
CA ASP A 573 4.76 8.46 -25.45
C ASP A 573 4.41 9.68 -24.60
N THR A 574 4.32 10.84 -25.22
CA THR A 574 4.17 12.08 -24.45
C THR A 574 2.85 12.78 -24.68
N GLU A 575 2.26 12.64 -25.86
CA GLU A 575 0.95 13.26 -26.08
C GLU A 575 -0.11 12.63 -25.19
N LYS A 576 -0.06 11.32 -25.01
CA LYS A 576 -1.03 10.67 -24.14
C LYS A 576 -0.81 11.07 -22.69
N LEU A 577 0.44 11.19 -22.26
CA LEU A 577 0.69 11.58 -20.88
C LEU A 577 0.23 13.01 -20.66
N GLN A 578 0.42 13.86 -21.66
CA GLN A 578 -0.02 15.25 -21.58
C GLN A 578 -1.54 15.28 -21.45
N ARG A 579 -2.21 14.40 -22.19
CA ARG A 579 -3.65 14.29 -22.16
C ARG A 579 -4.14 13.82 -20.80
N ALA A 580 -3.44 12.83 -20.24
CA ALA A 580 -3.80 12.31 -18.93
C ALA A 580 -3.61 13.37 -17.85
N GLN A 581 -2.53 14.12 -17.93
CA GLN A 581 -2.31 15.13 -16.90
C GLN A 581 -3.34 16.24 -17.00
N ALA A 582 -3.77 16.57 -18.22
CA ALA A 582 -4.81 17.58 -18.36
C ALA A 582 -6.13 17.07 -17.78
N TRP A 583 -6.38 15.76 -17.92
CA TRP A 583 -7.58 15.24 -17.29
C TRP A 583 -7.46 15.23 -15.78
N GLU A 584 -6.27 14.91 -15.27
CA GLU A 584 -6.12 14.84 -13.83
C GLU A 584 -6.26 16.23 -13.24
N LYS A 585 -5.77 17.23 -13.97
CA LYS A 585 -5.90 18.62 -13.55
C LYS A 585 -7.37 18.97 -13.40
N GLU A 586 -8.17 18.60 -14.40
CA GLU A 586 -9.59 18.92 -14.30
C GLU A 586 -10.26 18.12 -13.19
N PHE A 587 -9.83 16.88 -12.98
CA PHE A 587 -10.33 16.08 -11.88
C PHE A 587 -10.09 16.77 -10.54
N ILE A 588 -8.88 17.29 -10.39
CA ILE A 588 -8.51 17.99 -9.17
C ILE A 588 -9.37 19.23 -8.98
N ASN A 589 -9.50 20.04 -10.04
CA ASN A 589 -10.30 21.25 -9.90
C ASN A 589 -11.73 20.93 -9.50
N PHE A 590 -12.35 19.96 -10.17
CA PHE A 590 -13.70 19.59 -9.81
C PHE A 590 -13.78 19.18 -8.35
N VAL A 591 -12.95 18.23 -7.95
CA VAL A 591 -13.00 17.71 -6.58
C VAL A 591 -12.74 18.82 -5.59
N LYS A 592 -11.92 19.78 -5.98
CA LYS A 592 -11.58 20.91 -5.12
C LYS A 592 -12.77 21.83 -4.93
N ASN A 593 -13.59 21.96 -5.97
CA ASN A 593 -14.76 22.84 -5.92
C ASN A 593 -16.05 22.17 -5.44
N TYR A 594 -16.03 20.84 -5.27
CA TYR A 594 -17.21 20.12 -4.82
C TYR A 594 -17.44 20.32 -3.33
N LYS A 595 -18.64 20.78 -2.96
CA LYS A 595 -18.92 21.23 -1.61
C LYS A 595 -19.41 20.14 -0.67
N ASN A 596 -20.60 19.59 -0.91
CA ASN A 596 -21.20 18.47 -0.19
C ASN A 596 -20.90 18.44 1.32
N PRO A 597 -21.50 19.35 2.09
CA PRO A 597 -21.19 19.45 3.53
C PRO A 597 -21.33 18.16 4.34
N ASN A 598 -21.88 17.11 3.74
CA ASN A 598 -22.05 15.85 4.48
C ASN A 598 -20.80 14.99 4.47
N LEU A 599 -19.78 15.36 3.71
CA LEU A 599 -18.63 14.52 3.44
C LEU A 599 -17.32 15.26 3.68
N THR A 600 -16.30 14.51 4.05
CA THR A 600 -14.97 15.06 4.20
C THR A 600 -14.06 14.29 3.27
N ILE A 601 -13.74 14.88 2.13
CA ILE A 601 -13.01 14.23 1.06
C ILE A 601 -11.52 14.49 1.15
N SER A 602 -10.76 13.43 0.91
CA SER A 602 -9.31 13.50 0.85
C SER A 602 -9.04 13.01 -0.58
N PHE A 603 -8.33 13.79 -1.37
CA PHE A 603 -8.07 13.38 -2.75
C PHE A 603 -6.61 13.50 -3.15
N THR A 604 -6.26 12.90 -4.28
CA THR A 604 -4.89 12.88 -4.81
C THR A 604 -4.86 12.55 -6.31
N ALA A 605 -3.74 12.80 -6.98
CA ALA A 605 -3.62 12.51 -8.40
C ALA A 605 -2.20 12.08 -8.73
N GLU A 606 -1.99 11.40 -9.85
CA GLU A 606 -0.63 10.97 -10.19
C GLU A 606 0.36 12.11 -10.46
N ARG A 607 -0.12 13.20 -11.02
CA ARG A 607 0.77 14.31 -11.33
C ARG A 607 0.73 15.39 -10.26
N SER A 608 0.33 15.04 -9.03
CA SER A 608 0.09 16.10 -8.06
C SER A 608 1.35 16.44 -7.29
N ILE A 609 2.22 15.46 -7.08
CA ILE A 609 3.43 15.72 -6.33
C ILE A 609 4.31 16.67 -7.12
N GLU A 610 4.44 16.44 -8.43
CA GLU A 610 5.27 17.34 -9.22
C GLU A 610 4.70 18.74 -9.18
N ASP A 611 3.37 18.86 -9.23
CA ASP A 611 2.73 20.17 -9.15
C ASP A 611 2.99 20.83 -7.81
N GLU A 612 2.94 20.07 -6.72
CA GLU A 612 3.21 20.69 -5.44
C GLU A 612 4.63 21.24 -5.39
N LEU A 613 5.58 20.51 -5.96
CA LEU A 613 6.95 21.00 -5.88
C LEU A 613 7.20 22.15 -6.83
N ASN A 614 6.63 22.11 -8.03
CA ASN A 614 6.71 23.26 -8.92
C ASN A 614 5.93 24.47 -8.40
N ARG A 615 4.90 24.19 -7.60
CA ARG A 615 4.11 25.21 -6.92
C ARG A 615 4.88 25.94 -5.80
N GLU A 616 5.62 25.16 -5.01
CA GLU A 616 6.44 25.65 -3.91
C GLU A 616 7.78 26.21 -4.36
N SER A 617 8.29 25.70 -5.46
CA SER A 617 9.57 26.14 -5.98
C SER A 617 9.52 27.62 -6.35
N ASP A 618 8.38 28.08 -6.85
CA ASP A 618 8.31 29.42 -7.37
C ASP A 618 7.82 30.46 -6.37
N SER A 619 7.25 30.05 -5.24
CA SER A 619 6.74 30.96 -4.22
C SER A 619 7.80 31.34 -3.19
N ASP A 620 9.07 31.01 -3.44
CA ASP A 620 10.20 31.38 -2.56
C ASP A 620 11.36 32.05 -3.28
N VAL A 621 11.29 32.28 -4.58
CA VAL A 621 12.29 33.12 -5.22
C VAL A 621 12.18 34.48 -4.58
N PHE A 622 10.99 34.84 -4.13
CA PHE A 622 10.84 36.04 -3.34
C PHE A 622 11.63 35.94 -2.04
N THR A 623 11.87 34.73 -1.56
CA THR A 623 12.74 34.57 -0.41
C THR A 623 14.19 34.80 -0.78
N VAL A 624 14.67 34.25 -1.90
CA VAL A 624 16.07 34.48 -2.24
C VAL A 624 16.33 35.94 -2.55
N VAL A 625 15.34 36.62 -3.15
CA VAL A 625 15.53 38.02 -3.46
C VAL A 625 15.60 38.83 -2.18
N ILE A 626 14.76 38.51 -1.19
CA ILE A 626 14.86 39.24 0.08
C ILE A 626 16.19 38.92 0.77
N SER A 627 16.66 37.68 0.62
CA SER A 627 17.96 37.32 1.21
C SER A 627 19.06 38.20 0.64
N TYR A 628 19.07 38.35 -0.68
CA TYR A 628 20.07 39.16 -1.35
C TYR A 628 19.96 40.60 -0.89
N ALA A 629 18.73 41.08 -0.70
CA ALA A 629 18.53 42.45 -0.28
C ALA A 629 19.14 42.68 1.10
N ILE A 630 18.95 41.74 2.01
CA ILE A 630 19.50 41.90 3.35
C ILE A 630 21.02 41.78 3.33
N MET A 631 21.55 40.87 2.51
CA MET A 631 23.00 40.77 2.36
C MET A 631 23.58 42.10 1.89
N PHE A 632 22.96 42.72 0.90
CA PHE A 632 23.47 43.99 0.39
C PHE A 632 23.34 45.09 1.43
N LEU A 633 22.25 45.09 2.18
CA LEU A 633 22.09 46.07 3.25
C LEU A 633 23.22 45.98 4.26
N TYR A 634 23.50 44.77 4.74
CA TYR A 634 24.59 44.60 5.70
C TYR A 634 25.92 45.01 5.08
N ILE A 635 26.18 44.58 3.84
CA ILE A 635 27.46 44.87 3.20
C ILE A 635 27.68 46.37 3.08
N SER A 636 26.63 47.12 2.77
CA SER A 636 26.77 48.56 2.61
C SER A 636 27.26 49.24 3.88
N LEU A 637 26.79 48.80 5.04
CA LEU A 637 27.21 49.47 6.27
C LEU A 637 28.47 48.84 6.85
N ALA A 638 28.74 47.58 6.53
CA ALA A 638 29.85 46.89 7.17
C ALA A 638 31.15 46.98 6.38
N LEU A 639 31.07 47.22 5.08
CA LEU A 639 32.25 47.33 4.23
C LEU A 639 33.15 48.50 4.62
N GLY A 640 33.97 48.27 5.63
CA GLY A 640 34.88 49.31 6.11
C GLY A 640 34.41 50.40 7.05
N HIS A 641 35.15 50.62 8.14
CA HIS A 641 34.88 51.75 9.02
C HIS A 641 35.97 51.83 10.08
N VAL A 650 30.00 60.17 4.65
CA VAL A 650 30.01 59.38 3.41
C VAL A 650 31.32 58.62 3.35
N ASP A 651 31.57 57.81 4.38
CA ASP A 651 32.71 56.90 4.41
C ASP A 651 32.35 55.55 3.84
N SER A 652 31.35 55.50 2.95
CA SER A 652 30.86 54.24 2.44
C SER A 652 31.46 53.84 1.10
N LYS A 653 31.71 52.56 0.88
CA LYS A 653 32.29 52.06 -0.39
C LYS A 653 31.24 51.31 -1.22
N VAL A 654 29.99 51.69 -1.03
CA VAL A 654 28.83 50.98 -1.58
C VAL A 654 28.88 50.72 -3.07
N SER A 655 29.53 51.62 -3.81
CA SER A 655 29.65 51.42 -5.24
C SER A 655 30.39 50.10 -5.48
N LEU A 656 31.36 49.78 -4.63
CA LEU A 656 32.16 48.57 -4.80
C LEU A 656 31.47 47.34 -4.24
N GLY A 657 30.73 47.47 -3.14
CA GLY A 657 29.98 46.32 -2.66
C GLY A 657 28.94 45.88 -3.68
N ILE A 658 28.28 46.85 -4.31
CA ILE A 658 27.36 46.51 -5.39
C ILE A 658 28.12 45.82 -6.52
N ALA A 659 29.32 46.31 -6.82
CA ALA A 659 30.11 45.69 -7.87
C ALA A 659 30.42 44.24 -7.53
N GLY A 660 30.69 43.97 -6.26
CA GLY A 660 30.95 42.63 -5.79
C GLY A 660 29.73 41.75 -5.92
N ILE A 661 28.57 42.29 -5.54
CA ILE A 661 27.34 41.51 -5.70
C ILE A 661 27.13 41.15 -7.16
N LEU A 662 27.35 42.11 -8.05
CA LEU A 662 27.19 41.82 -9.47
C LEU A 662 28.21 40.81 -9.96
N ILE A 663 29.46 40.88 -9.48
CA ILE A 663 30.44 39.89 -9.89
C ILE A 663 30.02 38.50 -9.43
N VAL A 664 29.48 38.41 -8.22
CA VAL A 664 29.04 37.13 -7.69
C VAL A 664 27.92 36.56 -8.55
N LEU A 665 26.92 37.39 -8.83
CA LEU A 665 25.80 36.94 -9.66
C LEU A 665 26.33 36.54 -11.03
N SER A 666 27.36 37.25 -11.48
CA SER A 666 27.98 36.96 -12.76
C SER A 666 28.59 35.56 -12.75
N SER A 667 29.23 35.22 -11.64
CA SER A 667 29.83 33.89 -11.45
C SER A 667 28.78 32.78 -11.45
N VAL A 668 27.68 33.02 -10.74
CA VAL A 668 26.57 32.07 -10.71
C VAL A 668 26.04 31.83 -12.10
N ALA A 669 25.63 32.91 -12.76
CA ALA A 669 25.05 32.80 -14.09
C ALA A 669 26.03 32.16 -15.05
N CYS A 670 27.32 32.48 -14.90
CA CYS A 670 28.32 31.95 -15.79
C CYS A 670 28.43 30.45 -15.64
N SER A 671 28.33 29.98 -14.40
CA SER A 671 28.36 28.55 -14.09
C SER A 671 27.15 27.84 -14.70
N LEU A 672 25.96 28.45 -14.58
CA LEU A 672 24.76 27.88 -15.18
C LEU A 672 24.87 27.82 -16.70
N GLY A 673 25.42 28.86 -17.32
CA GLY A 673 25.44 28.90 -18.76
C GLY A 673 26.47 27.95 -19.35
N VAL A 674 27.64 27.89 -18.73
CA VAL A 674 28.66 26.96 -19.19
C VAL A 674 28.13 25.54 -19.10
N PHE A 675 27.48 25.20 -17.99
CA PHE A 675 27.00 23.83 -17.87
C PHE A 675 25.79 23.58 -18.75
N SER A 676 25.04 24.62 -19.11
CA SER A 676 23.97 24.41 -20.09
C SER A 676 24.59 24.05 -21.43
N TYR A 677 25.61 24.78 -21.83
CA TYR A 677 26.36 24.36 -23.01
C TYR A 677 26.77 22.91 -22.84
N ILE A 678 27.37 22.58 -21.70
CA ILE A 678 27.83 21.22 -21.46
C ILE A 678 26.69 20.21 -21.52
N GLY A 679 25.47 20.61 -21.19
CA GLY A 679 24.34 19.72 -21.32
C GLY A 679 23.66 19.30 -20.03
N LEU A 680 24.07 19.89 -18.91
CA LEU A 680 23.43 19.53 -17.65
C LEU A 680 22.10 20.27 -17.50
N PRO A 681 21.00 19.58 -17.28
CA PRO A 681 19.72 20.29 -17.17
C PRO A 681 19.49 20.82 -15.78
N LEU A 682 18.69 21.87 -15.65
CA LEU A 682 18.41 22.52 -14.38
C LEU A 682 17.33 21.78 -13.60
N THR A 683 17.48 21.77 -12.27
CA THR A 683 16.51 21.13 -11.40
C THR A 683 15.58 22.13 -10.73
N LEU A 684 15.79 23.42 -10.98
CA LEU A 684 15.03 24.52 -10.42
C LEU A 684 15.04 24.59 -8.90
N ILE A 685 15.38 23.50 -8.21
CA ILE A 685 15.65 23.60 -6.79
C ILE A 685 17.06 24.14 -6.56
N VAL A 686 18.01 23.60 -7.32
CA VAL A 686 19.37 24.13 -7.27
C VAL A 686 19.38 25.60 -7.64
N ILE A 687 18.74 25.96 -8.75
CA ILE A 687 18.76 27.33 -9.27
C ILE A 687 18.27 28.25 -8.15
N GLU A 688 17.75 27.66 -7.09
CA GLU A 688 17.22 28.40 -5.95
C GLU A 688 18.06 28.26 -4.70
N VAL A 689 18.79 27.17 -4.53
CA VAL A 689 19.60 26.98 -3.33
C VAL A 689 21.06 27.37 -3.49
N ILE A 690 21.50 27.43 -4.76
CA ILE A 690 22.87 27.79 -5.14
C ILE A 690 23.36 29.24 -4.89
N PRO A 691 22.52 30.24 -5.20
CA PRO A 691 22.89 31.64 -4.97
C PRO A 691 23.24 32.01 -3.55
N PHE A 692 22.49 31.58 -2.55
CA PHE A 692 22.87 31.93 -1.19
C PHE A 692 24.31 31.52 -0.89
N LEU A 693 24.64 30.26 -1.16
CA LEU A 693 25.98 29.76 -0.85
C LEU A 693 27.03 30.57 -1.58
N VAL A 694 26.82 30.80 -2.87
CA VAL A 694 27.86 31.47 -3.64
C VAL A 694 28.05 32.89 -3.15
N LEU A 695 26.94 33.54 -2.78
CA LEU A 695 27.03 34.87 -2.21
C LEU A 695 27.83 34.87 -0.92
N ALA A 696 27.57 33.89 -0.06
CA ALA A 696 28.32 33.82 1.19
C ALA A 696 29.82 33.79 0.91
N VAL A 697 30.24 32.85 0.09
CA VAL A 697 31.68 32.70 -0.11
C VAL A 697 32.27 33.94 -0.79
N GLY A 698 31.60 34.47 -1.81
CA GLY A 698 32.18 35.62 -2.50
C GLY A 698 32.32 36.84 -1.61
N VAL A 699 31.31 37.09 -0.80
CA VAL A 699 31.35 38.24 0.11
C VAL A 699 32.45 38.05 1.14
N ASP A 700 32.66 36.79 1.55
CA ASP A 700 33.69 36.47 2.53
C ASP A 700 35.07 36.82 1.98
N ASN A 701 35.32 36.54 0.71
CA ASN A 701 36.61 36.88 0.11
C ASN A 701 36.78 38.38 -0.08
N ILE A 702 35.72 39.04 -0.55
CA ILE A 702 35.79 40.48 -0.80
C ILE A 702 36.17 41.21 0.48
N PHE A 703 35.53 40.87 1.59
CA PHE A 703 35.82 41.59 2.83
C PHE A 703 37.25 41.38 3.27
N ILE A 704 37.73 40.14 3.24
CA ILE A 704 39.12 39.88 3.59
C ILE A 704 40.03 40.85 2.85
N LEU A 705 39.88 40.90 1.53
CA LEU A 705 40.80 41.69 0.73
C LEU A 705 40.65 43.16 1.05
N VAL A 706 39.42 43.67 1.02
CA VAL A 706 39.20 45.10 1.18
C VAL A 706 39.71 45.57 2.54
N GLN A 707 39.51 44.74 3.56
CA GLN A 707 39.87 45.15 4.91
C GLN A 707 41.37 45.14 5.14
N ALA A 708 42.10 44.20 4.55
CA ALA A 708 43.55 44.29 4.73
C ALA A 708 44.08 45.62 4.18
N TYR A 709 43.45 46.11 3.11
CA TYR A 709 43.83 47.40 2.58
C TYR A 709 43.39 48.50 3.52
N GLN A 710 42.14 48.44 3.97
CA GLN A 710 41.65 49.51 4.82
C GLN A 710 42.56 49.64 6.03
N ARG A 711 43.10 48.52 6.50
CA ARG A 711 43.96 48.55 7.68
C ARG A 711 45.41 48.74 7.30
N ASP A 712 45.71 49.00 6.03
CA ASP A 712 47.10 49.15 5.60
C ASP A 712 47.47 50.62 5.50
N GLU A 713 48.67 50.92 6.00
CA GLU A 713 49.25 52.26 6.00
C GLU A 713 50.29 52.28 4.87
N ARG A 714 50.36 53.38 4.14
CA ARG A 714 51.26 53.42 2.99
C ARG A 714 52.69 53.67 3.46
N LEU A 715 53.58 52.84 2.93
CA LEU A 715 55.03 52.96 3.12
C LEU A 715 55.57 54.27 2.57
N GLN A 716 56.90 54.29 2.45
CA GLN A 716 57.63 55.48 2.00
C GLN A 716 57.49 55.94 0.55
N GLY A 717 57.57 54.99 -0.38
CA GLY A 717 57.48 55.35 -1.79
C GLY A 717 56.58 54.46 -2.62
N GLU A 718 55.29 54.50 -2.35
CA GLU A 718 54.34 53.72 -3.15
C GLU A 718 53.25 54.65 -3.64
N THR A 719 53.00 54.67 -4.94
CA THR A 719 51.93 55.53 -5.43
C THR A 719 50.64 54.91 -4.92
N LEU A 720 50.15 53.87 -5.58
CA LEU A 720 48.87 53.31 -5.18
C LEU A 720 48.96 51.82 -5.48
N ASP A 721 49.42 51.54 -6.70
CA ASP A 721 49.61 50.19 -7.18
C ASP A 721 50.66 49.44 -6.37
N GLN A 722 51.73 50.13 -5.98
CA GLN A 722 52.80 49.50 -5.22
C GLN A 722 52.26 48.99 -3.89
N GLN A 723 51.42 49.80 -3.25
CA GLN A 723 50.76 49.41 -2.01
C GLN A 723 49.80 48.26 -2.23
N LEU A 724 48.99 48.34 -3.29
CA LEU A 724 48.02 47.27 -3.52
C LEU A 724 48.70 45.97 -3.91
N GLY A 725 49.77 46.03 -4.68
CA GLY A 725 50.50 44.82 -4.99
C GLY A 725 51.11 44.19 -3.76
N ARG A 726 51.62 45.04 -2.86
CA ARG A 726 52.19 44.57 -1.59
C ARG A 726 51.14 43.90 -0.70
N VAL A 727 49.96 44.50 -0.61
CA VAL A 727 48.86 43.95 0.19
C VAL A 727 48.31 42.67 -0.42
N LEU A 728 48.16 42.64 -1.75
CA LEU A 728 47.61 41.47 -2.39
C LEU A 728 48.61 40.33 -2.35
N GLY A 729 49.89 40.65 -2.44
CA GLY A 729 50.93 39.64 -2.35
C GLY A 729 51.03 39.06 -0.97
N GLU A 730 50.63 39.83 0.03
CA GLU A 730 50.66 39.31 1.38
C GLU A 730 49.35 38.64 1.79
N VAL A 731 48.27 38.88 1.06
CA VAL A 731 46.97 38.31 1.39
C VAL A 731 46.52 37.21 0.45
N ALA A 732 47.14 37.06 -0.72
CA ALA A 732 46.58 36.17 -1.72
C ALA A 732 46.77 34.70 -1.40
N PRO A 733 47.90 34.25 -0.85
CA PRO A 733 48.01 32.82 -0.54
C PRO A 733 46.84 32.32 0.29
N SER A 734 46.37 33.11 1.25
CA SER A 734 45.28 32.70 2.12
C SER A 734 43.93 32.65 1.41
N MET A 735 43.60 33.74 0.70
CA MET A 735 42.36 33.78 -0.06
C MET A 735 42.33 32.67 -1.09
N PHE A 736 43.47 32.41 -1.71
CA PHE A 736 43.58 31.37 -2.71
C PHE A 736 43.39 30.01 -2.06
N LEU A 737 43.99 29.81 -0.89
CA LEU A 737 43.78 28.55 -0.18
C LEU A 737 42.31 28.31 0.10
N SER A 738 41.64 29.32 0.64
CA SER A 738 40.22 29.21 0.97
C SER A 738 39.33 28.94 -0.23
N SER A 739 39.62 29.62 -1.34
CA SER A 739 38.85 29.43 -2.56
C SER A 739 39.13 28.08 -3.22
N PHE A 740 40.37 27.64 -3.23
CA PHE A 740 40.69 26.39 -3.88
C PHE A 740 40.19 25.22 -3.07
N SER A 741 40.27 25.35 -1.75
CA SER A 741 39.79 24.33 -0.85
C SER A 741 38.28 24.13 -1.02
N GLU A 742 37.56 25.24 -1.22
CA GLU A 742 36.12 25.17 -1.37
C GLU A 742 35.71 24.64 -2.76
N THR A 743 36.38 25.12 -3.80
CA THR A 743 36.06 24.60 -5.12
C THR A 743 36.27 23.10 -5.17
N VAL A 744 37.43 22.64 -4.69
CA VAL A 744 37.71 21.21 -4.71
C VAL A 744 36.71 20.47 -3.84
N ALA A 745 36.38 21.01 -2.66
CA ALA A 745 35.41 20.34 -1.82
C ALA A 745 34.11 20.10 -2.58
N PHE A 746 33.60 21.14 -3.22
CA PHE A 746 32.33 20.97 -3.92
C PHE A 746 32.46 19.98 -5.06
N PHE A 747 33.42 20.22 -5.95
CA PHE A 747 33.57 19.31 -7.08
C PHE A 747 33.72 17.86 -6.63
N LEU A 748 34.58 17.61 -5.68
CA LEU A 748 34.70 16.24 -5.20
C LEU A 748 33.50 15.74 -4.59
N GLY A 749 32.68 16.52 -3.90
CA GLY A 749 31.42 15.97 -3.44
C GLY A 749 30.50 15.70 -4.60
N ALA A 750 30.86 16.25 -5.76
CA ALA A 750 30.16 15.93 -7.01
C ALA A 750 30.67 14.63 -7.62
N LEU A 751 30.73 13.58 -6.80
CA LEU A 751 31.11 12.27 -7.29
C LEU A 751 30.08 11.20 -6.97
N SER A 752 29.09 11.54 -6.14
CA SER A 752 28.02 10.64 -5.71
C SER A 752 27.06 10.26 -6.85
N VAL A 753 26.39 9.12 -6.73
CA VAL A 753 25.51 8.68 -7.80
C VAL A 753 24.08 9.10 -7.49
N MET A 754 23.70 10.27 -7.90
CA MET A 754 22.35 10.78 -7.77
C MET A 754 22.35 12.00 -8.68
N PRO A 755 21.54 12.05 -9.68
CA PRO A 755 21.59 13.19 -10.58
C PRO A 755 21.28 14.54 -9.97
N ALA A 756 20.51 14.59 -8.89
CA ALA A 756 20.20 15.91 -8.35
C ALA A 756 21.38 16.43 -7.57
N VAL A 757 22.00 15.57 -6.77
CA VAL A 757 23.14 16.01 -5.97
C VAL A 757 24.38 16.06 -6.86
N HIS A 758 24.46 15.15 -7.82
CA HIS A 758 25.59 15.12 -8.72
C HIS A 758 25.64 16.45 -9.46
N THR A 759 24.54 16.77 -10.13
CA THR A 759 24.44 18.00 -10.91
C THR A 759 24.59 19.26 -10.06
N PHE A 760 23.97 19.29 -8.88
CA PHE A 760 24.11 20.44 -8.01
C PHE A 760 25.56 20.66 -7.60
N SER A 761 26.23 19.56 -7.24
CA SER A 761 27.62 19.60 -6.78
C SER A 761 28.53 20.16 -7.87
N LEU A 762 28.33 19.70 -9.10
CA LEU A 762 29.11 20.24 -10.21
C LEU A 762 28.85 21.74 -10.36
N PHE A 763 27.58 22.11 -10.45
CA PHE A 763 27.25 23.51 -10.66
C PHE A 763 27.90 24.38 -9.61
N ALA A 764 27.78 24.01 -8.35
CA ALA A 764 28.26 24.89 -7.29
C ALA A 764 29.78 24.97 -7.30
N GLY A 765 30.45 23.87 -7.54
CA GLY A 765 31.89 23.94 -7.63
C GLY A 765 32.35 24.89 -8.72
N LEU A 766 31.79 24.72 -9.92
CA LEU A 766 32.21 25.60 -11.00
C LEU A 766 31.88 27.05 -10.69
N ALA A 767 30.73 27.30 -10.10
CA ALA A 767 30.35 28.68 -9.81
C ALA A 767 31.31 29.31 -8.81
N VAL A 768 31.68 28.57 -7.77
CA VAL A 768 32.61 29.09 -6.78
C VAL A 768 33.95 29.40 -7.44
N PHE A 769 34.43 28.50 -8.27
CA PHE A 769 35.72 28.74 -8.90
C PHE A 769 35.71 29.97 -9.79
N ILE A 770 34.71 30.05 -10.66
CA ILE A 770 34.65 31.19 -11.55
C ILE A 770 34.51 32.47 -10.77
N ASP A 771 33.76 32.41 -9.66
CA ASP A 771 33.57 33.57 -8.80
C ASP A 771 34.89 34.05 -8.19
N PHE A 772 35.71 33.11 -7.73
CA PHE A 772 37.02 33.45 -7.21
C PHE A 772 37.89 34.12 -8.26
N LEU A 773 37.96 33.52 -9.44
CA LEU A 773 38.82 34.07 -10.48
C LEU A 773 38.37 35.47 -10.89
N LEU A 774 37.09 35.61 -11.26
CA LEU A 774 36.57 36.90 -11.68
C LEU A 774 36.78 37.95 -10.60
N GLN A 775 36.56 37.55 -9.35
CA GLN A 775 36.72 38.44 -8.19
C GLN A 775 38.15 38.94 -7.95
N ILE A 776 39.14 38.06 -8.05
CA ILE A 776 40.53 38.47 -7.89
C ILE A 776 40.97 39.36 -9.04
N THR A 777 40.67 38.93 -10.27
CA THR A 777 40.97 39.68 -11.53
C THR A 777 40.25 41.03 -11.92
N CYS A 778 38.92 41.02 -11.92
CA CYS A 778 38.10 42.21 -12.14
C CYS A 778 38.10 43.22 -10.97
N PHE A 779 38.06 42.71 -9.74
CA PHE A 779 37.98 43.51 -8.53
C PHE A 779 39.32 44.08 -8.09
N VAL A 780 40.47 43.44 -8.36
CA VAL A 780 41.64 44.18 -7.90
C VAL A 780 41.87 45.43 -8.74
N SER A 781 41.64 45.33 -10.03
CA SER A 781 41.72 46.52 -10.88
C SER A 781 40.71 47.58 -10.48
N LEU A 782 39.45 47.18 -10.28
CA LEU A 782 38.43 48.15 -9.93
C LEU A 782 38.66 48.73 -8.54
N LEU A 783 39.30 47.96 -7.68
CA LEU A 783 39.64 48.48 -6.37
C LEU A 783 40.72 49.53 -6.48
N GLY A 784 41.71 49.29 -7.34
CA GLY A 784 42.69 50.33 -7.62
C GLY A 784 42.05 51.59 -8.16
N LEU A 785 41.13 51.44 -9.11
CA LEU A 785 40.48 52.61 -9.67
C LEU A 785 39.67 53.39 -8.63
N ASP A 786 38.92 52.66 -7.79
CA ASP A 786 38.13 53.29 -6.73
C ASP A 786 39.03 54.01 -5.71
N ILE A 787 40.12 53.35 -5.34
CA ILE A 787 41.09 53.91 -4.41
C ILE A 787 41.68 55.19 -4.96
N LYS A 788 42.06 55.21 -6.25
CA LYS A 788 42.42 56.53 -6.74
C LYS A 788 41.21 57.37 -6.46
N ARG A 789 40.05 56.92 -6.95
CA ARG A 789 38.80 57.67 -6.86
C ARG A 789 38.12 58.02 -5.52
N GLN A 790 38.10 57.10 -4.56
CA GLN A 790 37.38 57.34 -3.31
C GLN A 790 37.83 58.54 -2.48
N GLU A 791 39.14 58.76 -2.40
CA GLU A 791 39.72 59.82 -1.59
C GLU A 791 39.45 61.30 -1.87
N LYS A 792 39.35 61.70 -3.14
CA LYS A 792 39.25 63.12 -3.45
C LYS A 792 37.99 63.79 -2.93
N ASN A 793 37.16 63.11 -2.15
CA ASN A 793 35.90 63.64 -1.66
C ASN A 793 34.97 64.13 -2.77
N ARG A 794 34.59 63.20 -3.64
CA ARG A 794 33.71 63.60 -4.73
C ARG A 794 32.33 63.01 -4.47
N SER A 815 40.02 50.72 13.36
CA SER A 815 38.86 49.83 13.43
C SER A 815 38.38 49.63 14.86
N CYS A 816 37.08 49.37 15.00
CA CYS A 816 36.46 49.23 16.31
C CYS A 816 36.47 47.77 16.77
N LEU A 817 36.43 46.86 15.81
CA LEU A 817 36.48 45.43 16.12
C LEU A 817 37.90 45.01 16.48
N PHE A 818 38.87 45.42 15.67
CA PHE A 818 40.26 45.09 15.92
C PHE A 818 40.63 45.60 17.31
N ARG A 819 40.04 46.75 17.68
CA ARG A 819 40.26 47.29 19.01
C ARG A 819 39.71 46.34 20.07
N PHE A 820 38.61 45.67 19.74
CA PHE A 820 37.95 44.84 20.75
C PHE A 820 38.72 43.55 20.91
N PHE A 821 39.03 42.91 19.79
CA PHE A 821 39.69 41.63 19.84
C PHE A 821 41.03 41.74 20.54
N LYS A 822 41.81 42.76 20.19
CA LYS A 822 43.09 42.94 20.86
C LYS A 822 42.94 43.38 22.31
N ASN A 823 42.08 44.37 22.54
CA ASN A 823 41.83 44.95 23.86
C ASN A 823 41.22 44.09 24.97
N SER A 824 40.22 43.27 24.66
CA SER A 824 39.59 42.47 25.70
C SER A 824 39.33 41.01 25.38
N TYR A 825 39.30 40.64 24.10
CA TYR A 825 39.02 39.27 23.66
C TYR A 825 40.19 38.27 23.56
N SER A 826 41.30 38.68 22.95
CA SER A 826 42.46 37.85 22.81
C SER A 826 43.13 37.65 24.17
N PRO A 827 43.34 38.71 24.95
CA PRO A 827 43.97 38.54 26.25
C PRO A 827 43.15 37.68 27.18
N LEU A 828 41.85 37.95 27.23
CA LEU A 828 40.95 37.19 28.09
C LEU A 828 40.98 35.72 27.73
N LEU A 829 40.77 35.43 26.45
CA LEU A 829 40.69 34.05 26.00
C LEU A 829 41.95 33.27 26.32
N LEU A 830 43.09 33.94 26.41
CA LEU A 830 44.38 33.27 26.56
C LEU A 830 44.84 33.20 28.00
N LYS A 831 43.99 33.53 28.96
CA LYS A 831 44.42 33.35 30.33
C LYS A 831 44.77 31.89 30.54
N ASP A 832 45.47 31.62 31.63
CA ASP A 832 45.97 30.27 31.85
C ASP A 832 44.90 29.32 32.39
N TRP A 833 43.81 29.85 32.95
CA TRP A 833 42.77 28.96 33.47
C TRP A 833 41.56 28.82 32.55
N MET A 834 41.18 29.86 31.81
CA MET A 834 40.02 29.74 30.91
C MET A 834 40.30 28.81 29.74
N ARG A 835 41.56 28.77 29.29
CA ARG A 835 41.94 27.92 28.15
C ARG A 835 41.77 26.41 28.32
N PRO A 836 42.20 25.86 29.46
CA PRO A 836 41.92 24.42 29.68
C PRO A 836 40.45 24.12 29.73
N ILE A 837 39.66 24.98 30.36
CA ILE A 837 38.21 24.76 30.38
C ILE A 837 37.65 24.76 28.97
N VAL A 838 38.04 25.72 28.15
CA VAL A 838 37.49 25.76 26.80
C VAL A 838 37.85 24.50 26.04
N ILE A 839 39.11 24.08 26.11
CA ILE A 839 39.50 22.88 25.35
C ILE A 839 38.73 21.66 25.86
N ALA A 840 38.60 21.54 27.18
CA ALA A 840 37.87 20.41 27.73
C ALA A 840 36.42 20.41 27.25
N ILE A 841 35.77 21.57 27.32
CA ILE A 841 34.37 21.65 26.91
C ILE A 841 34.21 21.26 25.46
N PHE A 842 35.09 21.74 24.59
CA PHE A 842 34.90 21.45 23.18
C PHE A 842 35.15 19.98 22.87
N VAL A 843 36.14 19.38 23.52
CA VAL A 843 36.34 17.96 23.30
C VAL A 843 35.18 17.16 23.87
N GLY A 844 34.56 17.67 24.94
CA GLY A 844 33.39 17.01 25.47
C GLY A 844 32.21 17.05 24.54
N VAL A 845 31.97 18.21 23.93
CA VAL A 845 30.88 18.31 22.96
C VAL A 845 31.14 17.39 21.77
N LEU A 846 32.40 17.29 21.36
CA LEU A 846 32.70 16.38 20.26
C LEU A 846 32.45 14.94 20.68
N SER A 847 32.76 14.64 21.95
CA SER A 847 32.54 13.31 22.51
C SER A 847 31.05 12.97 22.49
N PHE A 848 30.22 13.94 22.88
CA PHE A 848 28.78 13.74 22.82
C PHE A 848 28.34 13.46 21.39
N SER A 849 28.84 14.26 20.45
CA SER A 849 28.44 14.10 19.07
C SER A 849 28.78 12.72 18.56
N ILE A 850 29.96 12.22 18.93
CA ILE A 850 30.33 10.89 18.51
C ILE A 850 29.47 9.86 19.21
N ALA A 851 28.97 10.18 20.39
CA ALA A 851 28.17 9.23 21.15
C ALA A 851 26.79 9.05 20.53
N VAL A 852 26.16 10.14 20.11
CA VAL A 852 24.78 10.08 19.62
C VAL A 852 24.76 9.96 18.11
N LEU A 853 25.88 9.49 17.54
CA LEU A 853 26.04 9.47 16.10
C LEU A 853 25.17 8.42 15.43
N ASN A 854 25.20 7.18 15.90
CA ASN A 854 24.52 6.11 15.18
C ASN A 854 23.01 6.07 15.38
N LYS A 855 22.43 7.18 15.84
CA LYS A 855 20.98 7.27 16.02
C LYS A 855 20.35 8.19 14.98
N VAL A 856 21.11 8.52 13.94
CA VAL A 856 20.65 9.45 12.92
C VAL A 856 19.65 8.76 11.99
N ASP A 857 18.63 9.50 11.60
CA ASP A 857 17.58 8.96 10.74
C ASP A 857 18.11 8.69 9.35
N ILE A 858 17.42 7.82 8.62
CA ILE A 858 17.73 7.51 7.23
C ILE A 858 16.45 7.70 6.42
N GLY A 859 16.50 8.60 5.47
CA GLY A 859 15.37 8.77 4.59
C GLY A 859 14.63 10.07 4.70
N LEU A 860 13.65 10.25 3.84
CA LEU A 860 12.84 11.46 3.76
C LEU A 860 11.37 11.16 3.97
N ASP A 861 10.70 12.05 4.71
CA ASP A 861 9.34 11.81 5.13
C ASP A 861 8.42 11.57 3.93
N GLN A 862 8.62 12.35 2.86
CA GLN A 862 7.80 12.23 1.66
C GLN A 862 6.54 13.05 1.89
N SER A 863 6.43 13.61 3.10
CA SER A 863 5.33 14.47 3.49
C SER A 863 5.78 15.92 3.75
N LEU A 864 7.08 16.11 3.95
CA LEU A 864 7.67 17.42 4.21
C LEU A 864 8.08 18.13 2.93
N SER A 865 8.10 17.43 1.80
CA SER A 865 8.42 18.08 0.54
C SER A 865 7.27 18.93 0.04
N MET A 866 6.16 18.88 0.74
CA MET A 866 4.97 19.62 0.36
C MET A 866 4.77 20.85 1.23
N PRO A 867 4.18 21.92 0.70
CA PRO A 867 3.83 23.06 1.55
C PRO A 867 2.94 22.62 2.69
N ASP A 868 2.81 23.50 3.68
CA ASP A 868 1.91 23.27 4.79
C ASP A 868 0.43 23.35 4.45
N ASP A 869 0.03 24.30 3.60
CA ASP A 869 -1.38 24.54 3.29
C ASP A 869 -1.87 23.65 2.16
N SER A 870 -1.09 22.63 1.79
CA SER A 870 -1.48 21.71 0.71
C SER A 870 -2.46 20.62 1.13
N TYR A 871 -3.31 20.20 0.19
CA TYR A 871 -4.27 19.12 0.43
C TYR A 871 -3.60 17.76 0.35
N MET A 872 -2.40 17.70 -0.21
CA MET A 872 -1.68 16.44 -0.25
C MET A 872 -1.21 16.02 1.13
N VAL A 873 -0.92 16.99 2.01
CA VAL A 873 -0.61 16.66 3.39
C VAL A 873 -1.79 15.99 4.06
N ASP A 874 -2.98 16.55 3.87
CA ASP A 874 -4.16 15.93 4.43
C ASP A 874 -4.34 14.54 3.83
N TYR A 875 -4.05 14.40 2.54
CA TYR A 875 -4.17 13.09 1.91
C TYR A 875 -3.22 12.09 2.54
N PHE A 876 -2.00 12.51 2.85
CA PHE A 876 -1.06 11.59 3.47
C PHE A 876 -1.50 11.22 4.87
N LYS A 877 -2.00 12.19 5.63
CA LYS A 877 -2.57 11.87 6.93
C LYS A 877 -3.68 10.85 6.79
N SER A 878 -4.56 11.05 5.82
CA SER A 878 -5.70 10.15 5.60
C SER A 878 -5.24 8.74 5.24
N ILE A 879 -4.24 8.64 4.37
CA ILE A 879 -3.67 7.34 4.03
C ILE A 879 -3.20 6.66 5.29
N SER A 880 -2.27 7.29 6.00
CA SER A 880 -1.67 6.64 7.16
C SER A 880 -2.71 6.27 8.20
N GLN A 881 -3.79 7.03 8.26
CA GLN A 881 -4.80 6.81 9.28
C GLN A 881 -5.87 5.81 8.90
N TYR A 882 -6.12 5.57 7.61
CA TYR A 882 -7.26 4.75 7.22
C TYR A 882 -6.87 3.55 6.36
N LEU A 883 -5.96 3.70 5.41
CA LEU A 883 -5.80 2.62 4.44
C LEU A 883 -5.30 1.36 5.11
N HIS A 884 -5.66 0.23 4.53
CA HIS A 884 -5.25 -1.07 5.03
C HIS A 884 -4.39 -1.82 4.03
N ALA A 885 -4.38 -1.40 2.76
CA ALA A 885 -3.51 -2.03 1.77
C ALA A 885 -2.51 -0.99 1.28
N GLY A 886 -1.42 -1.46 0.66
CA GLY A 886 -0.40 -0.56 0.17
C GLY A 886 -0.15 -0.69 -1.32
N PRO A 887 1.05 -0.30 -1.74
CA PRO A 887 1.42 -0.39 -3.15
C PRO A 887 1.52 -1.84 -3.60
N PRO A 888 1.10 -2.12 -4.81
CA PRO A 888 1.20 -3.48 -5.37
C PRO A 888 2.64 -3.89 -5.61
N VAL A 889 2.89 -5.19 -5.49
CA VAL A 889 4.19 -5.79 -5.76
C VAL A 889 4.06 -6.75 -6.93
N TYR A 890 5.09 -6.78 -7.78
CA TYR A 890 5.09 -7.75 -8.88
C TYR A 890 6.36 -8.59 -8.73
N PHE A 891 6.18 -9.88 -8.50
CA PHE A 891 7.35 -10.75 -8.44
C PHE A 891 7.67 -11.33 -9.81
N VAL A 892 8.46 -10.62 -10.58
CA VAL A 892 8.70 -10.98 -11.96
C VAL A 892 9.67 -12.14 -11.99
N LEU A 893 9.20 -13.27 -12.49
CA LEU A 893 10.06 -14.42 -12.75
C LEU A 893 10.67 -14.18 -14.12
N GLU A 894 11.97 -13.98 -14.12
CA GLU A 894 12.63 -13.51 -15.33
C GLU A 894 12.49 -14.56 -16.43
N GLU A 895 12.89 -14.19 -17.64
CA GLU A 895 12.79 -15.10 -18.76
C GLU A 895 13.80 -16.23 -18.69
N GLY A 896 13.33 -17.45 -18.96
CA GLY A 896 14.19 -18.61 -18.98
C GLY A 896 13.60 -19.84 -18.33
N HIS A 897 12.48 -19.70 -17.63
CA HIS A 897 11.83 -20.85 -17.02
C HIS A 897 11.05 -21.63 -18.07
N ASP A 898 10.82 -22.91 -17.79
CA ASP A 898 10.25 -23.80 -18.79
C ASP A 898 8.74 -23.71 -18.92
N TYR A 899 8.01 -24.04 -17.86
CA TYR A 899 6.57 -23.99 -17.77
C TYR A 899 5.92 -25.13 -18.52
N THR A 900 6.66 -25.91 -19.31
CA THR A 900 6.05 -26.99 -20.07
C THR A 900 6.57 -28.35 -19.63
N SER A 901 6.79 -28.53 -18.34
CA SER A 901 7.31 -29.81 -17.86
C SER A 901 6.85 -30.01 -16.43
N SER A 902 6.77 -31.28 -16.03
CA SER A 902 6.36 -31.56 -14.67
C SER A 902 7.20 -30.82 -13.64
N LYS A 903 8.53 -30.95 -13.73
CA LYS A 903 9.39 -30.30 -12.75
C LYS A 903 9.44 -28.80 -12.96
N GLY A 904 9.49 -28.36 -14.21
CA GLY A 904 9.48 -26.95 -14.50
C GLY A 904 8.25 -26.26 -13.96
N GLN A 905 7.15 -27.01 -13.83
CA GLN A 905 5.94 -26.46 -13.25
C GLN A 905 5.98 -26.60 -11.74
N ASN A 906 6.59 -27.67 -11.26
CA ASN A 906 6.68 -27.88 -9.83
C ASN A 906 7.51 -26.82 -9.13
N MET A 907 8.54 -26.28 -9.78
CA MET A 907 9.30 -25.26 -9.08
C MET A 907 8.52 -23.97 -8.85
N VAL A 908 7.45 -23.74 -9.60
CA VAL A 908 6.73 -22.47 -9.52
C VAL A 908 5.36 -22.78 -8.96
N CYS A 909 4.98 -24.03 -9.10
CA CYS A 909 3.60 -24.45 -8.90
C CYS A 909 3.12 -24.23 -7.48
N GLY A 910 2.03 -23.49 -7.36
CA GLY A 910 1.41 -23.11 -6.10
C GLY A 910 0.33 -24.13 -5.83
N GLY A 911 0.69 -25.41 -5.78
CA GLY A 911 -0.31 -26.45 -5.77
C GLY A 911 0.08 -27.70 -5.03
N MET A 912 -0.45 -28.82 -5.51
CA MET A 912 -0.47 -30.15 -4.90
C MET A 912 0.85 -30.91 -5.03
N GLY A 913 1.27 -31.22 -6.24
CA GLY A 913 2.43 -32.09 -6.39
C GLY A 913 3.71 -31.30 -6.46
N CYS A 914 3.58 -30.00 -6.70
CA CYS A 914 4.74 -29.15 -6.86
C CYS A 914 5.32 -28.85 -5.48
N ASN A 915 6.61 -28.50 -5.44
CA ASN A 915 7.35 -28.54 -4.20
C ASN A 915 6.65 -27.73 -3.11
N ASN A 916 7.06 -27.95 -1.88
CA ASN A 916 6.49 -27.25 -0.74
C ASN A 916 7.26 -25.95 -0.52
N ASP A 917 8.32 -25.79 -1.30
CA ASP A 917 9.15 -24.59 -1.27
C ASP A 917 9.03 -23.79 -2.56
N SER A 918 7.94 -24.05 -3.29
CA SER A 918 7.64 -23.40 -4.57
C SER A 918 7.39 -21.91 -4.45
N LEU A 919 7.66 -21.16 -5.52
CA LEU A 919 7.54 -19.72 -5.49
C LEU A 919 6.25 -19.20 -4.86
N VAL A 920 5.12 -19.72 -5.30
CA VAL A 920 3.87 -19.18 -4.82
C VAL A 920 3.73 -19.47 -3.34
N GLN A 921 4.14 -20.66 -2.92
CA GLN A 921 4.03 -20.99 -1.51
C GLN A 921 4.98 -20.16 -0.67
N GLN A 922 6.16 -19.85 -1.19
CA GLN A 922 7.08 -19.03 -0.42
C GLN A 922 6.52 -17.62 -0.25
N ILE A 923 5.91 -17.08 -1.30
CA ILE A 923 5.30 -15.77 -1.17
C ILE A 923 4.11 -15.83 -0.23
N PHE A 924 3.41 -16.97 -0.23
CA PHE A 924 2.29 -17.15 0.68
C PHE A 924 2.76 -17.16 2.13
N ASN A 925 3.84 -17.87 2.40
CA ASN A 925 4.38 -17.88 3.75
C ASN A 925 4.80 -16.49 4.17
N ALA A 926 5.54 -15.80 3.31
CA ALA A 926 5.90 -14.42 3.62
C ALA A 926 4.67 -13.60 3.98
N ALA A 927 3.60 -13.74 3.20
CA ALA A 927 2.38 -13.00 3.52
C ALA A 927 1.75 -13.48 4.81
N GLN A 928 1.99 -14.73 5.18
CA GLN A 928 1.48 -15.25 6.44
C GLN A 928 2.19 -14.62 7.63
N LEU A 929 3.46 -14.28 7.45
CA LEU A 929 4.20 -13.56 8.48
C LEU A 929 3.73 -12.11 8.60
N ASP A 930 3.85 -11.36 7.52
CA ASP A 930 3.17 -10.05 7.45
C ASP A 930 3.77 -8.88 8.19
N ASN A 931 4.74 -9.16 9.06
CA ASN A 931 5.39 -8.02 9.71
C ASN A 931 6.89 -8.13 9.58
N TYR A 932 7.42 -9.35 9.79
CA TYR A 932 8.81 -9.62 9.51
C TYR A 932 9.05 -9.57 8.02
N THR A 933 7.94 -9.45 7.30
CA THR A 933 7.90 -9.25 5.86
C THR A 933 6.68 -8.33 5.68
N ARG A 934 6.83 -7.21 4.98
CA ARG A 934 5.66 -6.35 4.78
C ARG A 934 4.90 -6.68 3.51
N ILE A 935 4.53 -7.94 3.33
CA ILE A 935 3.72 -8.36 2.18
C ILE A 935 2.41 -8.92 2.70
N GLY A 936 1.32 -8.25 2.37
CA GLY A 936 0.08 -8.49 3.07
C GLY A 936 -0.85 -9.57 2.58
N PHE A 937 -0.83 -9.94 1.30
CA PHE A 937 -1.87 -10.81 0.79
C PHE A 937 -1.30 -11.87 -0.12
N ALA A 938 -2.14 -12.82 -0.49
CA ALA A 938 -1.68 -13.99 -1.20
C ALA A 938 -1.37 -13.65 -2.65
N PRO A 939 -0.57 -14.44 -3.30
CA PRO A 939 -0.07 -14.07 -4.63
C PRO A 939 -1.15 -13.90 -5.68
N SER A 940 -2.20 -14.72 -5.59
CA SER A 940 -3.26 -14.72 -6.59
C SER A 940 -2.67 -15.12 -7.95
N SER A 941 -1.86 -16.19 -7.90
CA SER A 941 -1.11 -16.73 -9.04
C SER A 941 -2.01 -17.14 -10.18
N TRP A 942 -1.49 -16.96 -11.40
CA TRP A 942 -2.29 -17.21 -12.58
C TRP A 942 -2.24 -18.66 -13.03
N ILE A 943 -1.19 -19.38 -12.66
CA ILE A 943 -1.06 -20.75 -13.16
C ILE A 943 -1.97 -21.68 -12.38
N ASP A 944 -2.18 -21.40 -11.09
CA ASP A 944 -3.11 -22.20 -10.32
C ASP A 944 -4.52 -22.03 -10.88
N ASP A 945 -4.87 -20.79 -11.21
CA ASP A 945 -6.16 -20.52 -11.82
C ASP A 945 -6.26 -21.18 -13.18
N TYR A 946 -5.18 -21.16 -13.95
CA TYR A 946 -5.21 -21.78 -15.26
C TYR A 946 -5.51 -23.26 -15.12
N PHE A 947 -4.87 -23.92 -14.15
CA PHE A 947 -5.15 -25.34 -13.97
C PHE A 947 -6.57 -25.59 -13.50
N ASP A 948 -7.07 -24.73 -12.62
CA ASP A 948 -8.42 -24.90 -12.12
C ASP A 948 -9.37 -24.80 -13.29
N TRP A 949 -9.07 -23.86 -14.18
CA TRP A 949 -9.87 -23.61 -15.37
C TRP A 949 -9.84 -24.80 -16.32
N VAL A 950 -8.67 -25.38 -16.53
CA VAL A 950 -8.48 -26.44 -17.51
C VAL A 950 -8.99 -27.78 -17.00
N LYS A 951 -9.25 -27.92 -15.71
CA LYS A 951 -9.68 -29.22 -15.21
C LYS A 951 -10.95 -29.69 -15.89
N PRO A 952 -11.03 -30.97 -16.25
CA PRO A 952 -12.23 -31.45 -16.94
C PRO A 952 -13.50 -31.25 -16.15
N GLN A 953 -13.39 -31.32 -14.82
CA GLN A 953 -14.56 -31.18 -13.94
C GLN A 953 -15.23 -29.82 -14.12
N SER A 954 -14.42 -28.77 -14.16
CA SER A 954 -14.97 -27.45 -14.46
C SER A 954 -15.72 -27.44 -15.78
N SER A 955 -15.08 -27.98 -16.81
CA SER A 955 -15.71 -28.09 -18.12
C SER A 955 -15.87 -26.75 -18.81
N CYS A 956 -15.18 -25.72 -18.31
CA CYS A 956 -15.29 -24.42 -18.95
C CYS A 956 -14.72 -24.39 -20.35
N CYS A 957 -13.56 -25.01 -20.54
CA CYS A 957 -12.90 -25.09 -21.84
C CYS A 957 -13.59 -26.14 -22.70
N ARG A 958 -13.73 -25.84 -23.97
CA ARG A 958 -14.30 -26.80 -24.91
C ARG A 958 -13.96 -26.38 -26.32
N VAL A 959 -13.31 -27.28 -27.04
CA VAL A 959 -12.82 -26.98 -28.38
C VAL A 959 -13.69 -27.72 -29.38
N ASP A 960 -13.68 -27.21 -30.60
CA ASP A 960 -14.33 -27.83 -31.74
C ASP A 960 -13.46 -29.05 -32.06
N ASN A 961 -14.06 -30.10 -32.61
CA ASN A 961 -13.31 -31.31 -32.89
C ASN A 961 -12.47 -31.14 -34.13
N ILE A 962 -12.97 -30.44 -35.14
CA ILE A 962 -12.28 -30.29 -36.41
C ILE A 962 -11.51 -28.99 -36.51
N THR A 963 -11.94 -27.93 -35.86
CA THR A 963 -11.30 -26.62 -36.00
C THR A 963 -10.31 -26.32 -34.89
N ASP A 964 -10.35 -27.05 -33.79
CA ASP A 964 -9.47 -26.82 -32.66
C ASP A 964 -9.60 -25.39 -32.13
N GLN A 965 -10.84 -24.91 -32.14
CA GLN A 965 -11.21 -23.57 -31.69
C GLN A 965 -11.87 -23.63 -30.31
N PHE A 966 -11.70 -22.56 -29.53
CA PHE A 966 -12.24 -22.53 -28.17
C PHE A 966 -13.75 -22.34 -28.13
N CYS A 967 -14.50 -23.34 -27.66
CA CYS A 967 -15.93 -23.14 -27.42
C CYS A 967 -16.19 -22.48 -26.07
N ASN A 968 -16.82 -21.32 -26.12
CA ASN A 968 -17.15 -20.55 -24.93
C ASN A 968 -17.97 -21.42 -24.00
N ALA A 969 -18.08 -21.03 -22.73
CA ALA A 969 -18.91 -21.80 -21.82
C ALA A 969 -20.40 -21.60 -22.10
N SER A 970 -20.71 -20.55 -22.84
CA SER A 970 -22.07 -20.32 -23.28
C SER A 970 -21.97 -20.57 -24.77
N VAL A 971 -22.42 -21.75 -25.20
CA VAL A 971 -22.40 -22.11 -26.61
C VAL A 971 -23.41 -23.22 -26.85
N VAL A 972 -23.90 -23.29 -28.09
CA VAL A 972 -24.97 -24.22 -28.44
C VAL A 972 -24.56 -25.67 -28.22
N ASP A 973 -23.28 -25.91 -27.93
CA ASP A 973 -22.74 -27.25 -27.73
C ASP A 973 -22.97 -28.13 -28.97
N PRO A 974 -22.71 -27.64 -30.17
CA PRO A 974 -23.03 -28.48 -31.32
C PRO A 974 -22.19 -29.73 -31.41
N ALA A 975 -20.86 -29.62 -31.51
CA ALA A 975 -20.08 -30.85 -31.50
C ALA A 975 -18.75 -30.70 -30.78
N CYS A 976 -18.63 -29.69 -29.93
CA CYS A 976 -17.35 -29.42 -29.27
C CYS A 976 -17.19 -30.27 -28.02
N VAL A 977 -16.04 -30.90 -27.90
CA VAL A 977 -15.67 -31.80 -26.82
C VAL A 977 -14.71 -31.15 -25.84
N ARG A 978 -14.59 -31.80 -24.69
CA ARG A 978 -13.72 -31.37 -23.60
C ARG A 978 -12.26 -31.40 -24.04
N CYS A 979 -11.51 -30.43 -23.53
CA CYS A 979 -10.11 -30.26 -23.84
C CYS A 979 -9.31 -31.47 -23.39
N ARG A 980 -9.48 -31.83 -22.14
CA ARG A 980 -8.75 -32.93 -21.55
C ARG A 980 -9.65 -34.15 -21.49
N PRO A 981 -9.17 -35.30 -21.96
CA PRO A 981 -10.01 -36.50 -21.93
C PRO A 981 -10.38 -36.80 -20.49
N LEU A 982 -11.65 -37.14 -20.30
CA LEU A 982 -12.21 -37.39 -18.97
C LEU A 982 -11.89 -38.79 -18.52
N THR A 983 -10.62 -39.03 -18.18
CA THR A 983 -10.19 -40.33 -17.70
C THR A 983 -9.27 -40.10 -16.51
N PRO A 984 -8.80 -41.14 -15.81
CA PRO A 984 -7.90 -40.89 -14.68
C PRO A 984 -6.60 -40.21 -15.07
N GLU A 985 -6.14 -40.48 -16.29
CA GLU A 985 -4.92 -39.85 -16.79
C GLU A 985 -5.18 -38.42 -17.28
N GLY A 986 -6.39 -38.16 -17.75
CA GLY A 986 -6.69 -36.86 -18.29
C GLY A 986 -6.90 -35.82 -17.22
N LYS A 987 -7.18 -36.26 -16.01
CA LYS A 987 -7.35 -35.34 -14.90
C LYS A 987 -6.05 -34.60 -14.58
N GLN A 988 -4.90 -35.27 -14.75
CA GLN A 988 -3.59 -34.75 -14.43
C GLN A 988 -3.33 -33.43 -15.16
N ARG A 989 -2.23 -32.78 -14.80
CA ARG A 989 -1.87 -31.53 -15.44
C ARG A 989 -1.37 -31.73 -16.87
N PRO A 990 -1.61 -30.78 -17.76
CA PRO A 990 -1.19 -30.73 -19.18
C PRO A 990 0.30 -30.41 -19.36
N GLN A 991 1.15 -31.44 -19.29
CA GLN A 991 2.57 -31.17 -19.22
C GLN A 991 3.19 -30.91 -20.59
N GLY A 992 2.67 -31.52 -21.66
CA GLY A 992 3.39 -31.39 -22.92
C GLY A 992 3.16 -30.13 -23.73
N GLY A 993 2.96 -30.27 -25.04
CA GLY A 993 2.64 -29.10 -25.86
C GLY A 993 1.21 -28.64 -25.69
N ASP A 994 0.38 -29.50 -25.09
CA ASP A 994 -0.99 -29.14 -24.76
C ASP A 994 -1.05 -27.98 -23.78
N PHE A 995 -0.11 -27.94 -22.84
CA PHE A 995 -0.06 -26.81 -21.91
C PHE A 995 -0.19 -25.49 -22.69
N MET A 996 0.76 -25.24 -23.56
CA MET A 996 0.73 -24.03 -24.36
C MET A 996 -0.51 -24.04 -25.24
N ARG A 997 -0.87 -25.22 -25.73
CA ARG A 997 -1.98 -25.36 -26.67
C ARG A 997 -3.25 -24.76 -26.11
N PHE A 998 -3.46 -24.93 -24.81
CA PHE A 998 -4.71 -24.49 -24.21
C PHE A 998 -4.53 -23.18 -23.45
N LEU A 999 -3.29 -22.79 -23.20
CA LEU A 999 -3.05 -21.57 -22.45
C LEU A 999 -3.60 -20.32 -23.12
N PRO A 1000 -3.38 -20.12 -24.41
CA PRO A 1000 -3.90 -18.91 -25.05
C PRO A 1000 -5.40 -18.78 -24.94
N MET A 1001 -6.10 -19.89 -25.06
CA MET A 1001 -7.55 -19.85 -24.92
C MET A 1001 -7.92 -19.42 -23.52
N PHE A 1002 -7.16 -19.88 -22.53
CA PHE A 1002 -7.39 -19.44 -21.17
C PHE A 1002 -7.23 -17.92 -21.06
N LEU A 1003 -6.13 -17.39 -21.59
CA LEU A 1003 -5.93 -15.94 -21.45
C LEU A 1003 -6.96 -15.15 -22.23
N SER A 1004 -7.63 -15.82 -23.16
CA SER A 1004 -8.69 -15.22 -23.96
C SER A 1004 -10.10 -15.48 -23.38
N ASP A 1005 -10.19 -16.27 -22.32
CA ASP A 1005 -11.47 -16.58 -21.70
C ASP A 1005 -12.09 -15.37 -21.00
N ASN A 1006 -13.41 -15.24 -21.07
CA ASN A 1006 -14.10 -14.12 -20.45
C ASN A 1006 -14.85 -14.61 -19.21
N PRO A 1007 -15.39 -13.69 -18.44
CA PRO A 1007 -16.09 -14.06 -17.21
C PRO A 1007 -17.47 -14.65 -17.45
N ASN A 1008 -17.55 -15.95 -17.71
CA ASN A 1008 -18.86 -16.53 -18.01
C ASN A 1008 -19.62 -16.82 -16.72
N PRO A 1009 -20.92 -16.51 -16.65
CA PRO A 1009 -21.66 -16.78 -15.42
C PRO A 1009 -21.73 -18.26 -15.09
N LYS A 1010 -21.76 -19.11 -16.10
CA LYS A 1010 -21.79 -20.55 -15.88
C LYS A 1010 -20.40 -21.11 -15.63
N CYS A 1011 -19.38 -20.53 -16.25
CA CYS A 1011 -18.03 -21.03 -16.04
C CYS A 1011 -17.42 -20.47 -14.76
N GLY A 1012 -17.25 -19.15 -14.69
CA GLY A 1012 -16.56 -18.50 -13.62
C GLY A 1012 -15.88 -17.25 -14.10
N LYS A 1013 -14.74 -16.96 -13.47
CA LYS A 1013 -13.95 -15.77 -13.79
C LYS A 1013 -13.33 -15.81 -15.18
N GLY A 1014 -12.85 -16.96 -15.63
CA GLY A 1014 -12.13 -16.96 -16.87
C GLY A 1014 -10.78 -16.29 -16.63
N GLY A 1015 -9.87 -16.49 -17.58
CA GLY A 1015 -8.51 -16.01 -17.45
C GLY A 1015 -8.06 -14.88 -18.34
N HIS A 1016 -8.97 -14.02 -18.80
CA HIS A 1016 -8.58 -12.91 -19.68
C HIS A 1016 -8.44 -11.52 -19.04
N ALA A 1017 -9.26 -11.27 -18.01
CA ALA A 1017 -9.31 -10.02 -17.28
C ALA A 1017 -8.24 -9.90 -16.27
N ALA A 1018 -7.49 -10.94 -15.99
CA ALA A 1018 -6.54 -10.91 -14.90
C ALA A 1018 -5.13 -11.30 -15.29
N TYR A 1019 -4.95 -12.11 -16.33
CA TYR A 1019 -3.64 -12.69 -16.63
C TYR A 1019 -3.13 -12.40 -18.02
N SER A 1020 -3.91 -11.70 -18.85
CA SER A 1020 -3.49 -11.42 -20.22
C SER A 1020 -2.18 -10.65 -20.13
N SER A 1021 -2.15 -9.71 -19.19
CA SER A 1021 -0.95 -8.96 -18.90
C SER A 1021 0.16 -9.80 -18.22
N ALA A 1022 -0.26 -10.73 -17.36
CA ALA A 1022 0.68 -11.48 -16.55
C ALA A 1022 1.40 -12.60 -17.30
N VAL A 1023 0.93 -12.92 -18.49
CA VAL A 1023 1.55 -13.98 -19.28
C VAL A 1023 2.06 -13.48 -20.61
N ASN A 1024 3.28 -13.88 -20.94
CA ASN A 1024 3.90 -13.51 -22.20
C ASN A 1024 4.05 -14.75 -23.05
N ILE A 1025 3.70 -14.66 -24.32
CA ILE A 1025 3.83 -15.80 -25.21
C ILE A 1025 4.81 -15.45 -26.33
N LEU A 1026 5.76 -16.34 -26.57
CA LEU A 1026 6.75 -16.09 -27.62
C LEU A 1026 6.43 -16.99 -28.80
N LEU A 1027 6.21 -16.39 -29.96
CA LEU A 1027 5.88 -17.13 -31.17
C LEU A 1027 7.07 -17.90 -31.75
N GLY A 1028 6.79 -19.14 -32.14
CA GLY A 1028 7.80 -20.00 -32.74
C GLY A 1028 8.68 -20.70 -31.71
N HIS A 1029 9.56 -21.56 -32.18
CA HIS A 1029 10.51 -22.27 -31.33
C HIS A 1029 9.82 -23.01 -30.17
N GLY A 1030 8.73 -23.70 -30.46
CA GLY A 1030 8.00 -24.43 -29.44
C GLY A 1030 7.03 -23.57 -28.63
N THR A 1031 6.86 -22.31 -29.06
CA THR A 1031 5.95 -21.39 -28.39
C THR A 1031 6.22 -21.26 -26.89
N ARG A 1032 7.49 -21.14 -26.53
CA ARG A 1032 7.88 -21.02 -25.13
C ARG A 1032 7.30 -19.78 -24.48
N VAL A 1033 6.90 -19.93 -23.23
CA VAL A 1033 6.32 -18.83 -22.45
C VAL A 1033 7.33 -17.75 -22.09
N GLY A 1034 6.87 -16.51 -22.13
CA GLY A 1034 7.66 -15.32 -21.81
C GLY A 1034 7.64 -15.00 -20.33
N ALA A 1035 8.23 -13.86 -19.96
CA ALA A 1035 8.29 -13.45 -18.56
C ALA A 1035 6.88 -13.24 -17.99
N THR A 1036 6.71 -13.63 -16.73
CA THR A 1036 5.44 -13.54 -16.04
C THR A 1036 5.65 -13.02 -14.63
N TYR A 1037 4.59 -12.48 -14.04
CA TYR A 1037 4.66 -11.96 -12.69
C TYR A 1037 3.50 -12.43 -11.84
N PHE A 1038 3.70 -12.41 -10.52
CA PHE A 1038 2.71 -12.81 -9.54
C PHE A 1038 2.51 -11.66 -8.56
N MET A 1039 1.47 -10.85 -8.76
CA MET A 1039 1.39 -9.58 -8.06
C MET A 1039 0.61 -9.72 -6.77
N THR A 1040 1.24 -9.21 -5.70
CA THR A 1040 0.78 -9.23 -4.32
C THR A 1040 0.85 -7.80 -3.78
N TYR A 1041 0.18 -7.53 -2.67
CA TYR A 1041 0.11 -6.18 -2.16
C TYR A 1041 1.01 -6.02 -0.96
N HIS A 1042 1.56 -4.83 -0.79
CA HIS A 1042 2.31 -4.51 0.39
C HIS A 1042 1.36 -4.14 1.51
N THR A 1043 1.92 -4.02 2.70
CA THR A 1043 1.14 -3.56 3.85
C THR A 1043 1.16 -2.05 3.87
N VAL A 1044 0.21 -1.46 4.61
CA VAL A 1044 0.18 -0.01 4.67
C VAL A 1044 1.56 0.46 5.12
N LEU A 1045 2.19 1.27 4.28
CA LEU A 1045 3.53 1.80 4.51
C LEU A 1045 3.45 3.28 4.86
N GLN A 1046 3.95 3.61 6.04
CA GLN A 1046 3.78 4.97 6.55
C GLN A 1046 5.07 5.79 6.60
N THR A 1047 6.21 5.17 6.87
CA THR A 1047 7.47 5.91 7.03
C THR A 1047 8.62 5.40 6.18
N SER A 1048 9.63 6.25 5.95
CA SER A 1048 10.75 5.86 5.11
C SER A 1048 11.37 4.56 5.59
N ALA A 1049 11.47 4.40 6.90
CA ALA A 1049 11.98 3.17 7.46
C ALA A 1049 11.14 2.01 6.95
N ASP A 1050 9.83 2.24 6.93
CA ASP A 1050 8.88 1.23 6.45
C ASP A 1050 9.11 0.89 4.98
N PHE A 1051 9.39 1.89 4.15
CA PHE A 1051 9.61 1.63 2.74
C PHE A 1051 10.90 0.85 2.53
N ILE A 1052 11.96 1.23 3.24
CA ILE A 1052 13.23 0.54 3.07
C ILE A 1052 13.13 -0.90 3.55
N ASP A 1053 12.41 -1.11 4.65
CA ASP A 1053 12.25 -2.48 5.13
C ASP A 1053 11.51 -3.32 4.12
N ALA A 1054 10.49 -2.75 3.50
CA ALA A 1054 9.73 -3.49 2.51
C ALA A 1054 10.62 -3.88 1.34
N LEU A 1055 11.37 -2.92 0.81
CA LEU A 1055 12.31 -3.25 -0.27
C LEU A 1055 13.23 -4.39 0.14
N LYS A 1056 13.88 -4.24 1.29
CA LYS A 1056 14.85 -5.23 1.72
C LYS A 1056 14.22 -6.61 1.72
N LYS A 1057 13.02 -6.71 2.29
CA LYS A 1057 12.46 -8.04 2.51
C LYS A 1057 11.92 -8.64 1.22
N ALA A 1058 11.41 -7.80 0.30
CA ALA A 1058 11.05 -8.32 -1.01
C ALA A 1058 12.28 -8.88 -1.71
N ARG A 1059 13.40 -8.17 -1.61
CA ARG A 1059 14.62 -8.68 -2.21
C ARG A 1059 15.00 -10.00 -1.57
N LEU A 1060 14.82 -10.10 -0.26
CA LEU A 1060 15.15 -11.33 0.44
C LEU A 1060 14.35 -12.52 -0.09
N ILE A 1061 13.03 -12.34 -0.22
CA ILE A 1061 12.20 -13.43 -0.74
C ILE A 1061 12.64 -13.82 -2.14
N ALA A 1062 12.88 -12.82 -3.00
CA ALA A 1062 13.29 -13.13 -4.36
C ALA A 1062 14.62 -13.86 -4.37
N SER A 1063 15.52 -13.44 -3.49
CA SER A 1063 16.84 -14.04 -3.38
C SER A 1063 16.72 -15.50 -2.97
N ASN A 1064 15.83 -15.79 -2.02
CA ASN A 1064 15.61 -17.16 -1.62
C ASN A 1064 15.10 -18.01 -2.77
N VAL A 1065 14.10 -17.53 -3.50
CA VAL A 1065 13.61 -18.36 -4.59
C VAL A 1065 14.69 -18.57 -5.63
N THR A 1066 15.44 -17.51 -5.92
CA THR A 1066 16.50 -17.58 -6.94
C THR A 1066 17.57 -18.60 -6.55
N GLU A 1067 17.97 -18.59 -5.28
CA GLU A 1067 18.93 -19.54 -4.74
C GLU A 1067 18.43 -21.00 -4.72
N THR A 1068 17.16 -21.19 -4.35
CA THR A 1068 16.57 -22.52 -4.26
C THR A 1068 16.37 -23.12 -5.63
N MET A 1069 16.11 -22.29 -6.64
CA MET A 1069 15.87 -22.84 -7.96
C MET A 1069 17.10 -23.56 -8.50
N GLY A 1070 18.29 -23.24 -7.99
CA GLY A 1070 19.48 -23.94 -8.43
C GLY A 1070 19.76 -23.87 -9.92
N ILE A 1071 20.02 -22.67 -10.43
CA ILE A 1071 20.29 -22.49 -11.85
C ILE A 1071 21.73 -22.88 -12.16
N ASN A 1072 21.92 -23.52 -13.31
CA ASN A 1072 23.25 -23.89 -13.80
C ASN A 1072 24.01 -22.65 -14.26
N GLY A 1073 24.23 -21.76 -13.31
CA GLY A 1073 24.82 -20.44 -13.52
C GLY A 1073 23.91 -19.33 -13.07
N SER A 1074 23.79 -18.26 -13.85
CA SER A 1074 22.86 -17.17 -13.55
C SER A 1074 22.14 -16.71 -14.81
N ALA A 1075 21.68 -17.65 -15.61
CA ALA A 1075 21.00 -17.29 -16.85
C ALA A 1075 19.81 -16.37 -16.60
N TYR A 1076 19.09 -16.57 -15.50
CA TYR A 1076 17.95 -15.74 -15.17
C TYR A 1076 17.76 -15.70 -13.66
N ARG A 1077 16.94 -14.76 -13.21
CA ARG A 1077 16.61 -14.67 -11.79
C ARG A 1077 15.31 -13.93 -11.53
N VAL A 1078 14.66 -14.29 -10.42
CA VAL A 1078 13.46 -13.62 -9.95
C VAL A 1078 13.83 -12.29 -9.31
N PHE A 1079 12.99 -11.29 -9.50
CA PHE A 1079 13.19 -10.04 -8.82
C PHE A 1079 11.86 -9.34 -8.61
N PRO A 1080 11.68 -8.66 -7.50
CA PRO A 1080 10.43 -7.95 -7.23
C PRO A 1080 10.48 -6.50 -7.71
N TYR A 1081 9.35 -6.05 -8.22
CA TYR A 1081 9.17 -4.67 -8.67
C TYR A 1081 8.01 -3.99 -7.98
N SER A 1082 8.26 -2.84 -7.37
CA SER A 1082 7.21 -2.00 -6.83
C SER A 1082 7.47 -0.56 -7.23
N VAL A 1083 6.50 0.33 -7.06
CA VAL A 1083 6.65 1.64 -7.65
C VAL A 1083 7.74 2.47 -6.96
N PHE A 1084 7.84 2.41 -5.64
CA PHE A 1084 8.77 3.25 -4.88
C PHE A 1084 10.18 2.66 -4.81
N TYR A 1085 10.44 1.53 -5.46
CA TYR A 1085 11.75 0.92 -5.32
C TYR A 1085 12.86 1.79 -5.89
N VAL A 1086 12.59 2.48 -7.00
CA VAL A 1086 13.62 3.31 -7.61
C VAL A 1086 13.96 4.48 -6.71
N PHE A 1087 12.98 4.98 -5.98
CA PHE A 1087 13.26 6.13 -5.12
C PHE A 1087 13.91 5.72 -3.82
N TYR A 1088 13.75 4.46 -3.42
CA TYR A 1088 14.28 4.05 -2.13
C TYR A 1088 15.41 3.03 -2.24
N GLU A 1089 15.96 2.80 -3.41
CA GLU A 1089 17.06 1.85 -3.49
C GLU A 1089 18.42 2.40 -3.08
N GLN A 1090 18.57 3.72 -2.97
CA GLN A 1090 19.84 4.31 -2.57
C GLN A 1090 20.14 4.11 -1.09
N TYR A 1091 19.11 3.92 -0.28
CA TYR A 1091 19.35 3.82 1.15
C TYR A 1091 19.83 2.43 1.54
N LEU A 1092 20.10 1.58 0.56
CA LEU A 1092 20.69 0.30 0.88
C LEU A 1092 22.18 0.40 0.82
N THR A 1093 22.70 1.53 0.33
CA THR A 1093 24.12 1.80 0.31
C THR A 1093 24.47 3.23 0.68
N ILE A 1094 23.55 3.96 1.31
CA ILE A 1094 23.85 5.36 1.57
C ILE A 1094 24.91 5.48 2.64
N ILE A 1095 24.96 4.55 3.58
CA ILE A 1095 25.96 4.66 4.63
C ILE A 1095 27.36 4.53 4.05
N ASP A 1096 27.59 3.55 3.18
CA ASP A 1096 28.93 3.45 2.61
C ASP A 1096 29.18 4.56 1.60
N ASP A 1097 28.12 5.08 0.98
CA ASP A 1097 28.29 6.21 0.08
C ASP A 1097 28.74 7.46 0.84
N THR A 1098 28.09 7.73 1.97
CA THR A 1098 28.50 8.84 2.82
C THR A 1098 29.90 8.65 3.36
N ILE A 1099 30.20 7.48 3.89
CA ILE A 1099 31.55 7.25 4.41
C ILE A 1099 32.57 7.58 3.33
N PHE A 1100 32.43 6.97 2.17
CA PHE A 1100 33.40 7.19 1.11
C PHE A 1100 33.49 8.66 0.77
N ASN A 1101 32.34 9.30 0.57
CA ASN A 1101 32.30 10.71 0.16
C ASN A 1101 32.94 11.69 1.14
N LEU A 1102 32.67 11.50 2.43
CA LEU A 1102 33.28 12.35 3.44
C LEU A 1102 34.77 12.07 3.59
N GLY A 1103 35.15 10.79 3.65
CA GLY A 1103 36.56 10.49 3.80
C GLY A 1103 37.38 11.04 2.65
N VAL A 1104 36.87 10.88 1.43
CA VAL A 1104 37.63 11.36 0.29
C VAL A 1104 37.70 12.88 0.30
N SER A 1105 36.60 13.55 0.62
CA SER A 1105 36.62 15.01 0.65
C SER A 1105 37.61 15.50 1.68
N LEU A 1106 37.68 14.83 2.83
CA LEU A 1106 38.59 15.29 3.86
C LEU A 1106 40.02 14.98 3.48
N GLY A 1107 40.26 13.88 2.80
CA GLY A 1107 41.60 13.62 2.33
C GLY A 1107 42.04 14.61 1.27
N ALA A 1108 41.11 14.99 0.39
CA ALA A 1108 41.43 16.01 -0.60
C ALA A 1108 41.74 17.35 0.05
N ILE A 1109 40.92 17.76 1.03
CA ILE A 1109 41.23 18.99 1.75
C ILE A 1109 42.62 18.89 2.38
N PHE A 1110 42.90 17.77 3.04
CA PHE A 1110 44.20 17.58 3.67
C PHE A 1110 45.32 17.78 2.67
N LEU A 1111 45.25 17.08 1.54
CA LEU A 1111 46.32 17.14 0.56
C LEU A 1111 46.50 18.55 0.02
N VAL A 1112 45.40 19.19 -0.37
CA VAL A 1112 45.50 20.53 -0.93
C VAL A 1112 46.14 21.46 0.08
N THR A 1113 45.74 21.30 1.35
CA THR A 1113 46.27 22.10 2.46
C THR A 1113 47.76 21.88 2.74
N MET A 1114 48.20 20.62 2.71
CA MET A 1114 49.60 20.29 2.97
C MET A 1114 50.46 20.68 1.78
N VAL A 1115 49.83 20.92 0.63
CA VAL A 1115 50.59 21.37 -0.52
C VAL A 1115 50.67 22.90 -0.55
N LEU A 1116 49.53 23.56 -0.45
CA LEU A 1116 49.52 25.01 -0.60
C LEU A 1116 50.20 25.70 0.58
N LEU A 1117 50.03 25.21 1.79
CA LEU A 1117 50.69 25.95 2.87
C LEU A 1117 52.18 25.71 2.91
N GLY A 1118 52.75 25.05 1.92
CA GLY A 1118 54.17 24.75 1.97
C GLY A 1118 54.31 23.24 2.05
N CYS A 1119 54.90 22.76 3.15
CA CYS A 1119 54.83 21.34 3.46
C CYS A 1119 54.66 21.07 4.95
N GLU A 1120 54.26 22.07 5.71
CA GLU A 1120 54.23 21.91 7.15
C GLU A 1120 53.03 21.07 7.56
N LEU A 1121 53.21 19.77 7.40
CA LEU A 1121 52.18 18.80 7.76
C LEU A 1121 51.50 19.09 9.09
N TRP A 1122 52.15 19.79 9.99
CA TRP A 1122 51.55 19.99 11.30
C TRP A 1122 50.36 20.94 11.23
N SER A 1123 50.52 22.06 10.53
CA SER A 1123 49.39 22.98 10.39
C SER A 1123 48.24 22.35 9.62
N ALA A 1124 48.56 21.63 8.56
CA ALA A 1124 47.55 21.00 7.74
C ALA A 1124 46.79 19.95 8.53
N VAL A 1125 47.50 19.15 9.30
CA VAL A 1125 46.87 18.08 10.06
C VAL A 1125 46.00 18.72 11.13
N ILE A 1126 46.46 19.83 11.70
CA ILE A 1126 45.64 20.51 12.70
C ILE A 1126 44.34 21.00 12.08
N MET A 1127 44.44 21.62 10.90
CA MET A 1127 43.23 22.10 10.24
C MET A 1127 42.30 20.95 9.93
N CYS A 1128 42.84 19.85 9.42
CA CYS A 1128 41.99 18.71 9.09
C CYS A 1128 41.30 18.18 10.33
N ALA A 1129 42.02 18.12 11.45
CA ALA A 1129 41.38 17.64 12.67
C ALA A 1129 40.27 18.58 13.10
N THR A 1130 40.47 19.88 12.94
CA THR A 1130 39.41 20.80 13.32
C THR A 1130 38.18 20.65 12.42
N ILE A 1131 38.40 20.46 11.12
CA ILE A 1131 37.25 20.29 10.23
C ILE A 1131 36.54 18.97 10.48
N ALA A 1132 37.29 17.93 10.83
CA ALA A 1132 36.64 16.68 11.19
C ALA A 1132 35.80 16.84 12.44
N MET A 1133 36.31 17.59 13.42
CA MET A 1133 35.49 17.90 14.59
C MET A 1133 34.23 18.65 14.18
N VAL A 1134 34.36 19.59 13.27
CA VAL A 1134 33.20 20.34 12.82
C VAL A 1134 32.16 19.40 12.22
N LEU A 1135 32.61 18.43 11.42
CA LEU A 1135 31.67 17.53 10.79
C LEU A 1135 30.96 16.65 11.82
N VAL A 1136 31.72 16.12 12.77
CA VAL A 1136 31.12 15.29 13.79
C VAL A 1136 30.09 16.07 14.59
N ASN A 1137 30.39 17.33 14.89
CA ASN A 1137 29.41 18.13 15.60
C ASN A 1137 28.21 18.45 14.71
N MET A 1138 28.42 18.52 13.41
CA MET A 1138 27.32 18.66 12.48
C MET A 1138 26.38 17.47 12.56
N PHE A 1139 26.95 16.26 12.66
CA PHE A 1139 26.11 15.08 12.80
C PHE A 1139 25.35 15.09 14.10
N GLY A 1140 26.00 15.57 15.17
CA GLY A 1140 25.29 15.70 16.43
C GLY A 1140 24.11 16.64 16.35
N VAL A 1141 24.29 17.79 15.72
CA VAL A 1141 23.18 18.71 15.57
C VAL A 1141 22.09 18.12 14.70
N MET A 1142 22.48 17.38 13.66
CA MET A 1142 21.53 16.62 12.86
C MET A 1142 20.64 15.78 13.75
N TRP A 1143 21.24 14.92 14.56
CA TRP A 1143 20.45 14.06 15.42
C TRP A 1143 19.56 14.90 16.32
N LEU A 1144 20.05 16.07 16.72
CA LEU A 1144 19.35 16.83 17.75
C LEU A 1144 18.11 17.52 17.18
N TRP A 1145 18.15 17.97 15.92
CA TRP A 1145 16.94 18.57 15.39
C TRP A 1145 16.10 17.63 14.54
N GLY A 1146 16.45 16.36 14.45
CA GLY A 1146 15.59 15.44 13.75
C GLY A 1146 15.68 15.58 12.24
N ILE A 1147 16.87 15.94 11.75
CA ILE A 1147 17.15 15.94 10.33
C ILE A 1147 17.60 14.55 9.93
N SER A 1148 17.22 14.11 8.73
CA SER A 1148 17.55 12.76 8.33
C SER A 1148 18.75 12.75 7.40
N LEU A 1149 19.42 11.60 7.35
CA LEU A 1149 20.62 11.40 6.53
C LEU A 1149 20.31 10.90 5.12
N ASN A 1150 19.70 11.74 4.31
CA ASN A 1150 19.50 11.33 2.93
C ASN A 1150 20.59 11.96 2.06
N ALA A 1151 20.40 11.88 0.74
CA ALA A 1151 21.45 12.40 -0.14
C ALA A 1151 21.51 13.93 -0.18
N VAL A 1152 20.57 14.60 0.47
CA VAL A 1152 20.60 16.05 0.48
C VAL A 1152 21.34 16.44 1.74
N SER A 1153 21.05 15.71 2.80
CA SER A 1153 21.73 15.92 4.07
C SER A 1153 23.20 15.62 3.84
N LEU A 1154 23.47 14.58 3.05
CA LEU A 1154 24.85 14.18 2.78
C LEU A 1154 25.56 15.21 1.91
N VAL A 1155 24.87 15.75 0.91
CA VAL A 1155 25.53 16.77 0.11
C VAL A 1155 25.85 17.99 0.95
N ASN A 1156 24.92 18.40 1.81
CA ASN A 1156 25.21 19.57 2.62
C ASN A 1156 26.35 19.33 3.59
N LEU A 1157 26.50 18.11 4.09
CA LEU A 1157 27.64 17.87 4.97
C LEU A 1157 28.94 17.89 4.20
N VAL A 1158 29.01 17.21 3.05
CA VAL A 1158 30.23 17.28 2.28
C VAL A 1158 30.53 18.71 1.87
N MET A 1159 29.51 19.55 1.78
CA MET A 1159 29.80 20.95 1.50
C MET A 1159 30.30 21.70 2.73
N SER A 1160 29.67 21.46 3.87
CA SER A 1160 30.10 22.16 5.07
C SER A 1160 31.54 21.83 5.39
N CYS A 1161 31.96 20.60 5.11
CA CYS A 1161 33.33 20.26 5.45
C CYS A 1161 34.31 21.04 4.61
N GLY A 1162 33.83 21.69 3.54
CA GLY A 1162 34.65 22.44 2.62
C GLY A 1162 34.50 23.92 2.90
N ILE A 1163 33.41 24.27 3.59
CA ILE A 1163 33.20 25.66 3.99
C ILE A 1163 33.86 25.96 5.32
N SER A 1164 34.08 24.92 6.14
CA SER A 1164 34.74 25.11 7.42
C SER A 1164 36.15 25.65 7.23
N VAL A 1165 36.83 25.16 6.19
CA VAL A 1165 38.18 25.62 5.92
C VAL A 1165 38.20 27.13 5.88
N GLU A 1166 37.10 27.70 5.38
CA GLU A 1166 37.06 29.14 5.17
C GLU A 1166 37.40 29.79 6.49
N PHE A 1167 36.92 29.20 7.56
CA PHE A 1167 37.26 29.73 8.88
C PHE A 1167 38.63 29.27 9.33
N CYS A 1168 38.80 27.97 9.46
CA CYS A 1168 40.02 27.43 10.06
C CYS A 1168 41.32 27.81 9.35
N SER A 1169 41.27 28.33 8.12
CA SER A 1169 42.46 28.58 7.32
C SER A 1169 43.12 29.90 7.63
N HIS A 1170 42.34 30.97 7.75
CA HIS A 1170 42.92 32.28 7.98
C HIS A 1170 43.71 32.28 9.26
N ILE A 1171 43.10 31.85 10.35
CA ILE A 1171 43.77 31.87 11.64
C ILE A 1171 45.06 31.06 11.57
N THR A 1172 44.98 29.86 11.01
CA THR A 1172 46.15 28.99 11.01
C THR A 1172 47.27 29.60 10.19
N ARG A 1173 46.90 30.30 9.11
CA ARG A 1173 47.85 31.01 8.26
C ARG A 1173 48.52 32.16 9.02
N ALA A 1174 47.73 32.92 9.78
CA ALA A 1174 48.23 34.00 10.60
C ALA A 1174 49.16 33.47 11.69
N PHE A 1175 48.89 32.27 12.19
CA PHE A 1175 49.81 31.64 13.13
C PHE A 1175 51.09 31.21 12.45
N THR A 1176 50.97 30.52 11.33
CA THR A 1176 52.16 29.95 10.71
C THR A 1176 53.13 31.06 10.34
N VAL A 1177 52.67 32.06 9.60
CA VAL A 1177 53.54 33.15 9.17
C VAL A 1177 53.53 34.18 10.29
N SER A 1178 54.34 33.92 11.30
CA SER A 1178 54.49 34.82 12.43
C SER A 1178 55.91 34.69 12.97
N MET A 1179 56.44 35.77 13.51
CA MET A 1179 57.78 35.73 14.09
C MET A 1179 57.85 36.26 15.52
N LYS A 1180 56.80 36.10 16.30
CA LYS A 1180 56.86 36.44 17.72
C LYS A 1180 57.57 35.35 18.51
N GLY A 1181 57.72 35.58 19.81
CA GLY A 1181 58.49 34.70 20.65
C GLY A 1181 57.81 33.41 21.05
N SER A 1182 56.70 33.49 21.78
CA SER A 1182 56.12 32.28 22.36
C SER A 1182 54.91 31.83 21.55
N ARG A 1183 54.48 30.60 21.78
CA ARG A 1183 53.38 29.99 21.07
C ARG A 1183 52.13 30.81 21.36
N VAL A 1184 52.02 31.23 22.61
CA VAL A 1184 50.88 31.99 23.09
C VAL A 1184 50.84 33.31 22.34
N GLU A 1185 52.01 33.95 22.23
CA GLU A 1185 52.14 35.24 21.56
C GLU A 1185 51.76 35.14 20.09
N ARG A 1186 52.21 34.09 19.42
CA ARG A 1186 51.84 33.89 18.02
C ARG A 1186 50.33 33.70 17.88
N ALA A 1187 49.74 32.91 18.78
CA ALA A 1187 48.30 32.68 18.68
C ALA A 1187 47.51 33.95 18.86
N GLU A 1188 47.86 34.73 19.88
CA GLU A 1188 47.17 35.99 20.18
C GLU A 1188 47.31 37.00 19.04
N GLU A 1189 48.52 37.08 18.48
CA GLU A 1189 48.81 37.99 17.39
C GLU A 1189 47.98 37.64 16.16
N ALA A 1190 47.95 36.35 15.82
CA ALA A 1190 47.08 35.88 14.75
C ALA A 1190 45.63 36.17 15.05
N LEU A 1191 45.19 35.95 16.28
CA LEU A 1191 43.79 36.22 16.58
C LEU A 1191 43.46 37.67 16.31
N ALA A 1192 44.13 38.58 17.01
CA ALA A 1192 43.86 39.99 16.75
C ALA A 1192 43.82 40.23 15.25
N HIS A 1193 44.96 40.02 14.58
CA HIS A 1193 45.13 40.45 13.20
C HIS A 1193 44.03 39.89 12.30
N MET A 1194 43.95 38.58 12.17
CA MET A 1194 43.04 38.02 11.18
C MET A 1194 41.60 37.88 11.66
N GLY A 1195 41.39 37.48 12.91
CA GLY A 1195 40.02 37.33 13.38
C GLY A 1195 39.27 38.63 13.45
N SER A 1196 39.97 39.76 13.52
CA SER A 1196 39.18 40.98 13.44
C SER A 1196 38.46 41.11 12.11
N SER A 1197 39.15 40.69 11.06
CA SER A 1197 38.60 40.59 9.70
C SER A 1197 37.59 39.44 9.50
N VAL A 1198 37.88 38.29 10.11
CA VAL A 1198 37.09 37.06 9.92
C VAL A 1198 35.77 37.09 10.67
N PHE A 1199 35.70 37.77 11.81
CA PHE A 1199 34.43 37.78 12.50
C PHE A 1199 33.43 38.71 11.84
N SER A 1200 33.91 39.80 11.26
CA SER A 1200 32.96 40.73 10.68
C SER A 1200 32.60 40.28 9.28
N GLY A 1201 33.52 39.61 8.62
CA GLY A 1201 33.30 39.20 7.25
C GLY A 1201 32.41 38.02 6.95
N ILE A 1202 32.90 36.82 7.25
CA ILE A 1202 32.19 35.55 7.07
C ILE A 1202 30.99 35.16 7.96
N THR A 1203 31.09 35.43 9.26
CA THR A 1203 30.11 35.01 10.24
C THR A 1203 28.84 35.83 10.19
N LEU A 1204 28.97 37.13 10.37
CA LEU A 1204 27.81 38.00 10.45
C LEU A 1204 27.02 37.97 9.15
N THR A 1205 27.74 37.97 8.02
CA THR A 1205 27.13 37.94 6.69
C THR A 1205 26.33 36.67 6.38
N LYS A 1206 26.91 35.53 6.73
CA LYS A 1206 26.23 34.25 6.59
C LYS A 1206 25.03 34.21 7.53
N PHE A 1207 25.19 34.79 8.72
CA PHE A 1207 24.13 34.73 9.73
C PHE A 1207 22.92 35.54 9.30
N GLY A 1208 23.15 36.75 8.80
CA GLY A 1208 22.05 37.51 8.22
C GLY A 1208 21.35 36.77 7.11
N GLY A 1209 22.12 36.14 6.23
CA GLY A 1209 21.50 35.38 5.15
C GLY A 1209 20.60 34.26 5.66
N ILE A 1210 21.11 33.48 6.61
CA ILE A 1210 20.34 32.35 7.12
C ILE A 1210 19.11 32.81 7.87
N VAL A 1211 19.20 33.92 8.60
CA VAL A 1211 18.05 34.38 9.36
C VAL A 1211 16.94 34.82 8.42
N VAL A 1212 17.31 35.27 7.23
CA VAL A 1212 16.32 35.60 6.21
C VAL A 1212 15.76 34.33 5.62
N LEU A 1213 16.59 33.30 5.49
CA LEU A 1213 16.05 32.08 4.89
C LEU A 1213 15.19 31.31 5.88
N ALA A 1214 15.31 31.62 7.17
CA ALA A 1214 14.57 30.89 8.19
C ALA A 1214 13.07 30.91 7.97
N PHE A 1215 12.55 31.85 7.18
CA PHE A 1215 11.13 31.86 6.87
C PHE A 1215 10.84 31.28 5.50
N ALA A 1216 10.77 29.97 5.40
CA ALA A 1216 10.66 29.30 4.12
C ALA A 1216 9.18 29.02 3.83
N LYS A 1217 8.95 28.35 2.72
CA LYS A 1217 7.63 27.98 2.26
C LYS A 1217 7.56 26.58 1.70
N SER A 1218 8.73 25.96 1.47
CA SER A 1218 8.80 24.61 0.92
C SER A 1218 9.10 23.51 1.93
N GLN A 1219 9.27 23.86 3.20
CA GLN A 1219 9.59 22.88 4.22
C GLN A 1219 10.96 22.26 4.04
N ILE A 1220 11.26 21.78 2.83
CA ILE A 1220 12.57 21.16 2.62
C ILE A 1220 13.69 22.16 2.88
N PHE A 1221 13.52 23.40 2.41
CA PHE A 1221 14.52 24.40 2.68
C PHE A 1221 14.58 24.66 4.17
N GLN A 1222 13.48 25.16 4.72
CA GLN A 1222 13.33 25.57 6.09
C GLN A 1222 13.80 24.50 7.06
N ILE A 1223 13.86 23.25 6.63
CA ILE A 1223 14.33 22.23 7.55
C ILE A 1223 15.80 21.97 7.31
N PHE A 1224 16.17 21.69 6.06
CA PHE A 1224 17.51 21.15 5.86
C PHE A 1224 18.50 22.24 5.58
N TYR A 1225 18.22 23.07 4.60
CA TYR A 1225 19.16 24.16 4.36
C TYR A 1225 19.24 25.09 5.56
N PHE A 1226 18.11 25.57 6.06
CA PHE A 1226 18.18 26.48 7.19
C PHE A 1226 18.88 25.84 8.37
N ARG A 1227 18.42 24.68 8.85
CA ARG A 1227 19.06 24.16 10.05
C ARG A 1227 20.52 23.79 9.80
N MET A 1228 20.83 23.13 8.68
CA MET A 1228 22.21 22.76 8.40
C MET A 1228 23.12 23.98 8.26
N TYR A 1229 22.64 25.05 7.65
CA TYR A 1229 23.50 26.20 7.47
C TYR A 1229 23.70 26.93 8.79
N LEU A 1230 22.63 27.11 9.56
CA LEU A 1230 22.83 27.70 10.87
C LEU A 1230 23.83 26.89 11.66
N ALA A 1231 23.65 25.57 11.70
CA ALA A 1231 24.60 24.73 12.42
C ALA A 1231 26.02 24.92 11.91
N MET A 1232 26.20 24.80 10.59
CA MET A 1232 27.53 24.90 10.01
C MET A 1232 28.20 26.24 10.28
N VAL A 1233 27.44 27.30 10.21
CA VAL A 1233 27.96 28.64 10.43
C VAL A 1233 28.35 28.81 11.90
N LEU A 1234 27.42 28.54 12.81
CA LEU A 1234 27.70 28.83 14.20
C LEU A 1234 28.73 27.89 14.76
N LEU A 1235 28.76 26.65 14.28
CA LEU A 1235 29.78 25.71 14.69
C LEU A 1235 31.15 26.15 14.22
N GLY A 1236 31.27 26.55 12.97
CA GLY A 1236 32.55 27.02 12.48
C GLY A 1236 32.98 28.29 13.18
N ALA A 1237 32.05 29.18 13.46
CA ALA A 1237 32.41 30.39 14.18
C ALA A 1237 32.97 30.06 15.54
N THR A 1238 32.24 29.29 16.33
CA THR A 1238 32.74 28.95 17.65
C THR A 1238 34.09 28.26 17.54
N HIS A 1239 34.17 27.22 16.72
CA HIS A 1239 35.43 26.48 16.61
C HIS A 1239 36.57 27.39 16.21
N GLY A 1240 36.47 28.04 15.05
CA GLY A 1240 37.52 28.95 14.63
C GLY A 1240 37.88 29.90 15.74
N LEU A 1241 36.97 30.80 16.09
CA LEU A 1241 37.33 31.92 16.94
C LEU A 1241 37.61 31.50 18.37
N ILE A 1242 37.44 30.23 18.72
CA ILE A 1242 37.76 29.86 20.09
C ILE A 1242 38.67 28.65 20.24
N PHE A 1243 38.28 27.53 19.67
CA PHE A 1243 39.06 26.31 19.83
C PHE A 1243 40.35 26.33 19.02
N LEU A 1244 40.34 26.97 17.88
CA LEU A 1244 41.62 27.13 17.21
C LEU A 1244 42.64 27.97 17.95
N PRO A 1245 42.27 29.11 18.47
CA PRO A 1245 43.22 29.86 19.28
C PRO A 1245 43.90 29.00 20.33
N VAL A 1246 43.10 28.31 21.13
CA VAL A 1246 43.63 27.58 22.28
C VAL A 1246 44.42 26.37 21.83
N LEU A 1247 43.86 25.60 20.90
CA LEU A 1247 44.55 24.41 20.44
C LEU A 1247 45.89 24.77 19.82
N LEU A 1248 45.93 25.89 19.09
CA LEU A 1248 47.18 26.31 18.50
C LEU A 1248 48.17 26.76 19.57
N SER A 1249 47.68 27.47 20.56
CA SER A 1249 48.55 27.94 21.61
C SER A 1249 49.18 26.72 22.27
N TYR A 1250 48.42 25.63 22.33
CA TYR A 1250 48.90 24.43 22.99
C TYR A 1250 49.87 23.62 22.14
N ILE A 1251 49.48 23.27 20.92
CA ILE A 1251 50.22 22.28 20.16
C ILE A 1251 50.63 22.74 18.77
N GLY A 1252 50.90 24.03 18.60
CA GLY A 1252 51.20 24.54 17.29
C GLY A 1252 52.64 24.25 16.92
N PRO A 1253 52.95 24.24 15.63
CA PRO A 1253 54.32 23.95 15.18
C PRO A 1253 55.27 25.08 15.48
N SER A 1254 56.36 24.79 16.19
CA SER A 1254 57.38 25.78 16.54
C SER A 1254 58.25 26.16 15.33
N VAL A 1255 58.84 27.35 15.38
CA VAL A 1255 59.69 27.81 14.29
C VAL A 1255 60.32 29.15 14.67
N GLU B 20 -52.33 -6.47 25.30
CA GLU B 20 -52.08 -5.10 24.87
C GLU B 20 -52.54 -4.93 23.43
N PRO B 21 -53.02 -3.74 23.08
CA PRO B 21 -53.36 -3.51 21.66
C PRO B 21 -52.09 -3.49 20.83
N VAL B 22 -52.04 -4.32 19.79
CA VAL B 22 -50.85 -4.43 18.96
C VAL B 22 -51.11 -3.83 17.59
N GLN B 23 -50.07 -3.30 16.99
CA GLN B 23 -50.15 -2.82 15.62
C GLN B 23 -50.36 -4.01 14.70
N PHE B 24 -51.19 -3.81 13.68
CA PHE B 24 -51.47 -4.87 12.73
C PHE B 24 -51.66 -4.22 11.38
N LYS B 25 -51.52 -5.01 10.32
CA LYS B 25 -51.73 -4.54 8.96
C LYS B 25 -53.02 -5.19 8.44
N ASP B 26 -54.02 -4.39 8.08
CA ASP B 26 -55.28 -4.94 7.62
C ASP B 26 -55.17 -5.47 6.20
N CYS B 27 -55.36 -6.77 6.06
CA CYS B 27 -55.29 -7.43 4.76
C CYS B 27 -56.65 -7.44 4.11
N GLY B 28 -57.54 -6.57 4.56
CA GLY B 28 -58.81 -6.50 3.88
C GLY B 28 -59.94 -6.98 4.76
N SER B 29 -60.31 -6.21 5.77
CA SER B 29 -61.44 -6.61 6.58
C SER B 29 -62.64 -6.02 5.85
N VAL B 30 -63.32 -6.86 5.08
CA VAL B 30 -64.47 -6.42 4.31
C VAL B 30 -65.78 -6.63 5.04
N ASP B 31 -65.94 -7.76 5.74
CA ASP B 31 -67.18 -8.10 6.40
C ASP B 31 -67.15 -7.79 7.88
N GLY B 32 -66.23 -6.94 8.30
CA GLY B 32 -66.12 -6.59 9.70
C GLY B 32 -65.18 -5.42 9.84
N VAL B 33 -65.21 -4.81 11.02
CA VAL B 33 -64.34 -3.67 11.30
C VAL B 33 -63.56 -3.95 12.57
N ILE B 34 -62.24 -3.93 12.50
CA ILE B 34 -61.46 -4.18 13.70
C ILE B 34 -61.54 -2.94 14.57
N LYS B 35 -61.85 -3.13 15.85
CA LYS B 35 -61.80 -2.01 16.78
C LYS B 35 -60.49 -2.00 17.55
N GLU B 36 -60.02 -3.18 17.94
CA GLU B 36 -58.78 -3.34 18.67
C GLU B 36 -58.33 -4.76 18.40
N VAL B 37 -57.05 -4.99 18.60
CA VAL B 37 -56.46 -6.32 18.70
C VAL B 37 -55.60 -6.35 19.96
N ASN B 38 -56.06 -7.12 20.94
CA ASN B 38 -55.40 -7.17 22.25
C ASN B 38 -54.78 -8.56 22.39
N VAL B 39 -53.45 -8.59 22.52
CA VAL B 39 -52.70 -9.83 22.67
C VAL B 39 -52.03 -9.85 24.04
N SER B 40 -52.16 -10.98 24.74
CA SER B 40 -51.63 -11.10 26.08
C SER B 40 -51.02 -12.47 26.26
N PRO B 41 -49.82 -12.54 26.85
CA PRO B 41 -49.13 -11.28 27.16
C PRO B 41 -48.19 -10.84 26.04
N CYS B 42 -48.19 -9.56 25.70
CA CYS B 42 -47.25 -9.08 24.68
C CYS B 42 -46.84 -7.66 25.04
N PRO B 43 -45.86 -7.46 25.92
CA PRO B 43 -45.51 -6.08 26.34
C PRO B 43 -44.83 -5.23 25.26
N THR B 44 -43.94 -5.79 24.45
CA THR B 44 -43.27 -5.03 23.39
C THR B 44 -43.50 -5.69 22.04
N GLN B 45 -43.57 -4.86 21.00
CA GLN B 45 -43.79 -5.36 19.65
C GLN B 45 -42.58 -5.18 18.74
N PRO B 46 -42.32 -6.13 17.84
CA PRO B 46 -43.23 -7.28 17.77
C PRO B 46 -43.17 -8.06 19.07
N CYS B 47 -44.27 -8.63 19.54
CA CYS B 47 -44.29 -9.23 20.87
C CYS B 47 -43.43 -10.48 20.80
N GLN B 48 -42.47 -10.60 21.71
CA GLN B 48 -41.63 -11.78 21.74
C GLN B 48 -42.27 -12.87 22.60
N LEU B 49 -42.45 -14.02 21.98
CA LEU B 49 -43.08 -15.21 22.55
C LEU B 49 -42.06 -16.31 22.77
N SER B 50 -41.73 -16.52 24.04
CA SER B 50 -40.81 -17.56 24.47
C SER B 50 -41.45 -18.93 24.26
N LYS B 51 -40.61 -19.84 23.79
CA LYS B 51 -40.98 -21.21 23.43
C LYS B 51 -41.50 -22.02 24.60
N GLY B 52 -42.44 -22.90 24.31
CA GLY B 52 -43.05 -23.68 25.37
C GLY B 52 -43.79 -22.81 26.37
N GLN B 53 -44.69 -21.97 25.86
CA GLN B 53 -45.38 -21.00 26.70
C GLN B 53 -46.65 -20.53 26.02
N SER B 54 -47.74 -20.44 26.78
CA SER B 54 -49.07 -20.19 26.27
C SER B 54 -49.35 -18.70 26.25
N TYR B 55 -49.97 -18.24 25.17
CA TYR B 55 -50.35 -16.85 25.02
C TYR B 55 -51.84 -16.70 24.72
N SER B 56 -52.41 -15.59 25.16
CA SER B 56 -53.84 -15.29 25.02
C SER B 56 -54.12 -14.13 24.09
N VAL B 57 -55.09 -14.32 23.19
CA VAL B 57 -55.41 -13.29 22.23
C VAL B 57 -56.80 -12.73 22.45
N ASN B 58 -56.93 -11.42 22.32
CA ASN B 58 -58.22 -10.76 22.35
C ASN B 58 -58.34 -9.95 21.07
N VAL B 59 -59.41 -10.20 20.33
CA VAL B 59 -59.65 -9.47 19.10
C VAL B 59 -60.92 -8.68 18.90
N THR B 60 -60.82 -7.36 19.01
CA THR B 60 -61.97 -6.49 19.08
C THR B 60 -62.29 -6.16 17.65
N PHE B 61 -63.49 -6.52 17.21
CA PHE B 61 -63.90 -6.25 15.82
C PHE B 61 -65.37 -5.87 15.70
N THR B 62 -65.68 -5.14 14.63
CA THR B 62 -67.04 -4.72 14.36
C THR B 62 -67.49 -5.48 13.12
N SER B 63 -68.58 -6.24 13.21
CA SER B 63 -68.98 -7.02 12.05
C SER B 63 -69.75 -6.18 11.05
N ASN B 64 -69.41 -6.37 9.77
CA ASN B 64 -70.07 -5.68 8.66
C ASN B 64 -71.12 -6.54 7.95
N ILE B 65 -71.27 -7.79 8.38
CA ILE B 65 -72.25 -8.71 7.77
C ILE B 65 -72.85 -9.74 8.72
N GLN B 66 -73.94 -10.37 8.31
CA GLN B 66 -74.56 -11.38 9.15
C GLN B 66 -74.14 -12.76 8.67
N SER B 67 -73.47 -13.51 9.56
CA SER B 67 -73.03 -14.85 9.22
C SER B 67 -73.49 -15.87 10.25
N LYS B 68 -74.12 -16.94 9.77
CA LYS B 68 -74.60 -18.01 10.63
C LYS B 68 -73.47 -18.74 11.36
N SER B 69 -72.37 -18.98 10.65
CA SER B 69 -71.25 -19.71 11.21
C SER B 69 -70.01 -18.82 11.19
N SER B 70 -68.93 -19.28 11.80
CA SER B 70 -67.68 -18.53 11.76
C SER B 70 -66.48 -19.46 11.90
N LYS B 71 -65.55 -19.31 10.97
CA LYS B 71 -64.37 -20.16 10.87
C LYS B 71 -63.12 -19.29 10.99
N ALA B 72 -62.32 -19.58 12.01
CA ALA B 72 -61.10 -18.82 12.26
C ALA B 72 -59.99 -19.38 11.38
N VAL B 73 -59.22 -18.50 10.77
CA VAL B 73 -58.14 -18.93 9.87
C VAL B 73 -56.83 -18.24 10.22
N VAL B 74 -55.77 -19.04 10.32
CA VAL B 74 -54.45 -18.59 10.71
C VAL B 74 -53.48 -18.98 9.61
N HIS B 75 -52.66 -18.02 9.20
CA HIS B 75 -51.65 -18.23 8.19
C HIS B 75 -50.36 -17.59 8.67
N GLY B 76 -49.25 -18.32 8.56
CA GLY B 76 -47.96 -17.79 8.99
C GLY B 76 -47.06 -17.66 7.79
N ILE B 77 -46.49 -16.48 7.58
CA ILE B 77 -45.64 -16.28 6.42
C ILE B 77 -44.15 -16.20 6.77
N LEU B 78 -43.37 -17.10 6.17
CA LEU B 78 -41.94 -17.12 6.38
C LEU B 78 -41.26 -16.89 5.04
N MET B 79 -40.40 -15.88 4.98
CA MET B 79 -39.66 -15.56 3.76
C MET B 79 -40.57 -15.30 2.56
N GLY B 80 -41.68 -14.59 2.79
CA GLY B 80 -42.61 -14.29 1.72
C GLY B 80 -43.53 -15.42 1.32
N VAL B 81 -43.49 -16.54 2.04
CA VAL B 81 -44.35 -17.66 1.71
C VAL B 81 -45.31 -18.01 2.84
N PRO B 82 -46.61 -18.06 2.53
CA PRO B 82 -47.65 -18.39 3.52
C PRO B 82 -47.65 -19.86 3.91
N VAL B 83 -47.81 -20.13 5.21
CA VAL B 83 -47.85 -21.49 5.72
C VAL B 83 -49.12 -21.70 6.55
N PRO B 84 -49.83 -22.80 6.29
CA PRO B 84 -51.06 -23.03 7.05
C PRO B 84 -50.74 -23.63 8.41
N PHE B 85 -51.41 -23.11 9.42
CA PHE B 85 -51.26 -23.60 10.78
C PHE B 85 -52.62 -24.02 11.33
N PRO B 86 -52.88 -25.32 11.51
CA PRO B 86 -54.18 -25.71 12.07
C PRO B 86 -54.30 -25.41 13.56
N ILE B 87 -55.44 -24.87 13.96
CA ILE B 87 -55.70 -24.59 15.37
C ILE B 87 -56.65 -25.65 15.92
N PRO B 88 -56.70 -25.82 17.23
CA PRO B 88 -57.63 -26.80 17.80
C PRO B 88 -59.09 -26.54 17.44
N GLU B 89 -59.52 -25.29 17.56
CA GLU B 89 -60.90 -24.93 17.23
C GLU B 89 -61.00 -24.03 16.00
N PRO B 90 -61.85 -24.42 15.04
CA PRO B 90 -62.10 -23.71 13.79
C PRO B 90 -63.30 -22.75 13.80
N ASP B 91 -64.02 -22.68 14.93
CA ASP B 91 -65.18 -21.80 15.01
C ASP B 91 -65.02 -20.70 16.06
N GLY B 92 -65.33 -19.47 15.68
CA GLY B 92 -65.19 -18.35 16.59
C GLY B 92 -66.33 -18.19 17.58
N CYS B 93 -67.48 -18.80 17.32
CA CYS B 93 -68.59 -18.75 18.25
C CYS B 93 -68.32 -19.49 19.56
N LYS B 94 -67.43 -20.47 19.59
CA LYS B 94 -67.12 -21.01 20.90
C LYS B 94 -65.86 -20.37 21.46
N SER B 95 -65.50 -19.21 20.92
CA SER B 95 -64.34 -18.44 21.40
C SER B 95 -64.74 -17.04 21.86
N GLY B 96 -66.02 -16.87 22.19
CA GLY B 96 -66.59 -15.59 22.54
C GLY B 96 -67.49 -14.95 21.49
N ILE B 97 -67.86 -15.70 20.46
CA ILE B 97 -68.73 -15.19 19.41
C ILE B 97 -70.08 -15.90 19.48
N ASN B 98 -71.14 -15.11 19.53
CA ASN B 98 -72.52 -15.62 19.58
C ASN B 98 -73.11 -15.94 18.20
N CYS B 99 -73.05 -17.21 17.76
CA CYS B 99 -73.73 -17.50 16.50
C CYS B 99 -75.23 -17.58 16.74
N PRO B 100 -76.06 -17.15 15.78
CA PRO B 100 -75.72 -16.63 14.46
C PRO B 100 -75.24 -15.19 14.51
N ILE B 101 -74.33 -14.84 13.60
CA ILE B 101 -73.77 -13.49 13.51
C ILE B 101 -74.81 -12.53 12.93
N GLN B 102 -75.04 -11.41 13.61
CA GLN B 102 -76.01 -10.43 13.14
C GLN B 102 -75.23 -9.24 12.60
N LYS B 103 -75.81 -8.56 11.61
CA LYS B 103 -75.13 -7.45 10.96
C LYS B 103 -74.89 -6.27 11.90
N ASP B 104 -73.75 -5.61 11.70
CA ASP B 104 -73.43 -4.36 12.38
C ASP B 104 -73.15 -4.44 13.88
N LYS B 105 -73.28 -5.62 14.48
CA LYS B 105 -72.96 -5.77 15.90
C LYS B 105 -71.44 -5.81 16.09
N THR B 106 -70.93 -5.33 17.23
CA THR B 106 -69.50 -5.34 17.47
C THR B 106 -69.17 -6.45 18.47
N TYR B 107 -68.33 -7.39 18.03
CA TYR B 107 -67.92 -8.50 18.87
C TYR B 107 -66.40 -8.64 18.85
N SER B 108 -65.83 -8.94 20.01
CA SER B 108 -64.39 -9.14 20.09
C SER B 108 -64.09 -10.60 20.39
N TYR B 109 -63.27 -11.21 19.55
CA TYR B 109 -62.92 -12.62 19.73
C TYR B 109 -61.79 -12.80 20.73
N LEU B 110 -61.98 -13.72 21.67
CA LEU B 110 -60.97 -14.00 22.67
C LEU B 110 -60.43 -15.41 22.45
N ASN B 111 -59.12 -15.53 22.35
CA ASN B 111 -58.50 -16.83 22.14
C ASN B 111 -57.36 -16.97 23.15
N LYS B 112 -56.81 -18.17 23.23
CA LYS B 112 -55.56 -18.43 23.92
C LYS B 112 -54.88 -19.64 23.28
N LEU B 113 -53.57 -19.55 23.03
CA LEU B 113 -52.88 -20.67 22.45
C LEU B 113 -51.50 -20.85 23.08
N PRO B 114 -51.10 -22.09 23.29
CA PRO B 114 -49.78 -22.36 23.89
C PRO B 114 -48.70 -22.48 22.83
N VAL B 115 -47.57 -21.84 23.08
CA VAL B 115 -46.39 -22.01 22.24
C VAL B 115 -45.67 -23.30 22.59
N LYS B 116 -45.61 -24.20 21.61
CA LYS B 116 -45.01 -25.51 21.81
C LYS B 116 -43.49 -25.40 21.62
N SER B 117 -42.78 -26.42 22.09
CA SER B 117 -41.35 -26.49 21.89
C SER B 117 -41.04 -26.95 20.47
N GLU B 118 -39.74 -27.13 20.20
CA GLU B 118 -39.23 -27.65 18.93
C GLU B 118 -39.28 -26.59 17.84
N TYR B 119 -40.14 -25.60 18.00
CA TYR B 119 -40.35 -24.49 17.07
C TYR B 119 -39.05 -23.71 17.00
N PRO B 120 -38.71 -23.08 15.87
CA PRO B 120 -37.49 -22.29 15.82
C PRO B 120 -37.70 -20.91 16.43
N SER B 121 -36.58 -20.27 16.76
CA SER B 121 -36.51 -18.90 17.29
C SER B 121 -36.38 -17.96 16.09
N ILE B 122 -37.51 -17.65 15.48
CA ILE B 122 -37.56 -16.84 14.27
C ILE B 122 -38.15 -15.48 14.62
N LYS B 123 -38.38 -14.70 13.57
CA LYS B 123 -39.32 -13.61 13.39
C LYS B 123 -40.23 -13.96 12.22
N LEU B 124 -41.50 -13.57 12.33
CA LEU B 124 -42.44 -13.89 11.26
C LEU B 124 -43.68 -13.02 11.31
N VAL B 125 -44.55 -13.19 10.32
CA VAL B 125 -45.79 -12.44 10.21
C VAL B 125 -47.01 -13.32 10.30
N VAL B 126 -47.82 -13.07 11.33
CA VAL B 126 -49.04 -13.82 11.53
C VAL B 126 -49.99 -13.13 10.57
N GLU B 127 -50.81 -13.94 9.93
CA GLU B 127 -51.86 -13.50 9.02
C GLU B 127 -53.12 -14.10 9.60
N TRP B 128 -54.17 -13.29 9.78
CA TRP B 128 -55.41 -13.78 10.36
C TRP B 128 -56.64 -13.33 9.58
N GLN B 129 -57.46 -14.31 9.15
CA GLN B 129 -58.69 -14.09 8.39
C GLN B 129 -59.86 -14.69 9.15
N LEU B 130 -61.04 -14.13 8.93
CA LEU B 130 -62.28 -14.66 9.48
C LEU B 130 -63.40 -14.77 8.44
N GLN B 131 -63.57 -15.99 7.91
CA GLN B 131 -64.52 -16.24 6.83
C GLN B 131 -65.93 -16.57 7.33
N ASP B 132 -66.90 -15.89 6.75
CA ASP B 132 -68.32 -16.06 7.08
C ASP B 132 -68.98 -17.14 6.22
N ASP B 133 -70.31 -17.14 6.23
CA ASP B 133 -71.07 -18.12 5.47
C ASP B 133 -70.80 -17.99 3.97
N LYS B 134 -70.67 -16.76 3.49
CA LYS B 134 -70.46 -16.53 2.05
C LYS B 134 -68.98 -16.62 1.68
N ASN B 135 -68.15 -16.89 2.68
CA ASN B 135 -66.69 -16.96 2.56
C ASN B 135 -66.02 -15.61 2.39
N GLN B 136 -66.53 -14.62 3.13
CA GLN B 136 -65.97 -13.27 3.08
C GLN B 136 -65.41 -12.92 4.45
N SER B 137 -64.18 -12.46 4.48
CA SER B 137 -63.61 -12.26 5.79
C SER B 137 -64.22 -11.13 6.57
N LEU B 138 -64.84 -11.54 7.67
CA LEU B 138 -65.34 -10.62 8.68
C LEU B 138 -64.22 -9.73 9.23
N PHE B 139 -63.02 -10.25 9.41
CA PHE B 139 -61.88 -9.39 9.64
C PHE B 139 -60.64 -10.08 9.08
N CYS B 140 -59.66 -9.29 8.70
CA CYS B 140 -58.37 -9.78 8.22
C CYS B 140 -57.27 -8.85 8.69
N TRP B 141 -56.32 -9.37 9.46
CA TRP B 141 -55.19 -8.61 9.97
C TRP B 141 -53.96 -9.50 9.91
N GLU B 142 -52.80 -8.85 9.87
CA GLU B 142 -51.51 -9.53 9.85
C GLU B 142 -50.59 -8.90 10.91
N ILE B 143 -49.89 -9.73 11.68
CA ILE B 143 -48.99 -9.23 12.71
C ILE B 143 -47.70 -10.01 12.92
N PRO B 144 -46.56 -9.30 12.98
CA PRO B 144 -45.26 -9.94 13.00
C PRO B 144 -44.80 -10.19 14.43
N VAL B 145 -44.51 -11.45 14.75
CA VAL B 145 -44.07 -11.84 16.07
C VAL B 145 -42.80 -12.66 15.92
N GLN B 146 -41.88 -12.53 16.88
CA GLN B 146 -40.63 -13.28 16.81
C GLN B 146 -40.50 -14.32 17.91
N ILE B 147 -40.25 -15.55 17.49
CA ILE B 147 -40.03 -16.66 18.41
C ILE B 147 -38.71 -16.45 19.12
N VAL B 148 -38.76 -16.43 20.45
CA VAL B 148 -37.58 -16.15 21.26
C VAL B 148 -37.23 -17.39 22.07
N SER B 149 -36.01 -17.38 22.61
CA SER B 149 -35.54 -18.49 23.44
C SER B 149 -35.73 -18.20 24.92
N HIS B 150 -35.03 -19.00 25.74
CA HIS B 150 -35.07 -18.86 27.19
C HIS B 150 -35.23 -17.42 27.66
N LEU B 151 -34.28 -16.56 27.31
CA LEU B 151 -34.38 -15.15 27.69
C LEU B 151 -34.75 -15.02 29.16
#